data_1J2X
# 
_entry.id   1J2X 
# 
_audit_conform.dict_name       mmcif_pdbx.dic 
_audit_conform.dict_version    5.380 
_audit_conform.dict_location   http://mmcif.pdb.org/dictionaries/ascii/mmcif_pdbx.dic 
# 
loop_
_database_2.database_id 
_database_2.database_code 
_database_2.pdbx_database_accession 
_database_2.pdbx_DOI 
PDB   1J2X         pdb_00001j2x 10.2210/pdb1j2x/pdb 
RCSB  RCSB005563   ?            ?                   
WWPDB D_1000005563 ?            ?                   
# 
_pdbx_database_status.entry_id                        1J2X 
_pdbx_database_status.deposit_site                    PDBJ 
_pdbx_database_status.process_site                    PDBJ 
_pdbx_database_status.recvd_initial_deposition_date   2003-01-15 
_pdbx_database_status.status_code                     REL 
_pdbx_database_status.status_code_sf                  REL 
_pdbx_database_status.SG_entry                        . 
_pdbx_database_status.pdb_format_compatible           Y 
_pdbx_database_status.status_code_mr                  ? 
_pdbx_database_status.status_code_cs                  ? 
_pdbx_database_status.status_code_nmr_data            ? 
_pdbx_database_status.methods_development_category    ? 
# 
loop_
_audit_author.name 
_audit_author.pdbx_ordinal 
_audit_author.identifier_ORCID 
'Kamada, K.'   1 ?                   
'Roeder, R.G.' 2 ?                   
'Burley, S.K.' 3 0000-0002-2487-9713 
# 
loop_
_citation.id 
_citation.title 
_citation.journal_abbrev 
_citation.journal_volume 
_citation.page_first 
_citation.page_last 
_citation.year 
_citation.journal_id_ASTM 
_citation.country 
_citation.journal_id_ISSN 
_citation.journal_id_CSD 
_citation.book_publisher 
_citation.pdbx_database_id_PubMed 
_citation.pdbx_database_id_DOI 
primary 
;Molecular mechanism of recruitment of TFIIF- associating RNA polymerase C-terminal domain phosphatase (FCP1) by transcription factor IIF
;
Proc.Natl.Acad.Sci.USA 100 2296 2299 2003 PNASA6 US 0027-8424 0040 ? 12591941 10.1073/pnas.262798199 
1       'Crystal structure of the C-terminal domain of the RAP74 subunit of human transcription factor IIF' Proc.Natl.Acad.Sci.USA 
98  3115 3120 2001 PNASA6 US 0027-8424 0040 ? ?        10.1073/pnas.051631098 
# 
loop_
_citation_author.citation_id 
_citation_author.name 
_citation_author.ordinal 
_citation_author.identifier_ORCID 
primary 'Kamada, K.'     1 ?                   
primary 'Roeder, R.G.'   2 ?                   
primary 'Burley, S.K.'   3 0000-0002-2487-9713 
1       'Kamada, K.'     4 ?                   
1       'De Angelis, J.' 5 ?                   
1       'Roeder, R.G.'   6 ?                   
1       'Burley, S.K.'   7 0000-0002-2487-9713 
# 
_cell.entry_id           1J2X 
_cell.length_a           59.605 
_cell.length_b           30.446 
_cell.length_c           47.379 
_cell.angle_alpha        90.00 
_cell.angle_beta         106.38 
_cell.angle_gamma        90.00 
_cell.pdbx_unique_axis   ? 
_cell.Z_PDB              4 
# 
_symmetry.entry_id                         1J2X 
_symmetry.space_group_name_H-M             'C 1 2 1' 
_symmetry.pdbx_full_space_group_name_H-M   ? 
_symmetry.Int_Tables_number                5 
_symmetry.cell_setting                     ? 
# 
loop_
_entity.id 
_entity.type 
_entity.src_method 
_entity.pdbx_description 
_entity.formula_weight 
_entity.pdbx_number_of_molecules 
_entity.pdbx_ec 
_entity.pdbx_mutation 
_entity.pdbx_fragment 
_entity.details 
1 polymer     man 'Transcription initiation factor IIF, alpha subunit' 8374.801 1  ? ? 'C-terminal domain'  ? 
2 polymer     syn 'RNA polymerase II CTD phosphatase'                  1981.183 1  ? ? 'C-terminal peptide' ? 
3 non-polymer syn 'SULFATE ION'                                        96.063   2  ? ? ?                    ? 
4 non-polymer syn 'ZINC ION'                                           65.409   1  ? ? ?                    ? 
5 water       nat water                                                18.015   56 ? ? ?                    ? 
# 
loop_
_entity_name_com.entity_id 
_entity_name_com.name 
1 'RAP74 Subunit of Transcription Factor IIF, TFIIF' 
2 'TFIIF-associating CTD phosphatase, FCP1'          
# 
loop_
_entity_poly.entity_id 
_entity_poly.type 
_entity_poly.nstd_linkage 
_entity_poly.nstd_monomer 
_entity_poly.pdbx_seq_one_letter_code 
_entity_poly.pdbx_seq_one_letter_code_can 
_entity_poly.pdbx_strand_id 
_entity_poly.pdbx_target_identifier 
1 'polypeptide(L)' no no GPLGSGDVQVTEDAVRRYLTRKPMTTKDLLKKFQTKKTGLSSEQTVNVLAQILKRLNPERKMINDKMHFSLKE 
GPLGSGDVQVTEDAVRRYLTRKPMTTKDLLKKFQTKKTGLSSEQTVNVLAQILKRLNPERKMINDKMHFSLKE A ? 
2 'polypeptide(L)' no no SEADEMAKALEAELNDLM                                                        SEADEMAKALEAELNDLM B ? 
# 
loop_
_entity_poly_seq.entity_id 
_entity_poly_seq.num 
_entity_poly_seq.mon_id 
_entity_poly_seq.hetero 
1 1  GLY n 
1 2  PRO n 
1 3  LEU n 
1 4  GLY n 
1 5  SER n 
1 6  GLY n 
1 7  ASP n 
1 8  VAL n 
1 9  GLN n 
1 10 VAL n 
1 11 THR n 
1 12 GLU n 
1 13 ASP n 
1 14 ALA n 
1 15 VAL n 
1 16 ARG n 
1 17 ARG n 
1 18 TYR n 
1 19 LEU n 
1 20 THR n 
1 21 ARG n 
1 22 LYS n 
1 23 PRO n 
1 24 MET n 
1 25 THR n 
1 26 THR n 
1 27 LYS n 
1 28 ASP n 
1 29 LEU n 
1 30 LEU n 
1 31 LYS n 
1 32 LYS n 
1 33 PHE n 
1 34 GLN n 
1 35 THR n 
1 36 LYS n 
1 37 LYS n 
1 38 THR n 
1 39 GLY n 
1 40 LEU n 
1 41 SER n 
1 42 SER n 
1 43 GLU n 
1 44 GLN n 
1 45 THR n 
1 46 VAL n 
1 47 ASN n 
1 48 VAL n 
1 49 LEU n 
1 50 ALA n 
1 51 GLN n 
1 52 ILE n 
1 53 LEU n 
1 54 LYS n 
1 55 ARG n 
1 56 LEU n 
1 57 ASN n 
1 58 PRO n 
1 59 GLU n 
1 60 ARG n 
1 61 LYS n 
1 62 MET n 
1 63 ILE n 
1 64 ASN n 
1 65 ASP n 
1 66 LYS n 
1 67 MET n 
1 68 HIS n 
1 69 PHE n 
1 70 SER n 
1 71 LEU n 
1 72 LYS n 
1 73 GLU n 
2 1  SER n 
2 2  GLU n 
2 3  ALA n 
2 4  ASP n 
2 5  GLU n 
2 6  MET n 
2 7  ALA n 
2 8  LYS n 
2 9  ALA n 
2 10 LEU n 
2 11 GLU n 
2 12 ALA n 
2 13 GLU n 
2 14 LEU n 
2 15 ASN n 
2 16 ASP n 
2 17 LEU n 
2 18 MET n 
# 
_entity_src_gen.entity_id                          1 
_entity_src_gen.pdbx_src_id                        1 
_entity_src_gen.pdbx_alt_source_flag               sample 
_entity_src_gen.pdbx_seq_type                      ? 
_entity_src_gen.pdbx_beg_seq_num                   ? 
_entity_src_gen.pdbx_end_seq_num                   ? 
_entity_src_gen.gene_src_common_name               human 
_entity_src_gen.gene_src_genus                     Homo 
_entity_src_gen.pdbx_gene_src_gene                 RAP74 
_entity_src_gen.gene_src_species                   ? 
_entity_src_gen.gene_src_strain                    ? 
_entity_src_gen.gene_src_tissue                    ? 
_entity_src_gen.gene_src_tissue_fraction           ? 
_entity_src_gen.gene_src_details                   ? 
_entity_src_gen.pdbx_gene_src_fragment             ? 
_entity_src_gen.pdbx_gene_src_scientific_name      'Homo sapiens' 
_entity_src_gen.pdbx_gene_src_ncbi_taxonomy_id     9606 
_entity_src_gen.pdbx_gene_src_variant              ? 
_entity_src_gen.pdbx_gene_src_cell_line            ? 
_entity_src_gen.pdbx_gene_src_atcc                 ? 
_entity_src_gen.pdbx_gene_src_organ                ? 
_entity_src_gen.pdbx_gene_src_organelle            ? 
_entity_src_gen.pdbx_gene_src_cell                 ? 
_entity_src_gen.pdbx_gene_src_cellular_location    ? 
_entity_src_gen.host_org_common_name               ? 
_entity_src_gen.pdbx_host_org_scientific_name      'Escherichia coli' 
_entity_src_gen.pdbx_host_org_ncbi_taxonomy_id     562 
_entity_src_gen.host_org_genus                     Escherichia 
_entity_src_gen.pdbx_host_org_gene                 ? 
_entity_src_gen.pdbx_host_org_organ                ? 
_entity_src_gen.host_org_species                   ? 
_entity_src_gen.pdbx_host_org_tissue               ? 
_entity_src_gen.pdbx_host_org_tissue_fraction      ? 
_entity_src_gen.pdbx_host_org_strain               UT5600 
_entity_src_gen.pdbx_host_org_variant              ? 
_entity_src_gen.pdbx_host_org_cell_line            ? 
_entity_src_gen.pdbx_host_org_atcc                 ? 
_entity_src_gen.pdbx_host_org_culture_collection   ? 
_entity_src_gen.pdbx_host_org_cell                 ? 
_entity_src_gen.pdbx_host_org_organelle            ? 
_entity_src_gen.pdbx_host_org_cellular_location    ? 
_entity_src_gen.pdbx_host_org_vector_type          plasmid 
_entity_src_gen.pdbx_host_org_vector               ? 
_entity_src_gen.host_org_details                   ? 
_entity_src_gen.expression_system_id               ? 
_entity_src_gen.plasmid_name                       PGEX-6P-1 
_entity_src_gen.plasmid_details                    ? 
_entity_src_gen.pdbx_description                   ? 
# 
_pdbx_entity_src_syn.entity_id              2 
_pdbx_entity_src_syn.pdbx_src_id            1 
_pdbx_entity_src_syn.pdbx_alt_source_flag   sample 
_pdbx_entity_src_syn.pdbx_beg_seq_num       ? 
_pdbx_entity_src_syn.pdbx_end_seq_num       ? 
_pdbx_entity_src_syn.organism_scientific    ? 
_pdbx_entity_src_syn.organism_common_name   ? 
_pdbx_entity_src_syn.ncbi_taxonomy_id       ? 
_pdbx_entity_src_syn.details                'chemical synthesis' 
# 
loop_
_struct_ref.id 
_struct_ref.db_name 
_struct_ref.db_code 
_struct_ref.entity_id 
_struct_ref.pdbx_seq_one_letter_code 
_struct_ref.pdbx_align_begin 
_struct_ref.pdbx_db_accession 
_struct_ref.pdbx_db_isoform 
1 UNP T2FA_HUMAN  1 SGDVQVTEDAVRRYLTRKPMTTKDLLKKFQTKKTGLSSEQTVNVLAQILKRLNPERKMINDKMHFSLKE 449 P35269 ? 
2 UNP CTDP1_HUMAN 2 SEADEMAKALEAELNDLM                                                    944 Q9Y5B0 ? 
# 
loop_
_struct_ref_seq.align_id 
_struct_ref_seq.ref_id 
_struct_ref_seq.pdbx_PDB_id_code 
_struct_ref_seq.pdbx_strand_id 
_struct_ref_seq.seq_align_beg 
_struct_ref_seq.pdbx_seq_align_beg_ins_code 
_struct_ref_seq.seq_align_end 
_struct_ref_seq.pdbx_seq_align_end_ins_code 
_struct_ref_seq.pdbx_db_accession 
_struct_ref_seq.db_align_beg 
_struct_ref_seq.pdbx_db_align_beg_ins_code 
_struct_ref_seq.db_align_end 
_struct_ref_seq.pdbx_db_align_end_ins_code 
_struct_ref_seq.pdbx_auth_seq_align_beg 
_struct_ref_seq.pdbx_auth_seq_align_end 
1 1 1J2X A 5 ? 73 ? P35269 449 ? 517 ? 449 517 
2 2 1J2X B 1 ? 18 ? Q9Y5B0 944 ? 961 ? 944 961 
# 
loop_
_struct_ref_seq_dif.align_id 
_struct_ref_seq_dif.pdbx_pdb_id_code 
_struct_ref_seq_dif.mon_id 
_struct_ref_seq_dif.pdbx_pdb_strand_id 
_struct_ref_seq_dif.seq_num 
_struct_ref_seq_dif.pdbx_pdb_ins_code 
_struct_ref_seq_dif.pdbx_seq_db_name 
_struct_ref_seq_dif.pdbx_seq_db_accession_code 
_struct_ref_seq_dif.db_mon_id 
_struct_ref_seq_dif.pdbx_seq_db_seq_num 
_struct_ref_seq_dif.details 
_struct_ref_seq_dif.pdbx_auth_seq_num 
_struct_ref_seq_dif.pdbx_ordinal 
1 1J2X GLY A 1 ? UNP P35269 ? ? 'cloning artifact' 445 1 
1 1J2X PRO A 2 ? UNP P35269 ? ? 'cloning artifact' 446 2 
1 1J2X LEU A 3 ? UNP P35269 ? ? 'cloning artifact' 447 3 
1 1J2X GLY A 4 ? UNP P35269 ? ? 'cloning artifact' 448 4 
# 
loop_
_chem_comp.id 
_chem_comp.type 
_chem_comp.mon_nstd_flag 
_chem_comp.name 
_chem_comp.pdbx_synonyms 
_chem_comp.formula 
_chem_comp.formula_weight 
ALA 'L-peptide linking' y ALANINE         ? 'C3 H7 N O2'     89.093  
ARG 'L-peptide linking' y ARGININE        ? 'C6 H15 N4 O2 1' 175.209 
ASN 'L-peptide linking' y ASPARAGINE      ? 'C4 H8 N2 O3'    132.118 
ASP 'L-peptide linking' y 'ASPARTIC ACID' ? 'C4 H7 N O4'     133.103 
GLN 'L-peptide linking' y GLUTAMINE       ? 'C5 H10 N2 O3'   146.144 
GLU 'L-peptide linking' y 'GLUTAMIC ACID' ? 'C5 H9 N O4'     147.129 
GLY 'peptide linking'   y GLYCINE         ? 'C2 H5 N O2'     75.067  
HIS 'L-peptide linking' y HISTIDINE       ? 'C6 H10 N3 O2 1' 156.162 
HOH non-polymer         . WATER           ? 'H2 O'           18.015  
ILE 'L-peptide linking' y ISOLEUCINE      ? 'C6 H13 N O2'    131.173 
LEU 'L-peptide linking' y LEUCINE         ? 'C6 H13 N O2'    131.173 
LYS 'L-peptide linking' y LYSINE          ? 'C6 H15 N2 O2 1' 147.195 
MET 'L-peptide linking' y METHIONINE      ? 'C5 H11 N O2 S'  149.211 
PHE 'L-peptide linking' y PHENYLALANINE   ? 'C9 H11 N O2'    165.189 
PRO 'L-peptide linking' y PROLINE         ? 'C5 H9 N O2'     115.130 
SER 'L-peptide linking' y SERINE          ? 'C3 H7 N O3'     105.093 
SO4 non-polymer         . 'SULFATE ION'   ? 'O4 S -2'        96.063  
THR 'L-peptide linking' y THREONINE       ? 'C4 H9 N O3'     119.119 
TYR 'L-peptide linking' y TYROSINE        ? 'C9 H11 N O3'    181.189 
VAL 'L-peptide linking' y VALINE          ? 'C5 H11 N O2'    117.146 
ZN  non-polymer         . 'ZINC ION'      ? 'Zn 2'           65.409  
# 
_exptl.entry_id          1J2X 
_exptl.crystals_number   1 
_exptl.method            'X-RAY DIFFRACTION' 
# 
_exptl_crystal.id                    1 
_exptl_crystal.density_meas          ? 
_exptl_crystal.density_percent_sol   34.86 
_exptl_crystal.density_Matthews      1.90 
_exptl_crystal.description           ? 
# 
_exptl_crystal_grow.crystal_id      1 
_exptl_crystal_grow.method          'VAPOR DIFFUSION, HANGING DROP' 
_exptl_crystal_grow.pH              6.5 
_exptl_crystal_grow.temp            277.0 
_exptl_crystal_grow.temp_details    ? 
_exptl_crystal_grow.pdbx_details    'PEGMME 550, zinc sulfate, MES, pH 6.5, VAPOR DIFFUSION, HANGING DROP, temperature 277.0K' 
_exptl_crystal_grow.pdbx_pH_range   . 
# 
_diffrn.id                     1 
_diffrn.ambient_temp           100 
_diffrn.ambient_temp_details   ? 
_diffrn.crystal_id             1 
# 
_diffrn_detector.diffrn_id              1 
_diffrn_detector.detector               CCD 
_diffrn_detector.type                   MARRESEARCH 
_diffrn_detector.pdbx_collection_date   2001-10-18 
_diffrn_detector.details                'flat cylindrically bent mirror' 
# 
_diffrn_radiation.diffrn_id                        1 
_diffrn_radiation.wavelength_id                    1 
_diffrn_radiation.pdbx_diffrn_protocol             'SINGLE WAVELENGTH' 
_diffrn_radiation.monochromator                    'Si (111)' 
_diffrn_radiation.pdbx_monochromatic_or_laue_m_l   M 
_diffrn_radiation.pdbx_scattering_type             x-ray 
# 
_diffrn_radiation_wavelength.id           1 
_diffrn_radiation_wavelength.wavelength   0.97899 
_diffrn_radiation_wavelength.wt           1.0 
# 
_diffrn_source.diffrn_id                   1 
_diffrn_source.source                      SYNCHROTRON 
_diffrn_source.type                        'NSLS BEAMLINE X9A' 
_diffrn_source.pdbx_wavelength             ? 
_diffrn_source.pdbx_wavelength_list        0.97899 
_diffrn_source.pdbx_synchrotron_site       NSLS 
_diffrn_source.pdbx_synchrotron_beamline   X9A 
# 
_reflns.entry_id                     1J2X 
_reflns.d_resolution_high            2.00 
_reflns.d_resolution_low             22.73 
_reflns.limit_h_max                  28 
_reflns.limit_h_min                  -29 
_reflns.limit_k_max                  15 
_reflns.limit_k_min                  -29 
_reflns.limit_l_max                  23 
_reflns.limit_l_min                  0 
_reflns.number_all                   5657 
_reflns.observed_criterion_sigma_F   0.0 
_reflns.observed_criterion_F_max     791649.05 
_reflns.observed_criterion_F_min     4.900000 
_reflns.B_iso_Wilson_estimate        11.0 
_reflns.observed_criterion_sigma_I   -3 
_reflns.number_obs                   5657 
_reflns.percent_possible_obs         99.8 
_reflns.pdbx_Rmerge_I_obs            0.045 
_reflns.pdbx_Rsym_value              0.045 
_reflns.pdbx_netI_over_sigmaI        18.1 
_reflns.pdbx_redundancy              3.9 
_reflns.R_free_details               ? 
_reflns.pdbx_diffrn_id               1 
_reflns.pdbx_ordinal                 1 
# 
_reflns_shell.d_res_high             2.00 
_reflns_shell.d_res_low              2.03 
_reflns_shell.percent_possible_obs   ? 
_reflns_shell.percent_possible_all   97.8 
_reflns_shell.Rmerge_I_obs           0.164 
_reflns_shell.meanI_over_sigI_obs    5.3 
_reflns_shell.pdbx_Rsym_value        0.164 
_reflns_shell.pdbx_redundancy        3.8 
_reflns_shell.number_unique_all      271 
_reflns_shell.pdbx_diffrn_id         ? 
_reflns_shell.pdbx_ordinal           1 
# 
_refine.entry_id                                 1J2X 
_refine.ls_number_reflns_all                     5672 
_refine.ls_number_reflns_obs                     5603 
_refine.ls_percent_reflns_obs                    98.8 
_refine.ls_d_res_high                            2.00 
_refine.ls_d_res_low                             22.73 
_refine.B_iso_min                                7.16 
_refine.B_iso_max                                74.28 
_refine.B_iso_mean                               25.29 
_refine.occupancy_min                            1.00 
_refine.occupancy_max                            1.00 
_refine.aniso_B[1][1]                            2.63 
_refine.aniso_B[2][2]                            -0.11 
_refine.aniso_B[3][3]                            -2.52 
_refine.aniso_B[1][2]                            0.00 
_refine.aniso_B[1][3]                            1.14 
_refine.aniso_B[2][3]                            0.00 
_refine.solvent_model_param_bsol                 36.4994 
_refine.solvent_model_param_ksol                 0.378793 
_refine.solvent_model_details                    'CNS bulk solvent model used' 
_refine.ls_R_factor_R_work                       0.203 
_refine.ls_R_factor_R_free                       0.254 
_refine.ls_R_factor_R_free_error                 0.013 
_refine.ls_number_reflns_R_free                  403 
_refine.ls_percent_reflns_R_free                 7.2 
_refine.details                                  ? 
_refine.pdbx_ls_sigma_F                          2 
_refine.pdbx_ls_sigma_I                          0 
_refine.ls_R_factor_all                          0.209 
_refine.ls_R_factor_obs                          0.207 
_refine.ls_redundancy_reflns_obs                 ? 
_refine.pdbx_data_cutoff_high_absF               ? 
_refine.pdbx_data_cutoff_low_absF                ? 
_refine.ls_number_parameters                     ? 
_refine.ls_number_restraints                     ? 
_refine.ls_R_factor_R_free_error_details         ? 
_refine.pdbx_method_to_determine_struct          'MOLECULAR REPLACEMENT' 
_refine.pdbx_starting_model                      'PDB ENTRY 1I27' 
_refine.pdbx_ls_cross_valid_method               THROUGHOUT 
_refine.pdbx_R_Free_selection_details            RANDOM 
_refine.pdbx_stereochem_target_val_spec_case     ? 
_refine.pdbx_stereochemistry_target_values       'Engh & Huber' 
_refine.pdbx_isotropic_thermal_model             isotropic 
_refine.correlation_coeff_Fo_to_Fc               ? 
_refine.correlation_coeff_Fo_to_Fc_free          ? 
_refine.pdbx_solvent_vdw_probe_radii             ? 
_refine.pdbx_solvent_ion_probe_radii             ? 
_refine.pdbx_solvent_shrinkage_radii             ? 
_refine.overall_SU_R_Cruickshank_DPI             ? 
_refine.overall_SU_R_free                        ? 
_refine.overall_SU_B                             ? 
_refine.overall_SU_ML                            ? 
_refine.pdbx_overall_ESU_R                       ? 
_refine.pdbx_overall_ESU_R_Free                  ? 
_refine.pdbx_data_cutoff_high_rms_absF           ? 
_refine.pdbx_refine_id                           'X-RAY DIFFRACTION' 
_refine.pdbx_diffrn_id                           1 
_refine.pdbx_TLS_residual_ADP_flag               ? 
_refine.pdbx_overall_phase_error                 ? 
_refine.pdbx_overall_SU_R_free_Cruickshank_DPI   ? 
_refine.pdbx_overall_SU_R_Blow_DPI               ? 
_refine.pdbx_overall_SU_R_free_Blow_DPI          ? 
# 
_refine_analyze.entry_id                        1J2X 
_refine_analyze.Luzzati_d_res_low_obs           5.00 
_refine_analyze.pdbx_Luzzati_d_res_high_obs     2.00 
_refine_analyze.Luzzati_coordinate_error_obs    0.21 
_refine_analyze.Luzzati_sigma_a_obs             0.09 
_refine_analyze.Luzzati_coordinate_error_free   0.27 
_refine_analyze.Luzzati_sigma_a_free            0.22 
_refine_analyze.Luzzati_d_res_low_free          ? 
_refine_analyze.number_disordered_residues      ? 
_refine_analyze.occupancy_sum_non_hydrogen      ? 
_refine_analyze.occupancy_sum_hydrogen          ? 
_refine_analyze.pdbx_refine_id                  'X-RAY DIFFRACTION' 
# 
_refine_hist.pdbx_refine_id                   'X-RAY DIFFRACTION' 
_refine_hist.cycle_id                         LAST 
_refine_hist.pdbx_number_atoms_protein        707 
_refine_hist.pdbx_number_atoms_nucleic_acid   0 
_refine_hist.pdbx_number_atoms_ligand         11 
_refine_hist.number_atoms_solvent             56 
_refine_hist.number_atoms_total               774 
_refine_hist.d_res_high                       2.00 
_refine_hist.d_res_low                        22.73 
# 
loop_
_refine_ls_restr.type 
_refine_ls_restr.dev_ideal 
_refine_ls_restr.dev_ideal_target 
_refine_ls_restr.number 
_refine_ls_restr.weight 
_refine_ls_restr.pdbx_refine_id 
_refine_ls_restr.pdbx_restraint_function 
x_bond_d           0.005 .   ? ? 'X-RAY DIFFRACTION' ? 
x_angle_deg        1.0   .   ? ? 'X-RAY DIFFRACTION' ? 
x_torsion_deg      18.4  .   ? ? 'X-RAY DIFFRACTION' ? 
x_torsion_impr_deg 0.66  .   ? ? 'X-RAY DIFFRACTION' ? 
x_mcbond_it        2.034 2.0 ? ? 'X-RAY DIFFRACTION' ? 
x_mcangle_it       3.061 2.5 ? ? 'X-RAY DIFFRACTION' ? 
x_scbond_it        3.289 2.5 ? ? 'X-RAY DIFFRACTION' ? 
x_scangle_it       4.886 3.0 ? ? 'X-RAY DIFFRACTION' ? 
# 
loop_
_refine_ls_shell.d_res_high 
_refine_ls_shell.d_res_low 
_refine_ls_shell.number_reflns_all 
_refine_ls_shell.number_reflns_obs 
_refine_ls_shell.number_reflns_R_work 
_refine_ls_shell.percent_reflns_obs 
_refine_ls_shell.R_factor_R_work 
_refine_ls_shell.R_factor_R_free 
_refine_ls_shell.R_factor_R_free_error 
_refine_ls_shell.number_reflns_R_free 
_refine_ls_shell.percent_reflns_R_free 
_refine_ls_shell.pdbx_total_number_of_bins_used 
_refine_ls_shell.redundancy_reflns_obs 
_refine_ls_shell.pdbx_refine_id 
_refine_ls_shell.R_factor_all 
2.00 2.09  715 690 644 96.4 0.205 0.203 0.030 46 6.4 8 . 'X-RAY DIFFRACTION' . 
2.09 2.20  693 683 634 98.6 0.216 0.218 0.031 49 7.1 8 . 'X-RAY DIFFRACTION' . 
2.20 2.34  701 690 641 98.4 0.215 0.215 0.031 49 7.0 8 . 'X-RAY DIFFRACTION' . 
2.34 2.52  696 690 647 99.0 0.222 0.222 0.034 43 6.2 8 . 'X-RAY DIFFRACTION' . 
2.52 2.77  721 713 654 98.9 0.175 0.175 0.023 59 8.2 8 . 'X-RAY DIFFRACTION' . 
2.77 3.17  694 688 645 99.1 0.208 0.208 0.032 43 6.2 8 . 'X-RAY DIFFRACTION' . 
3.17 3.99  713 708 648 99.3 0.204 0.206 0.027 60 8.4 8 . 'X-RAY DIFFRACTION' . 
3.99 22.73 746 741 687 99.3 0.198 0.197 0.027 54 7.2 8 . 'X-RAY DIFFRACTION' . 
# 
_struct.entry_id                  1J2X 
_struct.title                     'Crystal structure of RAP74 C-terminal domain complexed with FCP1 C-terminal peptide' 
_struct.pdbx_model_details        ? 
_struct.pdbx_CASP_flag            ? 
_struct.pdbx_model_type_details   ? 
# 
_struct_keywords.entry_id        1J2X 
_struct_keywords.pdbx_keywords   TRANSCRIPTION 
_struct_keywords.text            
'GENERAL TRANSCRIPTION FACTOR, RAP74, RAP30, TFIIF, RNA POLYMERASE II, WINGED-HELIX DOMAIN, FCP1, CTD, phosphatase, transcription' 
# 
loop_
_struct_asym.id 
_struct_asym.pdbx_blank_PDB_chainid_flag 
_struct_asym.pdbx_modified 
_struct_asym.entity_id 
_struct_asym.details 
A N N 1 ? 
B N N 2 ? 
C N N 3 ? 
D N N 3 ? 
E N N 4 ? 
F N N 5 ? 
G N N 5 ? 
# 
_struct_biol.id                    1 
_struct_biol.pdbx_parent_biol_id   ? 
_struct_biol.details               ? 
# 
loop_
_struct_conf.conf_type_id 
_struct_conf.id 
_struct_conf.pdbx_PDB_helix_id 
_struct_conf.beg_label_comp_id 
_struct_conf.beg_label_asym_id 
_struct_conf.beg_label_seq_id 
_struct_conf.pdbx_beg_PDB_ins_code 
_struct_conf.end_label_comp_id 
_struct_conf.end_label_asym_id 
_struct_conf.end_label_seq_id 
_struct_conf.pdbx_end_PDB_ins_code 
_struct_conf.beg_auth_comp_id 
_struct_conf.beg_auth_asym_id 
_struct_conf.beg_auth_seq_id 
_struct_conf.end_auth_comp_id 
_struct_conf.end_auth_asym_id 
_struct_conf.end_auth_seq_id 
_struct_conf.pdbx_PDB_helix_class 
_struct_conf.details 
_struct_conf.pdbx_PDB_helix_length 
HELX_P HELX_P1 1 THR A 11 ? LYS A 22 ? THR A 455 LYS A 466 1 ? 12 
HELX_P HELX_P2 2 THR A 25 ? LYS A 31 ? THR A 469 LYS A 475 1 ? 7  
HELX_P HELX_P3 3 GLN A 34 ? GLY A 39 ? GLN A 478 GLY A 483 1 ? 6  
HELX_P HELX_P4 4 SER A 41 ? ASN A 57 ? SER A 485 ASN A 501 1 ? 17 
HELX_P HELX_P5 5 SER B 1  ? LEU B 14 ? SER B 944 LEU B 957 1 ? 14 
# 
_struct_conf_type.id          HELX_P 
_struct_conf_type.criteria    ? 
_struct_conf_type.reference   ? 
# 
loop_
_struct_conn.id 
_struct_conn.conn_type_id 
_struct_conn.pdbx_leaving_atom_flag 
_struct_conn.pdbx_PDB_id 
_struct_conn.ptnr1_label_asym_id 
_struct_conn.ptnr1_label_comp_id 
_struct_conn.ptnr1_label_seq_id 
_struct_conn.ptnr1_label_atom_id 
_struct_conn.pdbx_ptnr1_label_alt_id 
_struct_conn.pdbx_ptnr1_PDB_ins_code 
_struct_conn.pdbx_ptnr1_standard_comp_id 
_struct_conn.ptnr1_symmetry 
_struct_conn.ptnr2_label_asym_id 
_struct_conn.ptnr2_label_comp_id 
_struct_conn.ptnr2_label_seq_id 
_struct_conn.ptnr2_label_atom_id 
_struct_conn.pdbx_ptnr2_label_alt_id 
_struct_conn.pdbx_ptnr2_PDB_ins_code 
_struct_conn.ptnr1_auth_asym_id 
_struct_conn.ptnr1_auth_comp_id 
_struct_conn.ptnr1_auth_seq_id 
_struct_conn.ptnr2_auth_asym_id 
_struct_conn.ptnr2_auth_comp_id 
_struct_conn.ptnr2_auth_seq_id 
_struct_conn.ptnr2_symmetry 
_struct_conn.pdbx_ptnr3_label_atom_id 
_struct_conn.pdbx_ptnr3_label_seq_id 
_struct_conn.pdbx_ptnr3_label_comp_id 
_struct_conn.pdbx_ptnr3_label_asym_id 
_struct_conn.pdbx_ptnr3_label_alt_id 
_struct_conn.pdbx_ptnr3_PDB_ins_code 
_struct_conn.details 
_struct_conn.pdbx_dist_value 
_struct_conn.pdbx_value_order 
_struct_conn.pdbx_role 
metalc1 metalc ? ? A GLU 59 OE1 ? ? ? 1_555 E ZN  . ZN ? ? A GLU 503  A ZN  1000 1_555 ? ? ? ? ? ? ? 1.987 ? ? 
metalc2 metalc ? ? A GLU 59 OE2 ? ? ? 1_555 E ZN  . ZN ? ? A GLU 503  A ZN  1000 1_555 ? ? ? ? ? ? ? 2.253 ? ? 
metalc3 metalc ? ? A HIS 68 NE2 ? ? ? 4_555 E ZN  . ZN ? ? A HIS 512  A ZN  1000 1_555 ? ? ? ? ? ? ? 2.005 ? ? 
metalc4 metalc ? ? A GLU 73 O   ? ? ? 1_555 E ZN  . ZN ? ? A GLU 517  A ZN  1000 1_555 ? ? ? ? ? ? ? 2.060 ? ? 
metalc5 metalc ? ? E ZN  .  ZN  ? ? ? 1_555 F HOH . O  ? ? A ZN  1000 A HOH 1051 4_555 ? ? ? ? ? ? ? 2.022 ? ? 
# 
_struct_conn_type.id          metalc 
_struct_conn_type.criteria    ? 
_struct_conn_type.reference   ? 
# 
_struct_sheet.id               A 
_struct_sheet.type             ? 
_struct_sheet.number_strands   2 
_struct_sheet.details          ? 
# 
_struct_sheet_order.sheet_id     A 
_struct_sheet_order.range_id_1   1 
_struct_sheet_order.range_id_2   2 
_struct_sheet_order.offset       ? 
_struct_sheet_order.sense        anti-parallel 
# 
loop_
_struct_sheet_range.sheet_id 
_struct_sheet_range.id 
_struct_sheet_range.beg_label_comp_id 
_struct_sheet_range.beg_label_asym_id 
_struct_sheet_range.beg_label_seq_id 
_struct_sheet_range.pdbx_beg_PDB_ins_code 
_struct_sheet_range.end_label_comp_id 
_struct_sheet_range.end_label_asym_id 
_struct_sheet_range.end_label_seq_id 
_struct_sheet_range.pdbx_end_PDB_ins_code 
_struct_sheet_range.beg_auth_comp_id 
_struct_sheet_range.beg_auth_asym_id 
_struct_sheet_range.beg_auth_seq_id 
_struct_sheet_range.end_auth_comp_id 
_struct_sheet_range.end_auth_asym_id 
_struct_sheet_range.end_auth_seq_id 
A 1 GLU A 59 ? ILE A 63 ? GLU A 503 ILE A 507 
A 2 LYS A 66 ? SER A 70 ? LYS A 510 SER A 514 
# 
_pdbx_struct_sheet_hbond.sheet_id                A 
_pdbx_struct_sheet_hbond.range_id_1              1 
_pdbx_struct_sheet_hbond.range_id_2              2 
_pdbx_struct_sheet_hbond.range_1_label_atom_id   N 
_pdbx_struct_sheet_hbond.range_1_label_comp_id   LYS 
_pdbx_struct_sheet_hbond.range_1_label_asym_id   A 
_pdbx_struct_sheet_hbond.range_1_label_seq_id    61 
_pdbx_struct_sheet_hbond.range_1_PDB_ins_code    ? 
_pdbx_struct_sheet_hbond.range_1_auth_atom_id    N 
_pdbx_struct_sheet_hbond.range_1_auth_comp_id    LYS 
_pdbx_struct_sheet_hbond.range_1_auth_asym_id    A 
_pdbx_struct_sheet_hbond.range_1_auth_seq_id     505 
_pdbx_struct_sheet_hbond.range_2_label_atom_id   O 
_pdbx_struct_sheet_hbond.range_2_label_comp_id   HIS 
_pdbx_struct_sheet_hbond.range_2_label_asym_id   A 
_pdbx_struct_sheet_hbond.range_2_label_seq_id    68 
_pdbx_struct_sheet_hbond.range_2_PDB_ins_code    ? 
_pdbx_struct_sheet_hbond.range_2_auth_atom_id    O 
_pdbx_struct_sheet_hbond.range_2_auth_comp_id    HIS 
_pdbx_struct_sheet_hbond.range_2_auth_asym_id    A 
_pdbx_struct_sheet_hbond.range_2_auth_seq_id     512 
# 
loop_
_struct_site.id 
_struct_site.pdbx_evidence_code 
_struct_site.pdbx_auth_asym_id 
_struct_site.pdbx_auth_comp_id 
_struct_site.pdbx_auth_seq_id 
_struct_site.pdbx_auth_ins_code 
_struct_site.pdbx_num_residues 
_struct_site.details 
AC1 Software A SO4 998  ? 5 'BINDING SITE FOR RESIDUE SO4 A 998' 
AC2 Software A SO4 999  ? 4 'BINDING SITE FOR RESIDUE SO4 A 999' 
AC3 Software A ZN  1000 ? 4 'BINDING SITE FOR RESIDUE ZN A 1000' 
# 
loop_
_struct_site_gen.id 
_struct_site_gen.site_id 
_struct_site_gen.pdbx_num_res 
_struct_site_gen.label_comp_id 
_struct_site_gen.label_asym_id 
_struct_site_gen.label_seq_id 
_struct_site_gen.pdbx_auth_ins_code 
_struct_site_gen.auth_comp_id 
_struct_site_gen.auth_asym_id 
_struct_site_gen.auth_seq_id 
_struct_site_gen.label_atom_id 
_struct_site_gen.label_alt_id 
_struct_site_gen.symmetry 
_struct_site_gen.details 
1  AC1 5 LYS A 27 ? LYS A 471  . ? 1_555 ? 
2  AC1 5 LYS A 31 ? LYS A 475  . ? 1_555 ? 
3  AC1 5 ASN A 57 ? ASN A 501  . ? 1_545 ? 
4  AC1 5 SER B 1  ? SER B 944  . ? 1_555 ? 
5  AC1 5 ALA B 3  ? ALA B 946  . ? 1_555 ? 
6  AC2 4 LYS A 22 ? LYS A 466  . ? 1_555 ? 
7  AC2 4 LYS A 32 ? LYS A 476  . ? 1_555 ? 
8  AC2 4 LYS A 61 ? LYS A 505  . ? 4_545 ? 
9  AC2 4 MET A 62 ? MET A 506  . ? 4_545 ? 
10 AC3 4 GLU A 59 ? GLU A 503  . ? 1_555 ? 
11 AC3 4 HIS A 68 ? HIS A 512  . ? 4_555 ? 
12 AC3 4 GLU A 73 ? GLU A 517  . ? 1_555 ? 
13 AC3 4 HOH F .  ? HOH A 1051 . ? 4_555 ? 
# 
_atom_sites.entry_id                    1J2X 
_atom_sites.fract_transf_matrix[1][1]   0.01478342 
_atom_sites.fract_transf_matrix[1][2]   -0.00871641 
_atom_sites.fract_transf_matrix[1][3]   -0.00335369 
_atom_sites.fract_transf_matrix[2][1]   0.00727315 
_atom_sites.fract_transf_matrix[2][2]   0.00001200 
_atom_sites.fract_transf_matrix[2][3]   0.03202960 
_atom_sites.fract_transf_matrix[3][1]   -0.00501475 
_atom_sites.fract_transf_matrix[3][2]   -0.02138909 
_atom_sites.fract_transf_matrix[3][3]   0.00114674 
_atom_sites.fract_transf_vector[1]      0.201985 
_atom_sites.fract_transf_vector[2]      -0.031542 
_atom_sites.fract_transf_vector[3]      0.254867 
# 
loop_
_atom_type.symbol 
C  
N  
O  
S  
ZN 
# 
loop_
_atom_site.group_PDB 
_atom_site.id 
_atom_site.type_symbol 
_atom_site.label_atom_id 
_atom_site.label_alt_id 
_atom_site.label_comp_id 
_atom_site.label_asym_id 
_atom_site.label_entity_id 
_atom_site.label_seq_id 
_atom_site.pdbx_PDB_ins_code 
_atom_site.Cartn_x 
_atom_site.Cartn_y 
_atom_site.Cartn_z 
_atom_site.occupancy 
_atom_site.B_iso_or_equiv 
_atom_site.pdbx_formal_charge 
_atom_site.auth_seq_id 
_atom_site.auth_comp_id 
_atom_site.auth_asym_id 
_atom_site.auth_atom_id 
_atom_site.pdbx_PDB_model_num 
ATOM   1   N  N   . GLY A 1 1  ? 9.416   -20.855 -13.260 1.00 58.71 ? 445  GLY A N   1 
ATOM   2   C  CA  . GLY A 1 1  ? 10.303  -20.479 -12.124 1.00 57.82 ? 445  GLY A CA  1 
ATOM   3   C  C   . GLY A 1 1  ? 9.653   -20.751 -10.782 1.00 57.39 ? 445  GLY A C   1 
ATOM   4   O  O   . GLY A 1 1  ? 8.956   -19.889 -10.248 1.00 57.99 ? 445  GLY A O   1 
ATOM   5   N  N   . PRO A 1 2  ? 9.866   -21.946 -10.207 1.00 56.79 ? 446  PRO A N   1 
ATOM   6   C  CA  . PRO A 1 2  ? 9.294   -22.335 -8.912  1.00 55.94 ? 446  PRO A CA  1 
ATOM   7   C  C   . PRO A 1 2  ? 9.527   -21.312 -7.801  1.00 54.87 ? 446  PRO A C   1 
ATOM   8   O  O   . PRO A 1 2  ? 10.158  -20.275 -8.014  1.00 53.84 ? 446  PRO A O   1 
ATOM   9   C  CB  . PRO A 1 2  ? 9.986   -23.663 -8.620  1.00 56.33 ? 446  PRO A CB  1 
ATOM   10  C  CG  . PRO A 1 2  ? 10.182  -24.238 -9.984  1.00 55.92 ? 446  PRO A CG  1 
ATOM   11  C  CD  . PRO A 1 2  ? 10.678  -23.042 -10.766 1.00 56.62 ? 446  PRO A CD  1 
ATOM   12  N  N   . LEU A 1 3  ? 9.003   -21.616 -6.617  1.00 54.05 ? 447  LEU A N   1 
ATOM   13  C  CA  . LEU A 1 3  ? 9.156   -20.747 -5.454  1.00 54.12 ? 447  LEU A CA  1 
ATOM   14  C  C   . LEU A 1 3  ? 8.834   -19.290 -5.767  1.00 54.19 ? 447  LEU A C   1 
ATOM   15  O  O   . LEU A 1 3  ? 9.134   -18.396 -4.974  1.00 53.52 ? 447  LEU A O   1 
ATOM   16  C  CB  . LEU A 1 3  ? 10.585  -20.855 -4.909  1.00 53.42 ? 447  LEU A CB  1 
ATOM   17  C  CG  . LEU A 1 3  ? 10.997  -22.143 -4.181  1.00 53.23 ? 447  LEU A CG  1 
ATOM   18  C  CD1 . LEU A 1 3  ? 10.627  -23.378 -4.992  1.00 52.06 ? 447  LEU A CD1 1 
ATOM   19  C  CD2 . LEU A 1 3  ? 12.497  -22.100 -3.928  1.00 52.24 ? 447  LEU A CD2 1 
ATOM   20  N  N   . ASP A 1 7  ? 3.762   -15.168 -7.521  1.00 45.45 ? 451  ASP A N   1 
ATOM   21  C  CA  . ASP A 1 7  ? 4.308   -14.017 -8.233  1.00 45.00 ? 451  ASP A CA  1 
ATOM   22  C  C   . ASP A 1 7  ? 3.961   -12.718 -7.502  1.00 43.17 ? 451  ASP A C   1 
ATOM   23  O  O   . ASP A 1 7  ? 4.533   -12.424 -6.451  1.00 44.01 ? 451  ASP A O   1 
ATOM   24  C  CB  . ASP A 1 7  ? 3.764   -13.983 -9.663  1.00 49.41 ? 451  ASP A CB  1 
ATOM   25  C  CG  . ASP A 1 7  ? 4.325   -12.833 -10.471 1.00 52.10 ? 451  ASP A CG  1 
ATOM   26  O  OD1 . ASP A 1 7  ? 5.563   -12.751 -10.611 1.00 53.49 ? 451  ASP A OD1 1 
ATOM   27  O  OD2 . ASP A 1 7  ? 3.524   -12.011 -10.965 1.00 55.82 ? 451  ASP A OD2 1 
ATOM   28  N  N   . VAL A 1 8  ? 3.033   -11.943 -8.057  1.00 36.84 ? 452  VAL A N   1 
ATOM   29  C  CA  . VAL A 1 8  ? 2.628   -10.689 -7.427  1.00 32.01 ? 452  VAL A CA  1 
ATOM   30  C  C   . VAL A 1 8  ? 1.631   -10.987 -6.313  1.00 30.49 ? 452  VAL A C   1 
ATOM   31  O  O   . VAL A 1 8  ? 0.474   -11.327 -6.573  1.00 24.75 ? 452  VAL A O   1 
ATOM   32  C  CB  . VAL A 1 8  ? 1.967   -9.715  -8.439  1.00 32.63 ? 452  VAL A CB  1 
ATOM   33  C  CG1 . VAL A 1 8  ? 1.585   -8.413  -7.737  1.00 30.77 ? 452  VAL A CG1 1 
ATOM   34  C  CG2 . VAL A 1 8  ? 2.917   -9.426  -9.588  1.00 32.32 ? 452  VAL A CG2 1 
ATOM   35  N  N   . GLN A 1 9  ? 2.095   -10.866 -5.074  1.00 28.49 ? 453  GLN A N   1 
ATOM   36  C  CA  . GLN A 1 9  ? 1.257   -11.108 -3.906  1.00 26.58 ? 453  GLN A CA  1 
ATOM   37  C  C   . GLN A 1 9  ? 1.407   -9.962  -2.911  1.00 24.43 ? 453  GLN A C   1 
ATOM   38  O  O   . GLN A 1 9  ? 2.493   -9.393  -2.749  1.00 18.49 ? 453  GLN A O   1 
ATOM   39  C  CB  . GLN A 1 9  ? 1.634   -12.441 -3.246  1.00 31.78 ? 453  GLN A CB  1 
ATOM   40  C  CG  . GLN A 1 9  ? 3.099   -12.553 -2.846  1.00 37.57 ? 453  GLN A CG  1 
ATOM   41  C  CD  . GLN A 1 9  ? 3.475   -13.941 -2.339  1.00 39.86 ? 453  GLN A CD  1 
ATOM   42  O  OE1 . GLN A 1 9  ? 4.628   -14.189 -1.991  1.00 40.14 ? 453  GLN A OE1 1 
ATOM   43  N  NE2 . GLN A 1 9  ? 2.502   -14.849 -2.298  1.00 40.45 ? 453  GLN A NE2 1 
ATOM   44  N  N   . VAL A 1 10 ? 0.308   -9.611  -2.253  1.00 20.35 ? 454  VAL A N   1 
ATOM   45  C  CA  . VAL A 1 10 ? 0.347   -8.525  -1.295  1.00 17.68 ? 454  VAL A CA  1 
ATOM   46  C  C   . VAL A 1 10 ? 0.842   -9.042  0.048   1.00 18.08 ? 454  VAL A C   1 
ATOM   47  O  O   . VAL A 1 10 ? 0.092   -9.641  0.827   1.00 16.57 ? 454  VAL A O   1 
ATOM   48  C  CB  . VAL A 1 10 ? -1.033  -7.876  -1.122  1.00 17.10 ? 454  VAL A CB  1 
ATOM   49  C  CG1 . VAL A 1 10 ? -0.892  -6.582  -0.335  1.00 19.16 ? 454  VAL A CG1 1 
ATOM   50  C  CG2 . VAL A 1 10 ? -1.655  -7.613  -2.485  1.00 17.09 ? 454  VAL A CG2 1 
ATOM   51  N  N   . THR A 1 11 ? 2.119   -8.804  0.311   1.00 14.79 ? 455  THR A N   1 
ATOM   52  C  CA  . THR A 1 11 ? 2.730   -9.251  1.549   1.00 15.09 ? 455  THR A CA  1 
ATOM   53  C  C   . THR A 1 11 ? 3.442   -8.108  2.244   1.00 11.79 ? 455  THR A C   1 
ATOM   54  O  O   . THR A 1 11 ? 3.818   -7.119  1.620   1.00 11.06 ? 455  THR A O   1 
ATOM   55  C  CB  . THR A 1 11 ? 3.764   -10.355 1.283   1.00 18.31 ? 455  THR A CB  1 
ATOM   56  O  OG1 . THR A 1 11 ? 4.837   -9.818  0.498   1.00 15.68 ? 455  THR A OG1 1 
ATOM   57  C  CG2 . THR A 1 11 ? 3.119   -11.523 0.538   1.00 18.54 ? 455  THR A CG2 1 
ATOM   58  N  N   . GLU A 1 12 ? 3.622   -8.248  3.549   1.00 13.19 ? 456  GLU A N   1 
ATOM   59  C  CA  . GLU A 1 12 ? 4.324   -7.231  4.310   1.00 12.39 ? 456  GLU A CA  1 
ATOM   60  C  C   . GLU A 1 12 ? 5.762   -7.165  3.804   1.00 11.93 ? 456  GLU A C   1 
ATOM   61  O  O   . GLU A 1 12 ? 6.366   -6.095  3.764   1.00 12.17 ? 456  GLU A O   1 
ATOM   62  C  CB  . GLU A 1 12 ? 4.293   -7.575  5.796   1.00 13.88 ? 456  GLU A CB  1 
ATOM   63  C  CG  . GLU A 1 12 ? 5.230   -6.738  6.655   1.00 14.63 ? 456  GLU A CG  1 
ATOM   64  C  CD  . GLU A 1 12 ? 4.970   -6.934  8.134   1.00 16.49 ? 456  GLU A CD  1 
ATOM   65  O  OE1 . GLU A 1 12 ? 5.900   -6.725  8.935   1.00 17.25 ? 456  GLU A OE1 1 
ATOM   66  O  OE2 . GLU A 1 12 ? 3.830   -7.287  8.494   1.00 20.04 ? 456  GLU A OE2 1 
ATOM   67  N  N   . ASP A 1 13 ? 6.308   -8.316  3.416   1.00 12.42 ? 457  ASP A N   1 
ATOM   68  C  CA  . ASP A 1 13 ? 7.676   -8.374  2.905   1.00 12.64 ? 457  ASP A CA  1 
ATOM   69  C  C   . ASP A 1 13 ? 7.824   -7.482  1.680   1.00 12.61 ? 457  ASP A C   1 
ATOM   70  O  O   . ASP A 1 13 ? 8.765   -6.696  1.589   1.00 12.18 ? 457  ASP A O   1 
ATOM   71  C  CB  . ASP A 1 13 ? 8.058   -9.803  2.513   1.00 17.63 ? 457  ASP A CB  1 
ATOM   72  C  CG  . ASP A 1 13 ? 9.405   -9.868  1.806   1.00 24.50 ? 457  ASP A CG  1 
ATOM   73  O  OD1 . ASP A 1 13 ? 10.422  -9.496  2.424   1.00 26.51 ? 457  ASP A OD1 1 
ATOM   74  O  OD2 . ASP A 1 13 ? 9.446   -10.280 0.628   1.00 30.72 ? 457  ASP A OD2 1 
ATOM   75  N  N   . ALA A 1 14 ? 6.892   -7.617  0.739   1.00 9.21  ? 458  ALA A N   1 
ATOM   76  C  CA  . ALA A 1 14 ? 6.915   -6.824  -0.481  1.00 9.85  ? 458  ALA A CA  1 
ATOM   77  C  C   . ALA A 1 14 ? 6.731   -5.340  -0.186  1.00 10.04 ? 458  ALA A C   1 
ATOM   78  O  O   . ALA A 1 14 ? 7.459   -4.505  -0.718  1.00 9.80  ? 458  ALA A O   1 
ATOM   79  C  CB  . ALA A 1 14 ? 5.835   -7.303  -1.432  1.00 10.85 ? 458  ALA A CB  1 
ATOM   80  N  N   . VAL A 1 15 ? 5.761   -5.007  0.660   1.00 10.25 ? 459  VAL A N   1 
ATOM   81  C  CA  . VAL A 1 15 ? 5.523   -3.608  1.008   1.00 10.77 ? 459  VAL A CA  1 
ATOM   82  C  C   . VAL A 1 15 ? 6.770   -3.019  1.667   1.00 13.14 ? 459  VAL A C   1 
ATOM   83  O  O   . VAL A 1 15 ? 7.209   -1.920  1.320   1.00 11.06 ? 459  VAL A O   1 
ATOM   84  C  CB  . VAL A 1 15 ? 4.323   -3.459  1.972   1.00 11.65 ? 459  VAL A CB  1 
ATOM   85  C  CG1 . VAL A 1 15 ? 4.216   -2.014  2.448   1.00 11.83 ? 459  VAL A CG1 1 
ATOM   86  C  CG2 . VAL A 1 15 ? 3.030   -3.884  1.271   1.00 9.04  ? 459  VAL A CG2 1 
ATOM   87  N  N   . ARG A 1 16 ? 7.342   -3.752  2.619   1.00 12.79 ? 460  ARG A N   1 
ATOM   88  C  CA  . ARG A 1 16 ? 8.538   -3.279  3.303   1.00 11.77 ? 460  ARG A CA  1 
ATOM   89  C  C   . ARG A 1 16 ? 9.664   -2.988  2.309   1.00 12.63 ? 460  ARG A C   1 
ATOM   90  O  O   . ARG A 1 16 ? 10.333  -1.962  2.405   1.00 13.39 ? 460  ARG A O   1 
ATOM   91  C  CB  . ARG A 1 16 ? 9.012   -4.315  4.334   1.00 15.31 ? 460  ARG A CB  1 
ATOM   92  C  CG  . ARG A 1 16 ? 10.371  -3.997  4.947   1.00 19.54 ? 460  ARG A CG  1 
ATOM   93  C  CD  . ARG A 1 16 ? 10.785  -5.048  5.975   1.00 23.57 ? 460  ARG A CD  1 
ATOM   94  N  NE  . ARG A 1 16 ? 10.095  -4.877  7.253   1.00 26.51 ? 460  ARG A NE  1 
ATOM   95  C  CZ  . ARG A 1 16 ? 10.349  -3.892  8.109   1.00 31.17 ? 460  ARG A CZ  1 
ATOM   96  N  NH1 . ARG A 1 16 ? 11.278  -2.986  7.823   1.00 29.28 ? 460  ARG A NH1 1 
ATOM   97  N  NH2 . ARG A 1 16 ? 9.677   -3.810  9.252   1.00 30.73 ? 460  ARG A NH2 1 
ATOM   98  N  N   . ARG A 1 17 ? 9.874   -3.889  1.353   1.00 13.89 ? 461  ARG A N   1 
ATOM   99  C  CA  . ARG A 1 17 ? 10.936  -3.693  0.369   1.00 14.40 ? 461  ARG A CA  1 
ATOM   100 C  C   . ARG A 1 17 ? 10.705  -2.449  -0.489  1.00 13.30 ? 461  ARG A C   1 
ATOM   101 O  O   . ARG A 1 17 ? 11.642  -1.716  -0.785  1.00 12.31 ? 461  ARG A O   1 
ATOM   102 C  CB  . ARG A 1 17 ? 11.079  -4.929  -0.520  1.00 19.27 ? 461  ARG A CB  1 
ATOM   103 C  CG  . ARG A 1 17 ? 11.568  -6.158  0.229   1.00 25.90 ? 461  ARG A CG  1 
ATOM   104 C  CD  . ARG A 1 17 ? 11.876  -7.303  -0.718  1.00 31.18 ? 461  ARG A CD  1 
ATOM   105 N  NE  . ARG A 1 17 ? 12.214  -8.522  0.007   1.00 39.33 ? 461  ARG A NE  1 
ATOM   106 C  CZ  . ARG A 1 17 ? 12.651  -9.637  -0.570  1.00 45.01 ? 461  ARG A CZ  1 
ATOM   107 N  NH1 . ARG A 1 17 ? 12.808  -9.689  -1.887  1.00 46.61 ? 461  ARG A NH1 1 
ATOM   108 N  NH2 . ARG A 1 17 ? 12.925  -10.705 0.169   1.00 47.79 ? 461  ARG A NH2 1 
ATOM   109 N  N   . TYR A 1 18 ? 9.462   -2.213  -0.892  1.00 10.16 ? 462  TYR A N   1 
ATOM   110 C  CA  . TYR A 1 18 ? 9.146   -1.033  -1.693  1.00 12.19 ? 462  TYR A CA  1 
ATOM   111 C  C   . TYR A 1 18 ? 9.361   0.248   -0.886  1.00 11.52 ? 462  TYR A C   1 
ATOM   112 O  O   . TYR A 1 18 ? 9.964   1.207   -1.371  1.00 12.18 ? 462  TYR A O   1 
ATOM   113 C  CB  . TYR A 1 18 ? 7.694   -1.082  -2.178  1.00 11.44 ? 462  TYR A CB  1 
ATOM   114 C  CG  . TYR A 1 18 ? 7.451   -1.983  -3.369  1.00 13.71 ? 462  TYR A CG  1 
ATOM   115 C  CD1 . TYR A 1 18 ? 8.153   -1.798  -4.560  1.00 16.54 ? 462  TYR A CD1 1 
ATOM   116 C  CD2 . TYR A 1 18 ? 6.483   -2.987  -3.324  1.00 8.80  ? 462  TYR A CD2 1 
ATOM   117 C  CE1 . TYR A 1 18 ? 7.898   -2.588  -5.680  1.00 17.20 ? 462  TYR A CE1 1 
ATOM   118 C  CE2 . TYR A 1 18 ? 6.222   -3.783  -4.435  1.00 11.32 ? 462  TYR A CE2 1 
ATOM   119 C  CZ  . TYR A 1 18 ? 6.933   -3.576  -5.611  1.00 17.20 ? 462  TYR A CZ  1 
ATOM   120 O  OH  . TYR A 1 18 ? 6.673   -4.346  -6.721  1.00 21.93 ? 462  TYR A OH  1 
ATOM   121 N  N   . LEU A 1 19 ? 8.869   0.259   0.349   1.00 11.42 ? 463  LEU A N   1 
ATOM   122 C  CA  . LEU A 1 19 ? 8.992   1.435   1.206   1.00 13.42 ? 463  LEU A CA  1 
ATOM   123 C  C   . LEU A 1 19 ? 10.417  1.702   1.666   1.00 15.32 ? 463  LEU A C   1 
ATOM   124 O  O   . LEU A 1 19 ? 10.743  2.817   2.080   1.00 14.28 ? 463  LEU A O   1 
ATOM   125 C  CB  . LEU A 1 19 ? 8.080   1.308   2.426   1.00 13.76 ? 463  LEU A CB  1 
ATOM   126 C  CG  . LEU A 1 19 ? 6.579   1.313   2.137   1.00 15.53 ? 463  LEU A CG  1 
ATOM   127 C  CD1 . LEU A 1 19 ? 5.823   1.355   3.452   1.00 11.74 ? 463  LEU A CD1 1 
ATOM   128 C  CD2 . LEU A 1 19 ? 6.214   2.522   1.277   1.00 13.38 ? 463  LEU A CD2 1 
ATOM   129 N  N   . THR A 1 20 ? 11.259  0.677   1.609   1.00 13.92 ? 464  THR A N   1 
ATOM   130 C  CA  . THR A 1 20 ? 12.648  0.835   2.009   1.00 15.01 ? 464  THR A CA  1 
ATOM   131 C  C   . THR A 1 20 ? 13.405  1.509   0.869   1.00 14.73 ? 464  THR A C   1 
ATOM   132 O  O   . THR A 1 20 ? 14.312  2.293   1.109   1.00 15.68 ? 464  THR A O   1 
ATOM   133 C  CB  . THR A 1 20 ? 13.286  -0.525  2.350   1.00 15.04 ? 464  THR A CB  1 
ATOM   134 O  OG1 . THR A 1 20 ? 12.643  -1.069  3.513   1.00 13.03 ? 464  THR A OG1 1 
ATOM   135 C  CG2 . THR A 1 20 ? 14.773  -0.372  2.626   1.00 17.05 ? 464  THR A CG2 1 
ATOM   136 N  N   . ARG A 1 21 ? 13.014  1.208   -0.367  1.00 14.99 ? 465  ARG A N   1 
ATOM   137 C  CA  . ARG A 1 21 ? 13.645  1.803   -1.543  1.00 18.38 ? 465  ARG A CA  1 
ATOM   138 C  C   . ARG A 1 21 ? 13.351  3.298   -1.678  1.00 20.07 ? 465  ARG A C   1 
ATOM   139 O  O   . ARG A 1 21 ? 14.240  4.080   -2.017  1.00 19.46 ? 465  ARG A O   1 
ATOM   140 C  CB  . ARG A 1 21 ? 13.174  1.103   -2.821  1.00 22.92 ? 465  ARG A CB  1 
ATOM   141 C  CG  . ARG A 1 21 ? 13.937  -0.159  -3.186  1.00 33.76 ? 465  ARG A CG  1 
ATOM   142 C  CD  . ARG A 1 21 ? 13.398  -0.761  -4.481  1.00 40.39 ? 465  ARG A CD  1 
ATOM   143 N  NE  . ARG A 1 21 ? 13.363  0.207   -5.577  1.00 44.71 ? 465  ARG A NE  1 
ATOM   144 C  CZ  . ARG A 1 21 ? 14.438  0.716   -6.173  1.00 48.92 ? 465  ARG A CZ  1 
ATOM   145 N  NH1 . ARG A 1 21 ? 15.655  0.354   -5.785  1.00 48.27 ? 465  ARG A NH1 1 
ATOM   146 N  NH2 . ARG A 1 21 ? 14.297  1.592   -7.162  1.00 48.24 ? 465  ARG A NH2 1 
ATOM   147 N  N   . LYS A 1 22 ? 12.104  3.695   -1.430  1.00 17.05 ? 466  LYS A N   1 
ATOM   148 C  CA  . LYS A 1 22 ? 11.729  5.102   -1.553  1.00 15.44 ? 466  LYS A CA  1 
ATOM   149 C  C   . LYS A 1 22 ? 10.339  5.412   -1.001  1.00 14.16 ? 466  LYS A C   1 
ATOM   150 O  O   . LYS A 1 22 ? 9.462   4.547   -0.979  1.00 12.64 ? 466  LYS A O   1 
ATOM   151 C  CB  . LYS A 1 22 ? 11.764  5.514   -3.024  1.00 20.62 ? 466  LYS A CB  1 
ATOM   152 C  CG  . LYS A 1 22 ? 10.902  4.622   -3.909  1.00 25.29 ? 466  LYS A CG  1 
ATOM   153 C  CD  . LYS A 1 22 ? 10.135  5.413   -4.953  1.00 30.14 ? 466  LYS A CD  1 
ATOM   154 C  CE  . LYS A 1 22 ? 11.055  6.093   -5.949  1.00 33.04 ? 466  LYS A CE  1 
ATOM   155 N  NZ  . LYS A 1 22 ? 10.266  6.889   -6.930  1.00 37.69 ? 466  LYS A NZ  1 
ATOM   156 N  N   . PRO A 1 23 ? 10.120  6.664   -0.556  1.00 13.06 ? 467  PRO A N   1 
ATOM   157 C  CA  . PRO A 1 23 ? 8.812   7.049   -0.017  1.00 13.71 ? 467  PRO A CA  1 
ATOM   158 C  C   . PRO A 1 23 ? 7.731   6.828   -1.071  1.00 12.16 ? 467  PRO A C   1 
ATOM   159 O  O   . PRO A 1 23 ? 7.939   7.110   -2.251  1.00 13.24 ? 467  PRO A O   1 
ATOM   160 C  CB  . PRO A 1 23 ? 8.991   8.528   0.308   1.00 9.68  ? 467  PRO A CB  1 
ATOM   161 C  CG  . PRO A 1 23 ? 10.455  8.633   0.633   1.00 11.29 ? 467  PRO A CG  1 
ATOM   162 C  CD  . PRO A 1 23 ? 11.087  7.772   -0.436  1.00 11.96 ? 467  PRO A CD  1 
ATOM   163 N  N   . MET A 1 24 ? 6.580   6.323   -0.644  1.00 12.41 ? 468  MET A N   1 
ATOM   164 C  CA  . MET A 1 24 ? 5.481   6.070   -1.565  1.00 14.00 ? 468  MET A CA  1 
ATOM   165 C  C   . MET A 1 24 ? 4.145   6.446   -0.942  1.00 13.71 ? 468  MET A C   1 
ATOM   166 O  O   . MET A 1 24 ? 3.933   6.271   0.258   1.00 11.13 ? 468  MET A O   1 
ATOM   167 C  CB  . MET A 1 24 ? 5.443   4.587   -1.961  1.00 16.76 ? 468  MET A CB  1 
ATOM   168 C  CG  . MET A 1 24 ? 6.584   4.134   -2.864  1.00 19.44 ? 468  MET A CG  1 
ATOM   169 S  SD  . MET A 1 24 ? 6.658   2.333   -3.023  1.00 23.95 ? 468  MET A SD  1 
ATOM   170 C  CE  . MET A 1 24 ? 5.535   2.082   -4.336  1.00 19.37 ? 468  MET A CE  1 
ATOM   171 N  N   . THR A 1 25 ? 3.246   6.969   -1.763  1.00 11.81 ? 469  THR A N   1 
ATOM   172 C  CA  . THR A 1 25 ? 1.928   7.323   -1.274  1.00 13.37 ? 469  THR A CA  1 
ATOM   173 C  C   . THR A 1 25 ? 1.114   6.039   -1.272  1.00 14.39 ? 469  THR A C   1 
ATOM   174 O  O   . THR A 1 25 ? 1.587   4.987   -1.725  1.00 10.86 ? 469  THR A O   1 
ATOM   175 C  CB  . THR A 1 25 ? 1.230   8.325   -2.203  1.00 14.81 ? 469  THR A CB  1 
ATOM   176 O  OG1 . THR A 1 25 ? 1.123   7.755   -3.511  1.00 16.39 ? 469  THR A OG1 1 
ATOM   177 C  CG2 . THR A 1 25 ? 2.009   9.617   -2.278  1.00 15.76 ? 469  THR A CG2 1 
ATOM   178 N  N   . THR A 1 26 ? -0.107  6.123   -0.762  1.00 12.09 ? 470  THR A N   1 
ATOM   179 C  CA  . THR A 1 26 ? -0.987  4.972   -0.731  1.00 15.27 ? 470  THR A CA  1 
ATOM   180 C  C   . THR A 1 26 ? -1.252  4.557   -2.175  1.00 13.71 ? 470  THR A C   1 
ATOM   181 O  O   . THR A 1 26 ? -1.222  3.373   -2.510  1.00 14.68 ? 470  THR A O   1 
ATOM   182 C  CB  . THR A 1 26 ? -2.311  5.328   -0.021  1.00 17.57 ? 470  THR A CB  1 
ATOM   183 O  OG1 . THR A 1 26 ? -2.886  6.485   -0.637  1.00 22.39 ? 470  THR A OG1 1 
ATOM   184 C  CG2 . THR A 1 26 ? -2.053  5.637   1.443   1.00 16.23 ? 470  THR A CG2 1 
ATOM   185 N  N   . LYS A 1 27 ? -1.477  5.543   -3.037  1.00 13.01 ? 471  LYS A N   1 
ATOM   186 C  CA  . LYS A 1 27 ? -1.734  5.281   -4.448  1.00 13.34 ? 471  LYS A CA  1 
ATOM   187 C  C   . LYS A 1 27 ? -0.525  4.609   -5.109  1.00 14.63 ? 471  LYS A C   1 
ATOM   188 O  O   . LYS A 1 27 ? -0.689  3.679   -5.900  1.00 15.42 ? 471  LYS A O   1 
ATOM   189 C  CB  . LYS A 1 27 ? -2.083  6.589   -5.176  1.00 15.78 ? 471  LYS A CB  1 
ATOM   190 C  CG  . LYS A 1 27 ? -2.581  6.392   -6.601  1.00 23.84 ? 471  LYS A CG  1 
ATOM   191 C  CD  . LYS A 1 27 ? -2.870  7.730   -7.283  1.00 27.35 ? 471  LYS A CD  1 
ATOM   192 C  CE  . LYS A 1 27 ? -3.311  7.531   -8.727  1.00 31.78 ? 471  LYS A CE  1 
ATOM   193 N  NZ  . LYS A 1 27 ? -3.635  8.821   -9.405  1.00 30.30 ? 471  LYS A NZ  1 
ATOM   194 N  N   . ASP A 1 28 ? 0.682   5.080   -4.789  1.00 14.13 ? 472  ASP A N   1 
ATOM   195 C  CA  . ASP A 1 28 ? 1.911   4.493   -5.337  1.00 13.26 ? 472  ASP A CA  1 
ATOM   196 C  C   . ASP A 1 28 ? 1.985   3.004   -4.994  1.00 13.45 ? 472  ASP A C   1 
ATOM   197 O  O   . ASP A 1 28 ? 2.295   2.179   -5.851  1.00 11.59 ? 472  ASP A O   1 
ATOM   198 C  CB  . ASP A 1 28 ? 3.152   5.181   -4.756  1.00 14.12 ? 472  ASP A CB  1 
ATOM   199 C  CG  . ASP A 1 28 ? 3.388   6.562   -5.326  1.00 16.34 ? 472  ASP A CG  1 
ATOM   200 O  OD1 . ASP A 1 28 ? 4.140   7.336   -4.696  1.00 12.53 ? 472  ASP A OD1 1 
ATOM   201 O  OD2 . ASP A 1 28 ? 2.839   6.871   -6.402  1.00 14.71 ? 472  ASP A OD2 1 
ATOM   202 N  N   . LEU A 1 29 ? 1.711   2.672   -3.732  1.00 12.71 ? 473  LEU A N   1 
ATOM   203 C  CA  . LEU A 1 29 ? 1.748   1.286   -3.268  1.00 13.34 ? 473  LEU A CA  1 
ATOM   204 C  C   . LEU A 1 29 ? 0.690   0.415   -3.931  1.00 12.81 ? 473  LEU A C   1 
ATOM   205 O  O   . LEU A 1 29 ? 0.970   -0.712  -4.339  1.00 11.02 ? 473  LEU A O   1 
ATOM   206 C  CB  . LEU A 1 29 ? 1.585   1.225   -1.742  1.00 14.99 ? 473  LEU A CB  1 
ATOM   207 C  CG  . LEU A 1 29 ? 2.847   1.476   -0.910  1.00 17.88 ? 473  LEU A CG  1 
ATOM   208 C  CD1 . LEU A 1 29 ? 2.499   1.466   0.571   1.00 20.60 ? 473  LEU A CD1 1 
ATOM   209 C  CD2 . LEU A 1 29 ? 3.882   0.394   -1.217  1.00 15.55 ? 473  LEU A CD2 1 
ATOM   210 N  N   . LEU A 1 30 ? -0.528  0.937   -4.039  1.00 14.51 ? 474  LEU A N   1 
ATOM   211 C  CA  . LEU A 1 30 ? -1.621  0.201   -4.668  1.00 16.20 ? 474  LEU A CA  1 
ATOM   212 C  C   . LEU A 1 30 ? -1.281  -0.158  -6.116  1.00 17.78 ? 474  LEU A C   1 
ATOM   213 O  O   . LEU A 1 30 ? -1.701  -1.202  -6.625  1.00 16.43 ? 474  LEU A O   1 
ATOM   214 C  CB  . LEU A 1 30 ? -2.911  1.030   -4.620  1.00 16.85 ? 474  LEU A CB  1 
ATOM   215 C  CG  . LEU A 1 30 ? -3.594  1.141   -3.255  1.00 19.72 ? 474  LEU A CG  1 
ATOM   216 C  CD1 . LEU A 1 30 ? -4.591  2.291   -3.266  1.00 18.51 ? 474  LEU A CD1 1 
ATOM   217 C  CD2 . LEU A 1 30 ? -4.289  -0.178  -2.914  1.00 18.94 ? 474  LEU A CD2 1 
ATOM   218 N  N   . LYS A 1 31 ? -0.517  0.702   -6.778  1.00 15.75 ? 475  LYS A N   1 
ATOM   219 C  CA  . LYS A 1 31 ? -0.128  0.448   -8.161  1.00 17.56 ? 475  LYS A CA  1 
ATOM   220 C  C   . LYS A 1 31 ? 0.831   -0.729  -8.295  1.00 16.91 ? 475  LYS A C   1 
ATOM   221 O  O   . LYS A 1 31 ? 0.984   -1.284  -9.380  1.00 16.77 ? 475  LYS A O   1 
ATOM   222 C  CB  . LYS A 1 31 ? 0.511   1.690   -8.780  1.00 22.38 ? 475  LYS A CB  1 
ATOM   223 C  CG  . LYS A 1 31 ? -0.485  2.760   -9.162  1.00 26.69 ? 475  LYS A CG  1 
ATOM   224 C  CD  . LYS A 1 31 ? 0.170   3.855   -9.982  1.00 31.54 ? 475  LYS A CD  1 
ATOM   225 C  CE  . LYS A 1 31 ? -0.862  4.880   -10.394 1.00 34.86 ? 475  LYS A CE  1 
ATOM   226 N  NZ  . LYS A 1 31 ? -2.029  4.203   -11.029 1.00 36.15 ? 475  LYS A NZ  1 
ATOM   227 N  N   . LYS A 1 32 ? 1.476   -1.104  -7.196  1.00 13.35 ? 476  LYS A N   1 
ATOM   228 C  CA  . LYS A 1 32 ? 2.411   -2.225  -7.206  1.00 14.46 ? 476  LYS A CA  1 
ATOM   229 C  C   . LYS A 1 32 ? 1.678   -3.549  -7.013  1.00 15.67 ? 476  LYS A C   1 
ATOM   230 O  O   . LYS A 1 32 ? 2.247   -4.621  -7.232  1.00 15.69 ? 476  LYS A O   1 
ATOM   231 C  CB  . LYS A 1 32 ? 3.446   -2.072  -6.091  1.00 12.20 ? 476  LYS A CB  1 
ATOM   232 C  CG  . LYS A 1 32 ? 4.332   -0.851  -6.201  1.00 9.28  ? 476  LYS A CG  1 
ATOM   233 C  CD  . LYS A 1 32 ? 5.139   -0.838  -7.494  1.00 14.90 ? 476  LYS A CD  1 
ATOM   234 C  CE  . LYS A 1 32 ? 6.110   0.341   -7.504  1.00 18.58 ? 476  LYS A CE  1 
ATOM   235 N  NZ  . LYS A 1 32 ? 6.906   0.426   -8.759  1.00 21.12 ? 476  LYS A NZ  1 
ATOM   236 N  N   . PHE A 1 33 ? 0.418   -3.475  -6.594  1.00 12.72 ? 477  PHE A N   1 
ATOM   237 C  CA  . PHE A 1 33 ? -0.369  -4.680  -6.357  1.00 14.53 ? 477  PHE A CA  1 
ATOM   238 C  C   . PHE A 1 33 ? -1.691  -4.601  -7.107  1.00 14.18 ? 477  PHE A C   1 
ATOM   239 O  O   . PHE A 1 33 ? -2.758  -4.597  -6.504  1.00 13.50 ? 477  PHE A O   1 
ATOM   240 C  CB  . PHE A 1 33 ? -0.625  -4.851  -4.858  1.00 15.91 ? 477  PHE A CB  1 
ATOM   241 C  CG  . PHE A 1 33 ? 0.628   -4.839  -4.026  1.00 13.19 ? 477  PHE A CG  1 
ATOM   242 C  CD1 . PHE A 1 33 ? 1.039   -3.677  -3.382  1.00 14.86 ? 477  PHE A CD1 1 
ATOM   243 C  CD2 . PHE A 1 33 ? 1.419   -5.980  -3.919  1.00 13.37 ? 477  PHE A CD2 1 
ATOM   244 C  CE1 . PHE A 1 33 ? 2.224   -3.646  -2.644  1.00 15.23 ? 477  PHE A CE1 1 
ATOM   245 C  CE2 . PHE A 1 33 ? 2.604   -5.958  -3.185  1.00 13.36 ? 477  PHE A CE2 1 
ATOM   246 C  CZ  . PHE A 1 33 ? 3.007   -4.787  -2.546  1.00 13.53 ? 477  PHE A CZ  1 
ATOM   247 N  N   . GLN A 1 34 ? -1.604  -4.559  -8.431  1.00 12.74 ? 478  GLN A N   1 
ATOM   248 C  CA  . GLN A 1 34 ? -2.780  -4.450  -9.281  1.00 15.83 ? 478  GLN A CA  1 
ATOM   249 C  C   . GLN A 1 34 ? -3.656  -5.691  -9.286  1.00 15.64 ? 478  GLN A C   1 
ATOM   250 O  O   . GLN A 1 34 ? -3.171  -6.815  -9.412  1.00 13.78 ? 478  GLN A O   1 
ATOM   251 C  CB  . GLN A 1 34 ? -2.353  -4.107  -10.708 1.00 18.17 ? 478  GLN A CB  1 
ATOM   252 C  CG  . GLN A 1 34 ? -1.536  -2.824  -10.788 1.00 26.04 ? 478  GLN A CG  1 
ATOM   253 C  CD  . GLN A 1 34 ? -1.285  -2.374  -12.207 1.00 29.28 ? 478  GLN A CD  1 
ATOM   254 O  OE1 . GLN A 1 34 ? -2.225  -2.131  -12.964 1.00 35.35 ? 478  GLN A OE1 1 
ATOM   255 N  NE2 . GLN A 1 34 ? -0.014  -2.255  -12.579 1.00 29.74 ? 478  GLN A NE2 1 
ATOM   256 N  N   . THR A 1 35 ? -4.956  -5.465  -9.163  1.00 14.48 ? 479  THR A N   1 
ATOM   257 C  CA  . THR A 1 35 ? -5.933  -6.535  -9.146  1.00 18.30 ? 479  THR A CA  1 
ATOM   258 C  C   . THR A 1 35 ? -5.846  -7.387  -10.410 1.00 19.25 ? 479  THR A C   1 
ATOM   259 O  O   . THR A 1 35 ? -6.203  -8.559  -10.389 1.00 16.27 ? 479  THR A O   1 
ATOM   260 C  CB  . THR A 1 35 ? -7.356  -5.967  -9.006  1.00 17.95 ? 479  THR A CB  1 
ATOM   261 O  OG1 . THR A 1 35 ? -7.580  -4.974  -10.014 1.00 22.47 ? 479  THR A OG1 1 
ATOM   262 C  CG2 . THR A 1 35 ? -7.535  -5.331  -7.641  1.00 20.71 ? 479  THR A CG2 1 
ATOM   263 N  N   . LYS A 1 36 ? -5.359  -6.802  -11.503 1.00 19.25 ? 480  LYS A N   1 
ATOM   264 C  CA  . LYS A 1 36 ? -5.237  -7.545  -12.752 1.00 21.60 ? 480  LYS A CA  1 
ATOM   265 C  C   . LYS A 1 36 ? -4.212  -8.665  -12.624 1.00 21.58 ? 480  LYS A C   1 
ATOM   266 O  O   . LYS A 1 36 ? -4.272  -9.649  -13.357 1.00 24.62 ? 480  LYS A O   1 
ATOM   267 C  CB  . LYS A 1 36 ? -4.844  -6.620  -13.915 1.00 25.30 ? 480  LYS A CB  1 
ATOM   268 C  CG  . LYS A 1 36 ? -3.488  -5.924  -13.787 1.00 23.58 ? 480  LYS A CG  1 
ATOM   269 C  CD  . LYS A 1 36 ? -3.052  -5.384  -15.146 1.00 28.55 ? 480  LYS A CD  1 
ATOM   270 C  CE  . LYS A 1 36 ? -2.079  -4.224  -15.027 1.00 32.47 ? 480  LYS A CE  1 
ATOM   271 N  NZ  . LYS A 1 36 ? -0.941  -4.521  -14.117 1.00 36.16 ? 480  LYS A NZ  1 
ATOM   272 N  N   . LYS A 1 37 ? -3.284  -8.516  -11.682 1.00 19.17 ? 481  LYS A N   1 
ATOM   273 C  CA  . LYS A 1 37 ? -2.243  -9.514  -11.459 1.00 20.36 ? 481  LYS A CA  1 
ATOM   274 C  C   . LYS A 1 37 ? -2.548  -10.455 -10.290 1.00 18.90 ? 481  LYS A C   1 
ATOM   275 O  O   . LYS A 1 37 ? -2.212  -11.642 -10.335 1.00 18.12 ? 481  LYS A O   1 
ATOM   276 C  CB  . LYS A 1 37 ? -0.903  -8.821  -11.199 1.00 22.11 ? 481  LYS A CB  1 
ATOM   277 C  CG  . LYS A 1 37 ? -0.429  -7.920  -12.327 1.00 28.12 ? 481  LYS A CG  1 
ATOM   278 C  CD  . LYS A 1 37 ? 0.871   -7.226  -11.952 1.00 31.86 ? 481  LYS A CD  1 
ATOM   279 C  CE  . LYS A 1 37 ? 1.354   -6.299  -13.057 1.00 35.30 ? 481  LYS A CE  1 
ATOM   280 N  NZ  . LYS A 1 37 ? 2.572   -5.536  -12.647 1.00 37.60 ? 481  LYS A NZ  1 
ATOM   281 N  N   . THR A 1 38 ? -3.178  -9.924  -9.245  1.00 16.35 ? 482  THR A N   1 
ATOM   282 C  CA  . THR A 1 38 ? -3.499  -10.718 -8.055  1.00 13.52 ? 482  THR A CA  1 
ATOM   283 C  C   . THR A 1 38 ? -4.835  -11.440 -8.177  1.00 14.29 ? 482  THR A C   1 
ATOM   284 O  O   . THR A 1 38 ? -5.014  -12.534 -7.634  1.00 16.65 ? 482  THR A O   1 
ATOM   285 C  CB  . THR A 1 38 ? -3.575  -9.829  -6.792  1.00 10.74 ? 482  THR A CB  1 
ATOM   286 O  OG1 . THR A 1 38 ? -4.675  -8.914  -6.918  1.00 8.58  ? 482  THR A OG1 1 
ATOM   287 C  CG2 . THR A 1 38 ? -2.281  -9.033  -6.608  1.00 11.61 ? 482  THR A CG2 1 
ATOM   288 N  N   . GLY A 1 39 ? -5.772  -10.816 -8.883  1.00 12.03 ? 483  GLY A N   1 
ATOM   289 C  CA  . GLY A 1 39 ? -7.095  -11.391 -9.034  1.00 12.12 ? 483  GLY A CA  1 
ATOM   290 C  C   . GLY A 1 39 ? -7.951  -10.972 -7.850  1.00 13.11 ? 483  GLY A C   1 
ATOM   291 O  O   . GLY A 1 39 ? -9.135  -11.290 -7.781  1.00 13.20 ? 483  GLY A O   1 
ATOM   292 N  N   . LEU A 1 40 ? -7.342  -10.256 -6.909  1.00 13.10 ? 484  LEU A N   1 
ATOM   293 C  CA  . LEU A 1 40 ? -8.048  -9.782  -5.722  1.00 12.74 ? 484  LEU A CA  1 
ATOM   294 C  C   . LEU A 1 40 ? -9.011  -8.655  -6.071  1.00 13.67 ? 484  LEU A C   1 
ATOM   295 O  O   . LEU A 1 40 ? -8.797  -7.928  -7.030  1.00 12.93 ? 484  LEU A O   1 
ATOM   296 C  CB  . LEU A 1 40 ? -7.050  -9.264  -4.680  1.00 11.79 ? 484  LEU A CB  1 
ATOM   297 C  CG  . LEU A 1 40 ? -6.157  -10.265 -3.946  1.00 9.10  ? 484  LEU A CG  1 
ATOM   298 C  CD1 . LEU A 1 40 ? -5.101  -9.507  -3.158  1.00 11.34 ? 484  LEU A CD1 1 
ATOM   299 C  CD2 . LEU A 1 40 ? -6.999  -11.135 -3.014  1.00 7.16  ? 484  LEU A CD2 1 
ATOM   300 N  N   . SER A 1 41 ? -10.081 -8.522  -5.290  1.00 17.02 ? 485  SER A N   1 
ATOM   301 C  CA  . SER A 1 41 ? -11.039 -7.448  -5.506  1.00 17.17 ? 485  SER A CA  1 
ATOM   302 C  C   . SER A 1 41 ? -10.379 -6.208  -4.915  1.00 17.72 ? 485  SER A C   1 
ATOM   303 O  O   . SER A 1 41 ? -9.405  -6.320  -4.166  1.00 14.74 ? 485  SER A O   1 
ATOM   304 C  CB  . SER A 1 41 ? -12.354 -7.726  -4.770  1.00 14.56 ? 485  SER A CB  1 
ATOM   305 O  OG  . SER A 1 41 ? -12.163 -7.778  -3.368  1.00 17.25 ? 485  SER A OG  1 
ATOM   306 N  N   . SER A 1 42 ? -10.899 -5.032  -5.244  1.00 19.45 ? 486  SER A N   1 
ATOM   307 C  CA  . SER A 1 42 ? -10.329 -3.801  -4.718  1.00 20.87 ? 486  SER A CA  1 
ATOM   308 C  C   . SER A 1 42 ? -10.479 -3.771  -3.201  1.00 20.07 ? 486  SER A C   1 
ATOM   309 O  O   . SER A 1 42 ? -9.633  -3.219  -2.499  1.00 19.00 ? 486  SER A O   1 
ATOM   310 C  CB  . SER A 1 42 ? -11.019 -2.579  -5.340  1.00 22.18 ? 486  SER A CB  1 
ATOM   311 O  OG  . SER A 1 42 ? -12.366 -2.485  -4.917  1.00 32.30 ? 486  SER A OG  1 
ATOM   312 N  N   . GLU A 1 43 ? -11.552 -4.379  -2.696  1.00 18.31 ? 487  GLU A N   1 
ATOM   313 C  CA  . GLU A 1 43 ? -11.795 -4.411  -1.260  1.00 18.93 ? 487  GLU A CA  1 
ATOM   314 C  C   . GLU A 1 43 ? -10.813 -5.317  -0.522  1.00 15.74 ? 487  GLU A C   1 
ATOM   315 O  O   . GLU A 1 43 ? -10.357 -4.979  0.563   1.00 14.78 ? 487  GLU A O   1 
ATOM   316 C  CB  . GLU A 1 43 ? -13.228 -4.858  -0.958  1.00 25.22 ? 487  GLU A CB  1 
ATOM   317 C  CG  . GLU A 1 43 ? -13.498 -5.042  0.532   1.00 31.58 ? 487  GLU A CG  1 
ATOM   318 C  CD  . GLU A 1 43 ? -14.956 -5.327  0.846   1.00 38.67 ? 487  GLU A CD  1 
ATOM   319 O  OE1 . GLU A 1 43 ? -15.259 -5.622  2.023   1.00 41.31 ? 487  GLU A OE1 1 
ATOM   320 O  OE2 . GLU A 1 43 ? -15.798 -5.251  -0.074  1.00 41.22 ? 487  GLU A OE2 1 
ATOM   321 N  N   . GLN A 1 44 ? -10.496 -6.471  -1.101  1.00 14.77 ? 488  GLN A N   1 
ATOM   322 C  CA  . GLN A 1 44 ? -9.553  -7.392  -0.473  1.00 13.42 ? 488  GLN A CA  1 
ATOM   323 C  C   . GLN A 1 44 ? -8.166  -6.758  -0.434  1.00 12.03 ? 488  GLN A C   1 
ATOM   324 O  O   . GLN A 1 44 ? -7.445  -6.872  0.559   1.00 16.21 ? 488  GLN A O   1 
ATOM   325 C  CB  . GLN A 1 44 ? -9.489  -8.706  -1.253  1.00 14.14 ? 488  GLN A CB  1 
ATOM   326 C  CG  . GLN A 1 44 ? -10.700 -9.614  -1.070  1.00 15.69 ? 488  GLN A CG  1 
ATOM   327 C  CD  . GLN A 1 44 ? -10.649 -10.830 -1.973  1.00 17.87 ? 488  GLN A CD  1 
ATOM   328 O  OE1 . GLN A 1 44 ? -10.602 -10.705 -3.195  1.00 15.46 ? 488  GLN A OE1 1 
ATOM   329 N  NE2 . GLN A 1 44 ? -10.658 -12.016 -1.373  1.00 15.72 ? 488  GLN A NE2 1 
ATOM   330 N  N   . THR A 1 45 ? -7.803  -6.100  -1.529  1.00 10.62 ? 489  THR A N   1 
ATOM   331 C  CA  . THR A 1 45 ? -6.512  -5.433  -1.654  1.00 12.84 ? 489  THR A CA  1 
ATOM   332 C  C   . THR A 1 45 ? -6.350  -4.342  -0.593  1.00 11.80 ? 489  THR A C   1 
ATOM   333 O  O   . THR A 1 45 ? -5.348  -4.295  0.115   1.00 11.06 ? 489  THR A O   1 
ATOM   334 C  CB  . THR A 1 45 ? -6.364  -4.811  -3.057  1.00 13.09 ? 489  THR A CB  1 
ATOM   335 O  OG1 . THR A 1 45 ? -6.515  -5.839  -4.046  1.00 11.71 ? 489  THR A OG1 1 
ATOM   336 C  CG2 . THR A 1 45 ? -4.991  -4.153  -3.218  1.00 12.15 ? 489  THR A CG2 1 
ATOM   337 N  N   . VAL A 1 46 ? -7.341  -3.464  -0.489  1.00 13.33 ? 490  VAL A N   1 
ATOM   338 C  CA  . VAL A 1 46 ? -7.306  -2.392  0.501   1.00 11.27 ? 490  VAL A CA  1 
ATOM   339 C  C   . VAL A 1 46 ? -7.189  -2.976  1.910   1.00 11.15 ? 490  VAL A C   1 
ATOM   340 O  O   . VAL A 1 46 ? -6.414  -2.489  2.731   1.00 11.12 ? 490  VAL A O   1 
ATOM   341 C  CB  . VAL A 1 46 ? -8.590  -1.530  0.432   1.00 13.83 ? 490  VAL A CB  1 
ATOM   342 C  CG1 . VAL A 1 46 ? -8.684  -0.619  1.658   1.00 14.16 ? 490  VAL A CG1 1 
ATOM   343 C  CG2 . VAL A 1 46 ? -8.592  -0.710  -0.848  1.00 10.28 ? 490  VAL A CG2 1 
ATOM   344 N  N   . ASN A 1 47 ? -7.961  -4.025  2.183   1.00 13.73 ? 491  ASN A N   1 
ATOM   345 C  CA  . ASN A 1 47 ? -7.959  -4.656  3.503   1.00 14.38 ? 491  ASN A CA  1 
ATOM   346 C  C   . ASN A 1 47 ? -6.631  -5.249  3.960   1.00 15.64 ? 491  ASN A C   1 
ATOM   347 O  O   . ASN A 1 47 ? -6.220  -5.025  5.100   1.00 11.38 ? 491  ASN A O   1 
ATOM   348 C  CB  . ASN A 1 47 ? -9.050  -5.726  3.573   1.00 20.21 ? 491  ASN A CB  1 
ATOM   349 C  CG  . ASN A 1 47 ? -10.433 -5.136  3.792   1.00 28.75 ? 491  ASN A CG  1 
ATOM   350 O  OD1 . ASN A 1 47 ? -11.433 -5.855  3.795   1.00 33.67 ? 491  ASN A OD1 1 
ATOM   351 N  ND2 . ASN A 1 47 ? -10.494 -3.822  3.985   1.00 32.05 ? 491  ASN A ND2 1 
ATOM   352 N  N   . VAL A 1 48 ? -5.960  -6.010  3.095   1.00 11.91 ? 492  VAL A N   1 
ATOM   353 C  CA  . VAL A 1 48 ? -4.682  -6.598  3.484   1.00 10.68 ? 492  VAL A CA  1 
ATOM   354 C  C   . VAL A 1 48 ? -3.577  -5.532  3.545   1.00 10.46 ? 492  VAL A C   1 
ATOM   355 O  O   . VAL A 1 48 ? -2.722  -5.573  4.429   1.00 9.73  ? 492  VAL A O   1 
ATOM   356 C  CB  . VAL A 1 48 ? -4.267  -7.766  2.533   1.00 9.24  ? 492  VAL A CB  1 
ATOM   357 C  CG1 . VAL A 1 48 ? -4.035  -7.260  1.124   1.00 11.50 ? 492  VAL A CG1 1 
ATOM   358 C  CG2 . VAL A 1 48 ? -3.022  -8.459  3.083   1.00 10.08 ? 492  VAL A CG2 1 
ATOM   359 N  N   . LEU A 1 49 ? -3.598  -4.565  2.630   1.00 10.78 ? 493  LEU A N   1 
ATOM   360 C  CA  . LEU A 1 49 ? -2.590  -3.502  2.663   1.00 10.01 ? 493  LEU A CA  1 
ATOM   361 C  C   . LEU A 1 49 ? -2.734  -2.668  3.938   1.00 10.63 ? 493  LEU A C   1 
ATOM   362 O  O   . LEU A 1 49 ? -1.743  -2.202  4.504   1.00 11.32 ? 493  LEU A O   1 
ATOM   363 C  CB  . LEU A 1 49 ? -2.714  -2.600  1.436   1.00 11.93 ? 493  LEU A CB  1 
ATOM   364 C  CG  . LEU A 1 49 ? -1.996  -3.120  0.187   1.00 18.17 ? 493  LEU A CG  1 
ATOM   365 C  CD1 . LEU A 1 49 ? -2.322  -2.247  -1.018  1.00 19.42 ? 493  LEU A CD1 1 
ATOM   366 C  CD2 . LEU A 1 49 ? -0.493  -3.134  0.451   1.00 17.56 ? 493  LEU A CD2 1 
ATOM   367 N  N   . ALA A 1 50 ? -3.971  -2.485  4.384   1.00 11.13 ? 494  ALA A N   1 
ATOM   368 C  CA  . ALA A 1 50 ? -4.240  -1.720  5.601   1.00 14.98 ? 494  ALA A CA  1 
ATOM   369 C  C   . ALA A 1 50 ? -3.588  -2.411  6.801   1.00 14.35 ? 494  ALA A C   1 
ATOM   370 O  O   . ALA A 1 50 ? -2.868  -1.778  7.574   1.00 17.62 ? 494  ALA A O   1 
ATOM   371 C  CB  . ALA A 1 50 ? -5.742  -1.595  5.820   1.00 12.59 ? 494  ALA A CB  1 
ATOM   372 N  N   . GLN A 1 51 ? -3.844  -3.709  6.949   1.00 14.75 ? 495  GLN A N   1 
ATOM   373 C  CA  . GLN A 1 51 ? -3.266  -4.488  8.048   1.00 14.52 ? 495  GLN A CA  1 
ATOM   374 C  C   . GLN A 1 51 ? -1.743  -4.380  8.051   1.00 12.94 ? 495  GLN A C   1 
ATOM   375 O  O   . GLN A 1 51 ? -1.123  -4.199  9.101   1.00 10.33 ? 495  GLN A O   1 
ATOM   376 C  CB  . GLN A 1 51 ? -3.663  -5.962  7.925   1.00 16.82 ? 495  GLN A CB  1 
ATOM   377 C  CG  . GLN A 1 51 ? -5.117  -6.244  8.250   1.00 23.90 ? 495  GLN A CG  1 
ATOM   378 C  CD  . GLN A 1 51 ? -5.491  -5.790  9.648   1.00 26.09 ? 495  GLN A CD  1 
ATOM   379 O  OE1 . GLN A 1 51 ? -4.814  -6.120  10.622  1.00 29.76 ? 495  GLN A OE1 1 
ATOM   380 N  NE2 . GLN A 1 51 ? -6.576  -5.031  9.754   1.00 27.96 ? 495  GLN A NE2 1 
ATOM   381 N  N   . ILE A 1 52 ? -1.144  -4.508  6.871   1.00 9.21  ? 496  ILE A N   1 
ATOM   382 C  CA  . ILE A 1 52 ? 0.311   -4.411  6.730   1.00 9.78  ? 496  ILE A CA  1 
ATOM   383 C  C   . ILE A 1 52 ? 0.833   -3.027  7.150   1.00 11.98 ? 496  ILE A C   1 
ATOM   384 O  O   . ILE A 1 52 ? 1.742   -2.915  7.976   1.00 8.84  ? 496  ILE A O   1 
ATOM   385 C  CB  . ILE A 1 52 ? 0.731   -4.680  5.260   1.00 10.70 ? 496  ILE A CB  1 
ATOM   386 C  CG1 . ILE A 1 52 ? 0.448   -6.142  4.901   1.00 12.68 ? 496  ILE A CG1 1 
ATOM   387 C  CG2 . ILE A 1 52 ? 2.193   -4.331  5.055   1.00 11.97 ? 496  ILE A CG2 1 
ATOM   388 C  CD1 . ILE A 1 52 ? 0.698   -6.478  3.437   1.00 12.21 ? 496  ILE A CD1 1 
ATOM   389 N  N   . LEU A 1 53 ? 0.260   -1.975  6.571   1.00 13.21 ? 497  LEU A N   1 
ATOM   390 C  CA  . LEU A 1 53 ? 0.672   -0.610  6.877   1.00 15.72 ? 497  LEU A CA  1 
ATOM   391 C  C   . LEU A 1 53 ? 0.460   -0.256  8.351   1.00 15.68 ? 497  LEU A C   1 
ATOM   392 O  O   . LEU A 1 53 ? 1.223   0.518   8.927   1.00 15.30 ? 497  LEU A O   1 
ATOM   393 C  CB  . LEU A 1 53 ? -0.074  0.380   5.973   1.00 13.04 ? 497  LEU A CB  1 
ATOM   394 C  CG  . LEU A 1 53 ? 0.386   0.334   4.509   1.00 14.86 ? 497  LEU A CG  1 
ATOM   395 C  CD1 . LEU A 1 53 ? -0.517  1.203   3.644   1.00 14.78 ? 497  LEU A CD1 1 
ATOM   396 C  CD2 . LEU A 1 53 ? 1.839   0.795   4.403   1.00 10.02 ? 497  LEU A CD2 1 
ATOM   397 N  N   . LYS A 1 54 ? -0.572  -0.829  8.959   1.00 17.57 ? 498  LYS A N   1 
ATOM   398 C  CA  . LYS A 1 54 ? -0.842  -0.568  10.369  1.00 20.56 ? 498  LYS A CA  1 
ATOM   399 C  C   . LYS A 1 54 ? 0.284   -1.149  11.211  1.00 16.97 ? 498  LYS A C   1 
ATOM   400 O  O   . LYS A 1 54 ? 0.790   -0.487  12.110  1.00 15.10 ? 498  LYS A O   1 
ATOM   401 C  CB  . LYS A 1 54 ? -2.175  -1.188  10.792  1.00 21.17 ? 498  LYS A CB  1 
ATOM   402 C  CG  . LYS A 1 54 ? -3.389  -0.469  10.243  1.00 29.75 ? 498  LYS A CG  1 
ATOM   403 C  CD  . LYS A 1 54 ? -4.677  -1.159  10.664  1.00 34.52 ? 498  LYS A CD  1 
ATOM   404 C  CE  . LYS A 1 54 ? -5.896  -0.451  10.095  1.00 35.44 ? 498  LYS A CE  1 
ATOM   405 N  NZ  . LYS A 1 54 ? -7.167  -1.127  10.491  1.00 39.62 ? 498  LYS A NZ  1 
ATOM   406 N  N   . ARG A 1 55 ? 0.682   -2.383  10.909  1.00 17.74 ? 499  ARG A N   1 
ATOM   407 C  CA  . ARG A 1 55 ? 1.758   -3.038  11.649  1.00 17.04 ? 499  ARG A CA  1 
ATOM   408 C  C   . ARG A 1 55 ? 3.108   -2.366  11.447  1.00 16.80 ? 499  ARG A C   1 
ATOM   409 O  O   . ARG A 1 55 ? 3.869   -2.181  12.401  1.00 16.14 ? 499  ARG A O   1 
ATOM   410 C  CB  . ARG A 1 55 ? 1.884   -4.513  11.251  1.00 16.10 ? 499  ARG A CB  1 
ATOM   411 C  CG  . ARG A 1 55 ? 0.811   -5.427  11.814  1.00 19.29 ? 499  ARG A CG  1 
ATOM   412 C  CD  . ARG A 1 55 ? 1.250   -6.884  11.693  1.00 16.17 ? 499  ARG A CD  1 
ATOM   413 N  NE  . ARG A 1 55 ? 1.575   -7.243  10.313  1.00 11.77 ? 499  ARG A NE  1 
ATOM   414 C  CZ  . ARG A 1 55 ? 0.685   -7.652  9.417   1.00 11.91 ? 499  ARG A CZ  1 
ATOM   415 N  NH1 . ARG A 1 55 ? -0.592  -7.765  9.754   1.00 14.67 ? 499  ARG A NH1 1 
ATOM   416 N  NH2 . ARG A 1 55 ? 1.071   -7.940  8.177   1.00 13.09 ? 499  ARG A NH2 1 
ATOM   417 N  N   . LEU A 1 56 ? 3.418   -2.019  10.203  1.00 15.47 ? 500  LEU A N   1 
ATOM   418 C  CA  . LEU A 1 56 ? 4.696   -1.370  9.891   1.00 15.01 ? 500  LEU A CA  1 
ATOM   419 C  C   . LEU A 1 56 ? 4.769   0.062   10.409  1.00 15.52 ? 500  LEU A C   1 
ATOM   420 O  O   . LEU A 1 56 ? 5.852   0.553   10.735  1.00 14.98 ? 500  LEU A O   1 
ATOM   421 C  CB  . LEU A 1 56 ? 4.932   -1.360  8.377   1.00 14.84 ? 500  LEU A CB  1 
ATOM   422 C  CG  . LEU A 1 56 ? 5.061   -2.695  7.637   1.00 14.62 ? 500  LEU A CG  1 
ATOM   423 C  CD1 . LEU A 1 56 ? 5.103   -2.436  6.138   1.00 13.69 ? 500  LEU A CD1 1 
ATOM   424 C  CD2 . LEU A 1 56 ? 6.323   -3.414  8.084   1.00 14.62 ? 500  LEU A CD2 1 
ATOM   425 N  N   . ASN A 1 57 ? 3.617   0.728   10.465  1.00 14.24 ? 501  ASN A N   1 
ATOM   426 C  CA  . ASN A 1 57 ? 3.534   2.116   10.920  1.00 14.61 ? 501  ASN A CA  1 
ATOM   427 C  C   . ASN A 1 57 ? 4.747   2.884   10.402  1.00 15.78 ? 501  ASN A C   1 
ATOM   428 O  O   . ASN A 1 57 ? 5.567   3.375   11.176  1.00 16.77 ? 501  ASN A O   1 
ATOM   429 C  CB  . ASN A 1 57 ? 3.471   2.169   12.451  1.00 17.59 ? 501  ASN A CB  1 
ATOM   430 C  CG  . ASN A 1 57 ? 3.108   3.551   12.978  1.00 16.88 ? 501  ASN A CG  1 
ATOM   431 O  OD1 . ASN A 1 57 ? 2.407   4.314   12.319  1.00 18.84 ? 501  ASN A OD1 1 
ATOM   432 N  ND2 . ASN A 1 57 ? 3.568   3.865   14.180  1.00 17.76 ? 501  ASN A ND2 1 
ATOM   433 N  N   . PRO A 1 58 ? 4.878   2.990   9.069   1.00 14.84 ? 502  PRO A N   1 
ATOM   434 C  CA  . PRO A 1 58 ? 6.002   3.697   8.452   1.00 11.86 ? 502  PRO A CA  1 
ATOM   435 C  C   . PRO A 1 58 ? 6.044   5.185   8.770   1.00 13.20 ? 502  PRO A C   1 
ATOM   436 O  O   . PRO A 1 58 ? 5.027   5.800   9.098   1.00 11.34 ? 502  PRO A O   1 
ATOM   437 C  CB  . PRO A 1 58 ? 5.778   3.474   6.949   1.00 11.86 ? 502  PRO A CB  1 
ATOM   438 C  CG  . PRO A 1 58 ? 4.899   2.274   6.875   1.00 12.93 ? 502  PRO A CG  1 
ATOM   439 C  CD  . PRO A 1 58 ? 3.959   2.488   8.035   1.00 14.25 ? 502  PRO A CD  1 
ATOM   440 N  N   . GLU A 1 59 ? 7.237   5.756   8.663   1.00 15.71 ? 503  GLU A N   1 
ATOM   441 C  CA  . GLU A 1 59 ? 7.430   7.182   8.872   1.00 20.27 ? 503  GLU A CA  1 
ATOM   442 C  C   . GLU A 1 59 ? 6.556   7.830   7.801   1.00 20.54 ? 503  GLU A C   1 
ATOM   443 O  O   . GLU A 1 59 ? 6.325   7.236   6.744   1.00 19.11 ? 503  GLU A O   1 
ATOM   444 C  CB  . GLU A 1 59 ? 8.892   7.555   8.606   1.00 20.40 ? 503  GLU A CB  1 
ATOM   445 C  CG  . GLU A 1 59 ? 9.708   7.979   9.806   1.00 21.88 ? 503  GLU A CG  1 
ATOM   446 C  CD  . GLU A 1 59 ? 11.148  8.262   9.428   1.00 21.37 ? 503  GLU A CD  1 
ATOM   447 O  OE1 . GLU A 1 59 ? 11.909  8.754   10.280  1.00 23.56 ? 503  GLU A OE1 1 
ATOM   448 O  OE2 . GLU A 1 59 ? 11.521  7.985   8.268   1.00 20.22 ? 503  GLU A OE2 1 
ATOM   449 N  N   . ARG A 1 60 ? 6.065   9.035   8.064   1.00 23.32 ? 504  ARG A N   1 
ATOM   450 C  CA  . ARG A 1 60 ? 5.242   9.726   7.084   1.00 23.64 ? 504  ARG A CA  1 
ATOM   451 C  C   . ARG A 1 60 ? 5.927   11.019  6.680   1.00 27.02 ? 504  ARG A C   1 
ATOM   452 O  O   . ARG A 1 60 ? 6.194   11.881  7.517   1.00 29.92 ? 504  ARG A O   1 
ATOM   453 C  CB  . ARG A 1 60 ? 3.854   10.014  7.647   1.00 26.98 ? 504  ARG A CB  1 
ATOM   454 C  CG  . ARG A 1 60 ? 3.085   8.751   7.986   1.00 31.39 ? 504  ARG A CG  1 
ATOM   455 C  CD  . ARG A 1 60 ? 1.658   9.046   8.385   1.00 35.03 ? 504  ARG A CD  1 
ATOM   456 N  NE  . ARG A 1 60 ? 0.973   7.824   8.789   1.00 38.73 ? 504  ARG A NE  1 
ATOM   457 C  CZ  . ARG A 1 60 ? -0.343  7.716   8.935   1.00 41.22 ? 504  ARG A CZ  1 
ATOM   458 N  NH1 . ARG A 1 60 ? -1.127  8.762   8.707   1.00 37.77 ? 504  ARG A NH1 1 
ATOM   459 N  NH2 . ARG A 1 60 ? -0.874  6.559   9.309   1.00 41.90 ? 504  ARG A NH2 1 
ATOM   460 N  N   . LYS A 1 61 ? 6.212   11.145  5.390   1.00 23.27 ? 505  LYS A N   1 
ATOM   461 C  CA  . LYS A 1 61 ? 6.889   12.321  4.876   1.00 24.28 ? 505  LYS A CA  1 
ATOM   462 C  C   . LYS A 1 61 ? 6.058   13.052  3.838   1.00 21.68 ? 505  LYS A C   1 
ATOM   463 O  O   . LYS A 1 61 ? 5.386   12.432  3.018   1.00 21.53 ? 505  LYS A O   1 
ATOM   464 C  CB  . LYS A 1 61 ? 8.226   11.913  4.256   1.00 25.96 ? 505  LYS A CB  1 
ATOM   465 C  CG  . LYS A 1 61 ? 9.180   11.252  5.233   1.00 27.77 ? 505  LYS A CG  1 
ATOM   466 C  CD  . LYS A 1 61 ? 10.555  11.074  4.621   1.00 33.19 ? 505  LYS A CD  1 
ATOM   467 C  CE  . LYS A 1 61 ? 11.580  10.696  5.681   1.00 33.85 ? 505  LYS A CE  1 
ATOM   468 N  NZ  . LYS A 1 61 ? 12.968  10.756  5.146   1.00 33.67 ? 505  LYS A NZ  1 
ATOM   469 N  N   . MET A 1 62 ? 6.109   14.377  3.878   1.00 21.53 ? 506  MET A N   1 
ATOM   470 C  CA  . MET A 1 62 ? 5.383   15.188  2.914   1.00 20.72 ? 506  MET A CA  1 
ATOM   471 C  C   . MET A 1 62 ? 6.303   15.454  1.730   1.00 20.32 ? 506  MET A C   1 
ATOM   472 O  O   . MET A 1 62 ? 7.360   16.067  1.878   1.00 21.39 ? 506  MET A O   1 
ATOM   473 C  CB  . MET A 1 62 ? 4.950   16.520  3.536   1.00 23.67 ? 506  MET A CB  1 
ATOM   474 C  CG  . MET A 1 62 ? 3.914   16.386  4.637   1.00 27.60 ? 506  MET A CG  1 
ATOM   475 S  SD  . MET A 1 62 ? 2.431   15.527  4.070   1.00 31.37 ? 506  MET A SD  1 
ATOM   476 C  CE  . MET A 1 62 ? 1.720   16.778  3.001   1.00 24.61 ? 506  MET A CE  1 
ATOM   477 N  N   . ILE A 1 63 ? 5.904   14.970  0.559   1.00 16.76 ? 507  ILE A N   1 
ATOM   478 C  CA  . ILE A 1 63 ? 6.678   15.161  -0.660  1.00 15.10 ? 507  ILE A CA  1 
ATOM   479 C  C   . ILE A 1 63 ? 5.687   15.611  -1.726  1.00 13.19 ? 507  ILE A C   1 
ATOM   480 O  O   . ILE A 1 63 ? 4.661   14.970  -1.928  1.00 9.92  ? 507  ILE A O   1 
ATOM   481 C  CB  . ILE A 1 63 ? 7.373   13.844  -1.094  1.00 15.51 ? 507  ILE A CB  1 
ATOM   482 C  CG1 . ILE A 1 63 ? 8.316   13.374  0.021   1.00 18.83 ? 507  ILE A CG1 1 
ATOM   483 C  CG2 . ILE A 1 63 ? 8.157   14.068  -2.385  1.00 12.53 ? 507  ILE A CG2 1 
ATOM   484 C  CD1 . ILE A 1 63 ? 9.045   12.072  -0.271  1.00 20.75 ? 507  ILE A CD1 1 
ATOM   485 N  N   . ASN A 1 64 ? 5.986   16.722  -2.389  1.00 13.85 ? 508  ASN A N   1 
ATOM   486 C  CA  . ASN A 1 64 ? 5.086   17.268  -3.401  1.00 16.55 ? 508  ASN A CA  1 
ATOM   487 C  C   . ASN A 1 64 ? 3.715   17.511  -2.776  1.00 15.83 ? 508  ASN A C   1 
ATOM   488 O  O   . ASN A 1 64 ? 2.695   17.208  -3.378  1.00 14.55 ? 508  ASN A O   1 
ATOM   489 C  CB  . ASN A 1 64 ? 4.928   16.308  -4.584  1.00 17.34 ? 508  ASN A CB  1 
ATOM   490 C  CG  . ASN A 1 64 ? 6.231   16.050  -5.301  1.00 18.52 ? 508  ASN A CG  1 
ATOM   491 O  OD1 . ASN A 1 64 ? 7.041   16.958  -5.482  1.00 22.17 ? 508  ASN A OD1 1 
ATOM   492 N  ND2 . ASN A 1 64 ? 6.438   14.808  -5.727  1.00 16.43 ? 508  ASN A ND2 1 
ATOM   493 N  N   . ASP A 1 65 ? 3.702   18.047  -1.560  1.00 19.11 ? 509  ASP A N   1 
ATOM   494 C  CA  . ASP A 1 65 ? 2.452   18.336  -0.858  1.00 19.33 ? 509  ASP A CA  1 
ATOM   495 C  C   . ASP A 1 65 ? 1.561   17.119  -0.662  1.00 19.18 ? 509  ASP A C   1 
ATOM   496 O  O   . ASP A 1 65 ? 0.338   17.242  -0.585  1.00 18.72 ? 509  ASP A O   1 
ATOM   497 C  CB  . ASP A 1 65 ? 1.660   19.417  -1.601  1.00 20.35 ? 509  ASP A CB  1 
ATOM   498 C  CG  . ASP A 1 65 ? 2.287   20.792  -1.468  1.00 22.38 ? 509  ASP A CG  1 
ATOM   499 O  OD1 . ASP A 1 65 ? 3.149   20.965  -0.586  1.00 22.10 ? 509  ASP A OD1 1 
ATOM   500 O  OD2 . ASP A 1 65 ? 1.906   21.700  -2.235  1.00 28.48 ? 509  ASP A OD2 1 
ATOM   501 N  N   . LYS A 1 66 ? 2.177   15.947  -0.562  1.00 14.66 ? 510  LYS A N   1 
ATOM   502 C  CA  . LYS A 1 66 ? 1.425   14.721  -0.386  1.00 15.44 ? 510  LYS A CA  1 
ATOM   503 C  C   . LYS A 1 66 ? 2.163   13.820  0.592   1.00 14.88 ? 510  LYS A C   1 
ATOM   504 O  O   . LYS A 1 66 ? 3.379   13.669  0.506   1.00 13.24 ? 510  LYS A O   1 
ATOM   505 C  CB  . LYS A 1 66 ? 1.265   14.026  -1.742  1.00 20.39 ? 510  LYS A CB  1 
ATOM   506 C  CG  . LYS A 1 66 ? 0.349   12.821  -1.738  1.00 24.38 ? 510  LYS A CG  1 
ATOM   507 C  CD  . LYS A 1 66 ? -1.096  13.217  -1.492  1.00 26.86 ? 510  LYS A CD  1 
ATOM   508 C  CE  . LYS A 1 66 ? -2.008  12.002  -1.553  1.00 29.48 ? 510  LYS A CE  1 
ATOM   509 N  NZ  . LYS A 1 66 ? -3.438  12.368  -1.350  1.00 32.75 ? 510  LYS A NZ  1 
ATOM   510 N  N   . MET A 1 67 ? 1.418   13.232  1.526   1.00 14.70 ? 511  MET A N   1 
ATOM   511 C  CA  . MET A 1 67 ? 1.986   12.339  2.532   1.00 17.46 ? 511  MET A CA  1 
ATOM   512 C  C   . MET A 1 67 ? 2.438   11.043  1.868   1.00 15.48 ? 511  MET A C   1 
ATOM   513 O  O   . MET A 1 67 ? 1.678   10.431  1.129   1.00 19.09 ? 511  MET A O   1 
ATOM   514 C  CB  . MET A 1 67 ? 0.935   12.024  3.611   1.00 19.80 ? 511  MET A CB  1 
ATOM   515 C  CG  . MET A 1 67 ? 1.433   11.188  4.803   1.00 24.51 ? 511  MET A CG  1 
ATOM   516 S  SD  . MET A 1 67 ? 1.608   9.395   4.512   1.00 30.85 ? 511  MET A SD  1 
ATOM   517 C  CE  . MET A 1 67 ? -0.097  8.868   4.686   1.00 27.53 ? 511  MET A CE  1 
ATOM   518 N  N   . HIS A 1 68 ? 3.679   10.648  2.132   1.00 15.33 ? 512  HIS A N   1 
ATOM   519 C  CA  . HIS A 1 68 ? 4.254   9.418   1.596   1.00 14.48 ? 512  HIS A CA  1 
ATOM   520 C  C   . HIS A 1 68 ? 4.699   8.565   2.783   1.00 14.00 ? 512  HIS A C   1 
ATOM   521 O  O   . HIS A 1 68 ? 5.176   9.100   3.782   1.00 16.97 ? 512  HIS A O   1 
ATOM   522 C  CB  . HIS A 1 68 ? 5.508   9.702   0.756   1.00 15.66 ? 512  HIS A CB  1 
ATOM   523 C  CG  . HIS A 1 68 ? 5.242   10.324  -0.582  1.00 13.42 ? 512  HIS A CG  1 
ATOM   524 N  ND1 . HIS A 1 68 ? 4.548   11.505  -0.735  1.00 14.68 ? 512  HIS A ND1 1 
ATOM   525 C  CD2 . HIS A 1 68 ? 5.658   9.970   -1.820  1.00 13.77 ? 512  HIS A CD2 1 
ATOM   526 C  CE1 . HIS A 1 68 ? 4.554   11.855  -2.009  1.00 11.96 ? 512  HIS A CE1 1 
ATOM   527 N  NE2 . HIS A 1 68 ? 5.222   10.941  -2.689  1.00 13.52 ? 512  HIS A NE2 1 
ATOM   528 N  N   . PHE A 1 69 ? 4.547   7.247   2.672   1.00 12.39 ? 513  PHE A N   1 
ATOM   529 C  CA  . PHE A 1 69 ? 5.003   6.341   3.721   1.00 11.13 ? 513  PHE A CA  1 
ATOM   530 C  C   . PHE A 1 69 ? 6.463   6.088   3.384   1.00 13.43 ? 513  PHE A C   1 
ATOM   531 O  O   . PHE A 1 69 ? 6.845   6.165   2.217   1.00 13.33 ? 513  PHE A O   1 
ATOM   532 C  CB  . PHE A 1 69 ? 4.238   5.014   3.687   1.00 12.22 ? 513  PHE A CB  1 
ATOM   533 C  CG  . PHE A 1 69 ? 2.840   5.107   4.210   1.00 14.90 ? 513  PHE A CG  1 
ATOM   534 C  CD1 . PHE A 1 69 ? 1.752   5.037   3.346   1.00 18.42 ? 513  PHE A CD1 1 
ATOM   535 C  CD2 . PHE A 1 69 ? 2.606   5.268   5.574   1.00 14.57 ? 513  PHE A CD2 1 
ATOM   536 C  CE1 . PHE A 1 69 ? 0.447   5.126   3.835   1.00 15.95 ? 513  PHE A CE1 1 
ATOM   537 C  CE2 . PHE A 1 69 ? 1.303   5.358   6.070   1.00 16.25 ? 513  PHE A CE2 1 
ATOM   538 C  CZ  . PHE A 1 69 ? 0.226   5.287   5.197   1.00 11.78 ? 513  PHE A CZ  1 
ATOM   539 N  N   . SER A 1 70 ? 7.283   5.794   4.387   1.00 12.99 ? 514  SER A N   1 
ATOM   540 C  CA  . SER A 1 70 ? 8.693   5.562   4.127   1.00 11.89 ? 514  SER A CA  1 
ATOM   541 C  C   . SER A 1 70 ? 9.438   4.777   5.207   1.00 14.02 ? 514  SER A C   1 
ATOM   542 O  O   . SER A 1 70 ? 9.264   5.012   6.403   1.00 14.34 ? 514  SER A O   1 
ATOM   543 C  CB  . SER A 1 70 ? 9.399   6.902   3.898   1.00 12.95 ? 514  SER A CB  1 
ATOM   544 O  OG  . SER A 1 70 ? 10.779  6.710   3.651   1.00 10.86 ? 514  SER A OG  1 
ATOM   545 N  N   . LEU A 1 71 ? 10.257  3.830   4.761   1.00 13.34 ? 515  LEU A N   1 
ATOM   546 C  CA  . LEU A 1 71 ? 11.088  3.023   5.646   1.00 16.06 ? 515  LEU A CA  1 
ATOM   547 C  C   . LEU A 1 71 ? 12.525  3.294   5.200   1.00 18.41 ? 515  LEU A C   1 
ATOM   548 O  O   . LEU A 1 71 ? 13.459  2.573   5.543   1.00 18.40 ? 515  LEU A O   1 
ATOM   549 C  CB  . LEU A 1 71 ? 10.761  1.532   5.508   1.00 16.42 ? 515  LEU A CB  1 
ATOM   550 C  CG  . LEU A 1 71 ? 9.329   1.088   5.838   1.00 19.74 ? 515  LEU A CG  1 
ATOM   551 C  CD1 . LEU A 1 71 ? 9.256   -0.438  5.794   1.00 19.06 ? 515  LEU A CD1 1 
ATOM   552 C  CD2 . LEU A 1 71 ? 8.922   1.594   7.220   1.00 19.09 ? 515  LEU A CD2 1 
ATOM   553 N  N   . LYS A 1 72 ? 12.682  4.348   4.411   1.00 19.86 ? 516  LYS A N   1 
ATOM   554 C  CA  . LYS A 1 72 ? 13.988  4.734   3.919   1.00 24.65 ? 516  LYS A CA  1 
ATOM   555 C  C   . LYS A 1 72 ? 14.649  5.620   4.973   1.00 26.86 ? 516  LYS A C   1 
ATOM   556 O  O   . LYS A 1 72 ? 14.576  6.841   4.905   1.00 23.77 ? 516  LYS A O   1 
ATOM   557 C  CB  . LYS A 1 72 ? 13.843  5.486   2.592   1.00 27.77 ? 516  LYS A CB  1 
ATOM   558 C  CG  . LYS A 1 72 ? 15.149  5.722   1.854   1.00 30.46 ? 516  LYS A CG  1 
ATOM   559 C  CD  . LYS A 1 72 ? 14.891  6.338   0.489   1.00 33.29 ? 516  LYS A CD  1 
ATOM   560 C  CE  . LYS A 1 72 ? 16.177  6.476   -0.318  1.00 36.60 ? 516  LYS A CE  1 
ATOM   561 N  NZ  . LYS A 1 72 ? 15.914  7.002   -1.688  1.00 39.25 ? 516  LYS A NZ  1 
ATOM   562 N  N   . GLU A 1 73 ? 15.257  4.970   5.965   1.00 31.14 ? 517  GLU A N   1 
ATOM   563 C  CA  . GLU A 1 73 ? 15.974  5.619   7.067   1.00 29.97 ? 517  GLU A CA  1 
ATOM   564 C  C   . GLU A 1 73 ? 15.398  6.935   7.598   1.00 28.85 ? 517  GLU A C   1 
ATOM   565 O  O   . GLU A 1 73 ? 14.314  6.892   8.215   1.00 23.50 ? 517  GLU A O   1 
ATOM   566 C  CB  . GLU A 1 73 ? 17.433  5.817   6.655   1.00 33.59 ? 517  GLU A CB  1 
ATOM   567 C  CG  . GLU A 1 73 ? 17.610  6.592   5.366   1.00 35.72 ? 517  GLU A CG  1 
ATOM   568 C  CD  . GLU A 1 73 ? 18.912  6.265   4.667   1.00 38.39 ? 517  GLU A CD  1 
ATOM   569 O  OE1 . GLU A 1 73 ? 19.032  5.141   4.136   1.00 40.60 ? 517  GLU A OE1 1 
ATOM   570 O  OE2 . GLU A 1 73 ? 19.815  7.127   4.653   1.00 41.33 ? 517  GLU A OE2 1 
ATOM   571 O  OXT . GLU A 1 73 ? 16.039  7.991   7.406   1.00 28.33 ? 517  GLU A OXT 1 
ATOM   572 N  N   . SER B 2 1  ? -10.127 7.928   -10.929 1.00 42.66 ? 944  SER B N   1 
ATOM   573 C  CA  . SER B 2 1  ? -9.712  6.541   -11.274 1.00 42.12 ? 944  SER B CA  1 
ATOM   574 C  C   . SER B 2 1  ? -10.040 5.575   -10.145 1.00 42.02 ? 944  SER B C   1 
ATOM   575 O  O   . SER B 2 1  ? -10.431 5.986   -9.052  1.00 40.38 ? 944  SER B O   1 
ATOM   576 C  CB  . SER B 2 1  ? -8.209  6.493   -11.556 1.00 43.05 ? 944  SER B CB  1 
ATOM   577 O  OG  . SER B 2 1  ? -7.781  5.163   -11.786 1.00 43.86 ? 944  SER B OG  1 
ATOM   578 N  N   . GLU B 2 2  ? -9.878  4.284   -10.415 1.00 40.03 ? 945  GLU B N   1 
ATOM   579 C  CA  . GLU B 2 2  ? -10.153 3.270   -9.412  1.00 39.22 ? 945  GLU B CA  1 
ATOM   580 C  C   . GLU B 2 2  ? -9.045  3.276   -8.372  1.00 36.19 ? 945  GLU B C   1 
ATOM   581 O  O   . GLU B 2 2  ? -9.284  3.004   -7.198  1.00 34.49 ? 945  GLU B O   1 
ATOM   582 C  CB  . GLU B 2 2  ? -10.243 1.886   -10.057 1.00 41.10 ? 945  GLU B CB  1 
ATOM   583 C  CG  . GLU B 2 2  ? -10.629 0.793   -9.075  1.00 45.58 ? 945  GLU B CG  1 
ATOM   584 C  CD  . GLU B 2 2  ? -10.754 -0.563  -9.730  1.00 48.70 ? 945  GLU B CD  1 
ATOM   585 O  OE1 . GLU B 2 2  ? -9.732  -1.076  -10.238 1.00 50.00 ? 945  GLU B OE1 1 
ATOM   586 O  OE2 . GLU B 2 2  ? -11.876 -1.114  -9.738  1.00 49.29 ? 945  GLU B OE2 1 
ATOM   587 N  N   . ALA B 2 3  ? -7.831  3.587   -8.815  1.00 33.39 ? 946  ALA B N   1 
ATOM   588 C  CA  . ALA B 2 3  ? -6.680  3.636   -7.927  1.00 30.81 ? 946  ALA B CA  1 
ATOM   589 C  C   . ALA B 2 3  ? -6.896  4.740   -6.901  1.00 28.92 ? 946  ALA B C   1 
ATOM   590 O  O   . ALA B 2 3  ? -6.544  4.596   -5.731  1.00 25.82 ? 946  ALA B O   1 
ATOM   591 C  CB  . ALA B 2 3  ? -5.414  3.902   -8.728  1.00 32.90 ? 946  ALA B CB  1 
ATOM   592 N  N   . ASP B 2 4  ? -7.481  5.843   -7.356  1.00 27.78 ? 947  ASP B N   1 
ATOM   593 C  CA  . ASP B 2 4  ? -7.769  6.979   -6.492  1.00 27.40 ? 947  ASP B CA  1 
ATOM   594 C  C   . ASP B 2 4  ? -8.792  6.592   -5.432  1.00 24.35 ? 947  ASP B C   1 
ATOM   595 O  O   . ASP B 2 4  ? -8.652  6.953   -4.265  1.00 24.06 ? 947  ASP B O   1 
ATOM   596 C  CB  . ASP B 2 4  ? -8.305  8.148   -7.322  1.00 30.96 ? 947  ASP B CB  1 
ATOM   597 C  CG  . ASP B 2 4  ? -7.298  8.647   -8.339  1.00 35.10 ? 947  ASP B CG  1 
ATOM   598 O  OD1 . ASP B 2 4  ? -6.219  9.123   -7.923  1.00 35.55 ? 947  ASP B OD1 1 
ATOM   599 O  OD2 . ASP B 2 4  ? -7.582  8.560   -9.553  1.00 37.69 ? 947  ASP B OD2 1 
ATOM   600 N  N   . GLU B 2 5  ? -9.823  5.860   -5.843  1.00 23.65 ? 948  GLU B N   1 
ATOM   601 C  CA  . GLU B 2 5  ? -10.864 5.425   -4.918  1.00 22.73 ? 948  GLU B CA  1 
ATOM   602 C  C   . GLU B 2 5  ? -10.276 4.461   -3.900  1.00 18.68 ? 948  GLU B C   1 
ATOM   603 O  O   . GLU B 2 5  ? -10.518 4.576   -2.700  1.00 19.14 ? 948  GLU B O   1 
ATOM   604 C  CB  . GLU B 2 5  ? -12.004 4.738   -5.676  1.00 25.00 ? 948  GLU B CB  1 
ATOM   605 C  CG  . GLU B 2 5  ? -12.702 5.631   -6.692  1.00 30.50 ? 948  GLU B CG  1 
ATOM   606 C  CD  . GLU B 2 5  ? -13.136 6.957   -6.097  1.00 32.16 ? 948  GLU B CD  1 
ATOM   607 O  OE1 . GLU B 2 5  ? -13.806 6.940   -5.044  1.00 36.14 ? 948  GLU B OE1 1 
ATOM   608 O  OE2 . GLU B 2 5  ? -12.810 8.015   -6.679  1.00 36.41 ? 948  GLU B OE2 1 
ATOM   609 N  N   . MET B 2 6  ? -9.495  3.506   -4.383  1.00 14.46 ? 949  MET B N   1 
ATOM   610 C  CA  . MET B 2 6  ? -8.880  2.536   -3.497  1.00 15.13 ? 949  MET B CA  1 
ATOM   611 C  C   . MET B 2 6  ? -7.955  3.220   -2.490  1.00 11.87 ? 949  MET B C   1 
ATOM   612 O  O   . MET B 2 6  ? -7.920  2.842   -1.319  1.00 13.34 ? 949  MET B O   1 
ATOM   613 C  CB  . MET B 2 6  ? -8.116  1.497   -4.317  1.00 18.46 ? 949  MET B CB  1 
ATOM   614 C  CG  . MET B 2 6  ? -9.017  0.626   -5.171  1.00 23.68 ? 949  MET B CG  1 
ATOM   615 S  SD  . MET B 2 6  ? -8.095  -0.539  -6.179  1.00 32.36 ? 949  MET B SD  1 
ATOM   616 C  CE  . MET B 2 6  ? -7.445  -1.600  -4.922  1.00 20.27 ? 949  MET B CE  1 
ATOM   617 N  N   . ALA B 2 7  ? -7.225  4.235   -2.944  1.00 13.75 ? 950  ALA B N   1 
ATOM   618 C  CA  . ALA B 2 7  ? -6.316  4.971   -2.070  1.00 14.61 ? 950  ALA B CA  1 
ATOM   619 C  C   . ALA B 2 7  ? -7.077  5.674   -0.948  1.00 17.95 ? 950  ALA B C   1 
ATOM   620 O  O   . ALA B 2 7  ? -6.640  5.671   0.204   1.00 18.61 ? 950  ALA B O   1 
ATOM   621 C  CB  . ALA B 2 7  ? -5.519  5.990   -2.878  1.00 15.93 ? 950  ALA B CB  1 
ATOM   622 N  N   . LYS B 2 8  ? -8.206  6.291   -1.284  1.00 17.06 ? 951  LYS B N   1 
ATOM   623 C  CA  . LYS B 2 8  ? -9.004  6.969   -0.272  1.00 19.03 ? 951  LYS B CA  1 
ATOM   624 C  C   . LYS B 2 8  ? -9.534  5.923   0.690   1.00 17.83 ? 951  LYS B C   1 
ATOM   625 O  O   . LYS B 2 8  ? -9.541  6.131   1.902   1.00 21.48 ? 951  LYS B O   1 
ATOM   626 C  CB  . LYS B 2 8  ? -10.183 7.717   -0.904  1.00 19.26 ? 951  LYS B CB  1 
ATOM   627 C  CG  . LYS B 2 8  ? -9.797  8.940   -1.722  1.00 29.80 ? 951  LYS B CG  1 
ATOM   628 C  CD  . LYS B 2 8  ? -11.033 9.635   -2.289  1.00 31.96 ? 951  LYS B CD  1 
ATOM   629 C  CE  . LYS B 2 8  ? -11.820 8.702   -3.203  1.00 36.82 ? 951  LYS B CE  1 
ATOM   630 N  NZ  . LYS B 2 8  ? -13.043 9.336   -3.778  1.00 38.85 ? 951  LYS B NZ  1 
ATOM   631 N  N   . ALA B 2 9  ? -9.979  4.794   0.148   1.00 19.24 ? 952  ALA B N   1 
ATOM   632 C  CA  . ALA B 2 9  ? -10.510 3.722   0.980   1.00 20.03 ? 952  ALA B CA  1 
ATOM   633 C  C   . ALA B 2 9  ? -9.428  3.161   1.893   1.00 20.29 ? 952  ALA B C   1 
ATOM   634 O  O   . ALA B 2 9  ? -9.702  2.796   3.041   1.00 21.80 ? 952  ALA B O   1 
ATOM   635 C  CB  . ALA B 2 9  ? -11.085 2.621   0.114   1.00 21.06 ? 952  ALA B CB  1 
ATOM   636 N  N   . LEU B 2 10 ? -8.199  3.087   1.390   1.00 19.25 ? 953  LEU B N   1 
ATOM   637 C  CA  . LEU B 2 10 ? -7.102  2.567   2.198   1.00 20.15 ? 953  LEU B CA  1 
ATOM   638 C  C   . LEU B 2 10 ? -6.771  3.570   3.297   1.00 22.49 ? 953  LEU B C   1 
ATOM   639 O  O   . LEU B 2 10 ? -6.650  3.201   4.465   1.00 18.29 ? 953  LEU B O   1 
ATOM   640 C  CB  . LEU B 2 10 ? -5.865  2.301   1.326   1.00 22.30 ? 953  LEU B CB  1 
ATOM   641 C  CG  . LEU B 2 10 ? -4.610  1.686   1.974   1.00 22.05 ? 953  LEU B CG  1 
ATOM   642 C  CD1 . LEU B 2 10 ? -4.996  0.540   2.885   1.00 21.13 ? 953  LEU B CD1 1 
ATOM   643 C  CD2 . LEU B 2 10 ? -3.637  1.215   0.889   1.00 23.98 ? 953  LEU B CD2 1 
ATOM   644 N  N   . GLU B 2 11 ? -6.631  4.838   2.928   1.00 23.68 ? 954  GLU B N   1 
ATOM   645 C  CA  . GLU B 2 11 ? -6.316  5.866   3.911   1.00 30.33 ? 954  GLU B CA  1 
ATOM   646 C  C   . GLU B 2 11 ? -7.414  5.971   4.966   1.00 32.18 ? 954  GLU B C   1 
ATOM   647 O  O   . GLU B 2 11 ? -7.132  6.171   6.147   1.00 34.02 ? 954  GLU B O   1 
ATOM   648 C  CB  . GLU B 2 11 ? -6.101  7.213   3.220   1.00 31.71 ? 954  GLU B CB  1 
ATOM   649 C  CG  . GLU B 2 11 ? -4.948  7.191   2.229   1.00 34.78 ? 954  GLU B CG  1 
ATOM   650 C  CD  . GLU B 2 11 ? -4.604  8.563   1.684   1.00 38.23 ? 954  GLU B CD  1 
ATOM   651 O  OE1 . GLU B 2 11 ? -5.526  9.272   1.225   1.00 42.17 ? 954  GLU B OE1 1 
ATOM   652 O  OE2 . GLU B 2 11 ? -3.409  8.928   1.707   1.00 36.99 ? 954  GLU B OE2 1 
ATOM   653 N  N   . ALA B 2 12 ? -8.665  5.819   4.542   1.00 35.83 ? 955  ALA B N   1 
ATOM   654 C  CA  . ALA B 2 12 ? -9.794  5.885   5.464   1.00 38.44 ? 955  ALA B CA  1 
ATOM   655 C  C   . ALA B 2 12 ? -9.789  4.645   6.350   1.00 40.64 ? 955  ALA B C   1 
ATOM   656 O  O   . ALA B 2 12 ? -10.191 4.692   7.514   1.00 40.24 ? 955  ALA B O   1 
ATOM   657 C  CB  . ALA B 2 12 ? -11.098 5.965   4.687   1.00 39.52 ? 955  ALA B CB  1 
ATOM   658 N  N   . GLU B 2 13 ? -9.336  3.532   5.783   1.00 42.31 ? 956  GLU B N   1 
ATOM   659 C  CA  . GLU B 2 13 ? -9.261  2.272   6.506   1.00 42.98 ? 956  GLU B CA  1 
ATOM   660 C  C   . GLU B 2 13 ? -8.180  2.341   7.576   1.00 42.90 ? 956  GLU B C   1 
ATOM   661 O  O   . GLU B 2 13 ? -8.294  1.705   8.623   1.00 41.36 ? 956  GLU B O   1 
ATOM   662 C  CB  . GLU B 2 13 ? -8.957  1.128   5.536   1.00 46.09 ? 956  GLU B CB  1 
ATOM   663 C  CG  . GLU B 2 13 ? -8.636  -0.189  6.212   1.00 48.34 ? 956  GLU B CG  1 
ATOM   664 C  CD  . GLU B 2 13 ? -9.797  -0.743  7.007   1.00 51.91 ? 956  GLU B CD  1 
ATOM   665 O  OE1 . GLU B 2 13 ? -9.598  -1.743  7.725   1.00 54.23 ? 956  GLU B OE1 1 
ATOM   666 O  OE2 . GLU B 2 13 ? -10.907 -0.183  6.913   1.00 53.27 ? 956  GLU B OE2 1 
ATOM   667 N  N   . LEU B 2 14 ? -7.132  3.114   7.306   1.00 43.56 ? 957  LEU B N   1 
ATOM   668 C  CA  . LEU B 2 14 ? -6.034  3.267   8.252   1.00 46.12 ? 957  LEU B CA  1 
ATOM   669 C  C   . LEU B 2 14 ? -6.486  4.037   9.481   1.00 50.24 ? 957  LEU B C   1 
ATOM   670 O  O   . LEU B 2 14 ? -5.834  3.994   10.523  1.00 51.36 ? 957  LEU B O   1 
ATOM   671 C  CB  . LEU B 2 14 ? -4.847  3.976   7.594   1.00 42.72 ? 957  LEU B CB  1 
ATOM   672 C  CG  . LEU B 2 14 ? -4.048  3.148   6.583   1.00 41.60 ? 957  LEU B CG  1 
ATOM   673 C  CD1 . LEU B 2 14 ? -2.885  3.962   6.047   1.00 40.05 ? 957  LEU B CD1 1 
ATOM   674 C  CD2 . LEU B 2 14 ? -3.536  1.884   7.255   1.00 38.89 ? 957  LEU B CD2 1 
ATOM   675 N  N   . ASN B 2 15 ? -7.603  4.746   9.355   1.00 55.70 ? 958  ASN B N   1 
ATOM   676 C  CA  . ASN B 2 15 ? -8.154  5.505   10.473  1.00 61.07 ? 958  ASN B CA  1 
ATOM   677 C  C   . ASN B 2 15 ? -8.927  4.543   11.367  1.00 63.24 ? 958  ASN B C   1 
ATOM   678 O  O   . ASN B 2 15 ? -9.759  4.956   12.176  1.00 63.77 ? 958  ASN B O   1 
ATOM   679 C  CB  . ASN B 2 15 ? -9.084  6.609   9.964   1.00 62.78 ? 958  ASN B CB  1 
ATOM   680 C  CG  . ASN B 2 15 ? -8.343  7.694   9.206   1.00 64.77 ? 958  ASN B CG  1 
ATOM   681 O  OD1 . ASN B 2 15 ? -7.510  8.406   9.769   1.00 64.47 ? 958  ASN B OD1 1 
ATOM   682 N  ND2 . ASN B 2 15 ? -8.642  7.824   7.918   1.00 65.77 ? 958  ASN B ND2 1 
ATOM   683 N  N   . ASP B 2 16 ? -8.642  3.253   11.201  1.00 66.51 ? 959  ASP B N   1 
ATOM   684 C  CA  . ASP B 2 16 ? -9.276  2.185   11.968  1.00 69.44 ? 959  ASP B CA  1 
ATOM   685 C  C   . ASP B 2 16 ? -10.733 1.964   11.582  1.00 70.40 ? 959  ASP B C   1 
ATOM   686 O  O   . ASP B 2 16 ? -11.633 2.078   12.416  1.00 71.72 ? 959  ASP B O   1 
ATOM   687 C  CB  . ASP B 2 16 ? -9.169  2.473   13.466  1.00 70.51 ? 959  ASP B CB  1 
ATOM   688 C  CG  . ASP B 2 16 ? -7.734  2.608   13.927  1.00 72.08 ? 959  ASP B CG  1 
ATOM   689 O  OD1 . ASP B 2 16 ? -6.948  1.659   13.708  1.00 71.55 ? 959  ASP B OD1 1 
ATOM   690 O  OD2 . ASP B 2 16 ? -7.390  3.661   14.507  1.00 72.89 ? 959  ASP B OD2 1 
ATOM   691 N  N   . LEU B 2 17 ? -10.956 1.648   10.310  1.00 71.51 ? 960  LEU B N   1 
ATOM   692 C  CA  . LEU B 2 17 ? -12.297 1.392   9.796   1.00 71.86 ? 960  LEU B CA  1 
ATOM   693 C  C   . LEU B 2 17 ? -12.548 -0.116  9.849   1.00 71.44 ? 960  LEU B C   1 
ATOM   694 O  O   . LEU B 2 17 ? -12.523 -0.716  10.926  1.00 71.93 ? 960  LEU B O   1 
ATOM   695 C  CB  . LEU B 2 17 ? -12.413 1.903   8.355   1.00 72.97 ? 960  LEU B CB  1 
ATOM   696 C  CG  . LEU B 2 17 ? -13.790 1.861   7.684   1.00 73.71 ? 960  LEU B CG  1 
ATOM   697 C  CD1 . LEU B 2 17 ? -14.760 2.756   8.437   1.00 73.25 ? 960  LEU B CD1 1 
ATOM   698 C  CD2 . LEU B 2 17 ? -13.663 2.314   6.237   1.00 73.65 ? 960  LEU B CD2 1 
ATOM   699 N  N   . MET B 2 18 ? -12.778 -0.730  8.693   1.00 69.47 ? 961  MET B N   1 
ATOM   700 C  CA  . MET B 2 18 ? -13.025 -2.167  8.635   1.00 66.87 ? 961  MET B CA  1 
ATOM   701 C  C   . MET B 2 18 ? -11.716 -2.953  8.734   1.00 64.22 ? 961  MET B C   1 
ATOM   702 O  O   . MET B 2 18 ? -11.444 -3.772  7.833   1.00 62.49 ? 961  MET B O   1 
ATOM   703 C  CB  . MET B 2 18 ? -13.760 -2.519  7.337   1.00 68.83 ? 961  MET B CB  1 
ATOM   704 C  CG  . MET B 2 18 ? -13.043 -2.090  6.066   1.00 71.47 ? 961  MET B CG  1 
ATOM   705 S  SD  . MET B 2 18 ? -14.071 -2.268  4.593   1.00 74.28 ? 961  MET B SD  1 
ATOM   706 C  CE  . MET B 2 18 ? -13.682 -3.943  4.092   1.00 74.12 ? 961  MET B CE  1 
ATOM   707 O  OXT . MET B 2 18 ? -10.976 -2.741  9.718   1.00 56.82 ? 961  MET B OXT 1 
HETATM 708 S  S   . SO4 C 3 .  ? -4.208  6.130   -12.530 1.00 70.94 ? 998  SO4 A S   1 
HETATM 709 O  O1  . SO4 C 3 .  ? -4.410  4.724   -12.133 1.00 70.66 ? 998  SO4 A O1  1 
HETATM 710 O  O2  . SO4 C 3 .  ? -4.812  6.355   -13.858 1.00 70.85 ? 998  SO4 A O2  1 
HETATM 711 O  O3  . SO4 C 3 .  ? -2.765  6.430   -12.592 1.00 69.81 ? 998  SO4 A O3  1 
HETATM 712 O  O4  . SO4 C 3 .  ? -4.854  7.014   -11.541 1.00 71.51 ? 998  SO4 A O4  1 
HETATM 713 S  S   . SO4 D 3 .  ? 8.936   3.743   -9.240  1.00 52.97 ? 999  SO4 A S   1 
HETATM 714 O  O1  . SO4 D 3 .  ? 7.643   3.423   -9.872  1.00 56.83 ? 999  SO4 A O1  1 
HETATM 715 O  O2  . SO4 D 3 .  ? 8.835   5.042   -8.548  1.00 56.96 ? 999  SO4 A O2  1 
HETATM 716 O  O3  . SO4 D 3 .  ? 9.984   3.819   -10.271 1.00 55.51 ? 999  SO4 A O3  1 
HETATM 717 O  O4  . SO4 D 3 .  ? 9.283   2.691   -8.268  1.00 57.75 ? 999  SO4 A O4  1 
HETATM 718 ZN ZN  . ZN  E 4 .  ? 13.521  8.556   9.136   1.00 16.92 ? 1000 ZN  A ZN  1 
HETATM 719 O  O   . HOH F 5 .  ? -4.422  -6.671  -5.622  1.00 9.98  ? 1001 HOH A O   1 
HETATM 720 O  O   . HOH F 5 .  ? 3.806   2.893   -7.892  1.00 13.83 ? 1002 HOH A O   1 
HETATM 721 O  O   . HOH F 5 .  ? 2.167   5.352   9.773   1.00 18.07 ? 1003 HOH A O   1 
HETATM 722 O  O   . HOH F 5 .  ? 5.224   -10.912 4.460   1.00 14.37 ? 1004 HOH A O   1 
HETATM 723 O  O   . HOH F 5 .  ? 4.577   -5.859  -6.551  1.00 25.72 ? 1005 HOH A O   1 
HETATM 724 O  O   . HOH F 5 .  ? -2.112  8.399   -2.600  1.00 15.07 ? 1006 HOH A O   1 
HETATM 725 O  O   . HOH F 5 .  ? -0.517  8.742   0.717   1.00 15.53 ? 1007 HOH A O   1 
HETATM 726 O  O   . HOH F 5 .  ? 4.192   1.150   15.865  1.00 36.93 ? 1008 HOH A O   1 
HETATM 727 O  O   . HOH F 5 .  ? -0.568  -12.393 -12.472 1.00 27.55 ? 1009 HOH A O   1 
HETATM 728 O  O   . HOH F 5 .  ? -14.334 -4.873  -3.790  1.00 27.30 ? 1010 HOH A O   1 
HETATM 729 O  O   . HOH F 5 .  ? -2.359  -6.999  11.965  1.00 29.05 ? 1011 HOH A O   1 
HETATM 730 O  O   . HOH F 5 .  ? 12.265  7.803   5.797   1.00 26.78 ? 1012 HOH A O   1 
HETATM 731 O  O   . HOH F 5 .  ? -14.050 -8.785  -1.796  1.00 29.97 ? 1013 HOH A O   1 
HETATM 732 O  O   . HOH F 5 .  ? -1.543  14.076  1.914   1.00 21.26 ? 1014 HOH A O   1 
HETATM 733 O  O   . HOH F 5 .  ? 6.409   10.050  10.750  1.00 20.48 ? 1015 HOH A O   1 
HETATM 734 O  O   . HOH F 5 .  ? -12.759 -11.300 -4.782  1.00 30.20 ? 1016 HOH A O   1 
HETATM 735 O  O   . HOH F 5 .  ? 5.790   18.558  0.093   1.00 27.27 ? 1017 HOH A O   1 
HETATM 736 O  O   . HOH F 5 .  ? -5.542  -2.504  -9.159  1.00 27.26 ? 1018 HOH A O   1 
HETATM 737 O  O   . HOH F 5 .  ? -4.162  -2.126  -6.618  1.00 25.51 ? 1019 HOH A O   1 
HETATM 738 O  O   . HOH F 5 .  ? 14.388  -2.527  -0.661  1.00 32.97 ? 1020 HOH A O   1 
HETATM 739 O  O   . HOH F 5 .  ? 8.750   17.856  -1.991  1.00 24.49 ? 1021 HOH A O   1 
HETATM 740 O  O   . HOH F 5 .  ? 10.589  10.406  12.077  1.00 27.42 ? 1022 HOH A O   1 
HETATM 741 O  O   . HOH F 5 .  ? 14.024  8.919   -2.155  1.00 42.53 ? 1023 HOH A O   1 
HETATM 742 O  O   . HOH F 5 .  ? 4.504   -8.714  -4.560  1.00 28.00 ? 1024 HOH A O   1 
HETATM 743 O  O   . HOH F 5 .  ? -12.932 -5.051  -7.450  1.00 26.60 ? 1025 HOH A O   1 
HETATM 744 O  O   . HOH F 5 .  ? 0.988   -5.262  -9.450  1.00 31.13 ? 1026 HOH A O   1 
HETATM 745 O  O   . HOH F 5 .  ? -2.155  16.731  0.898   1.00 33.80 ? 1027 HOH A O   1 
HETATM 746 O  O   . HOH F 5 .  ? 13.457  -2.247  5.676   1.00 34.88 ? 1028 HOH A O   1 
HETATM 747 O  O   . HOH F 5 .  ? 8.273   -6.283  8.316   1.00 37.98 ? 1029 HOH A O   1 
HETATM 748 O  O   . HOH F 5 .  ? -0.175  4.726   -13.799 1.00 32.37 ? 1030 HOH A O   1 
HETATM 749 O  O   . HOH F 5 .  ? 0.355   3.376   9.275   1.00 34.97 ? 1031 HOH A O   1 
HETATM 750 O  O   . HOH F 5 .  ? -2.669  -10.274 -15.672 1.00 24.99 ? 1032 HOH A O   1 
HETATM 751 O  O   . HOH F 5 .  ? -8.171  -9.320  2.268   1.00 32.41 ? 1033 HOH A O   1 
HETATM 752 O  O   . HOH F 5 .  ? 9.560   1.112   -4.151  1.00 39.68 ? 1035 HOH A O   1 
HETATM 753 O  O   . HOH F 5 .  ? -2.706  -4.459  11.321  1.00 29.61 ? 1036 HOH A O   1 
HETATM 754 O  O   . HOH F 5 .  ? 9.506   16.166  -5.775  1.00 23.02 ? 1037 HOH A O   1 
HETATM 755 O  O   . HOH F 5 .  ? -14.386 -3.057  -8.177  1.00 32.87 ? 1039 HOH A O   1 
HETATM 756 O  O   . HOH F 5 .  ? 6.394   -13.015 3.103   1.00 29.16 ? 1040 HOH A O   1 
HETATM 757 O  O   . HOH F 5 .  ? 8.081   9.847   12.573  1.00 33.15 ? 1041 HOH A O   1 
HETATM 758 O  O   . HOH F 5 .  ? -1.768  -12.708 -5.594  1.00 25.36 ? 1043 HOH A O   1 
HETATM 759 O  O   . HOH F 5 .  ? -5.401  -3.890  -12.076 1.00 28.68 ? 1044 HOH A O   1 
HETATM 760 O  O   . HOH F 5 .  ? -15.593 -9.840  -4.094  1.00 32.40 ? 1045 HOH A O   1 
HETATM 761 O  O   . HOH F 5 .  ? 7.435   7.063   -4.790  1.00 29.32 ? 1046 HOH A O   1 
HETATM 762 O  O   . HOH F 5 .  ? 6.471   4.764   -6.495  1.00 31.79 ? 1047 HOH A O   1 
HETATM 763 O  O   . HOH F 5 .  ? -1.397  -8.012  -16.144 1.00 29.18 ? 1048 HOH A O   1 
HETATM 764 O  O   . HOH F 5 .  ? -7.129  -10.052 -14.563 1.00 31.01 ? 1049 HOH A O   1 
HETATM 765 O  O   . HOH F 5 .  ? 6.791   -11.340 -0.908  1.00 36.18 ? 1050 HOH A O   1 
HETATM 766 O  O   . HOH F 5 .  ? 5.435   9.192   -5.467  1.00 25.91 ? 1051 HOH A O   1 
HETATM 767 O  O   . HOH F 5 .  ? 0.711   9.408   -5.555  1.00 23.53 ? 1052 HOH A O   1 
HETATM 768 O  O   . HOH F 5 .  ? -12.579 -1.282  0.229   1.00 28.68 ? 1053 HOH A O   1 
HETATM 769 O  O   . HOH F 5 .  ? 5.091   -6.146  11.326  1.00 27.49 ? 1054 HOH A O   1 
HETATM 770 O  O   . HOH F 5 .  ? 6.855   19.718  -5.231  1.00 29.33 ? 1055 HOH A O   1 
HETATM 771 O  O   . HOH G 5 .  ? -5.419  9.740   -1.506  1.00 44.29 ? 1034 HOH B O   1 
HETATM 772 O  O   . HOH G 5 .  ? -15.559 9.224   -2.257  1.00 29.65 ? 1038 HOH B O   1 
HETATM 773 O  O   . HOH G 5 .  ? -15.048 9.457   -6.151  1.00 42.13 ? 1042 HOH B O   1 
HETATM 774 O  O   . HOH G 5 .  ? -7.039  9.378   -3.691  1.00 37.91 ? 1056 HOH B O   1 
# 
loop_
_pdbx_poly_seq_scheme.asym_id 
_pdbx_poly_seq_scheme.entity_id 
_pdbx_poly_seq_scheme.seq_id 
_pdbx_poly_seq_scheme.mon_id 
_pdbx_poly_seq_scheme.ndb_seq_num 
_pdbx_poly_seq_scheme.pdb_seq_num 
_pdbx_poly_seq_scheme.auth_seq_num 
_pdbx_poly_seq_scheme.pdb_mon_id 
_pdbx_poly_seq_scheme.auth_mon_id 
_pdbx_poly_seq_scheme.pdb_strand_id 
_pdbx_poly_seq_scheme.pdb_ins_code 
_pdbx_poly_seq_scheme.hetero 
A 1 1  GLY 1  445 445 GLY GLY A . n 
A 1 2  PRO 2  446 446 PRO PRO A . n 
A 1 3  LEU 3  447 447 LEU LEU A . n 
A 1 4  GLY 4  448 ?   ?   ?   A . n 
A 1 5  SER 5  449 ?   ?   ?   A . n 
A 1 6  GLY 6  450 ?   ?   ?   A . n 
A 1 7  ASP 7  451 451 ASP ASP A . n 
A 1 8  VAL 8  452 452 VAL VAL A . n 
A 1 9  GLN 9  453 453 GLN GLN A . n 
A 1 10 VAL 10 454 454 VAL VAL A . n 
A 1 11 THR 11 455 455 THR THR A . n 
A 1 12 GLU 12 456 456 GLU GLU A . n 
A 1 13 ASP 13 457 457 ASP ASP A . n 
A 1 14 ALA 14 458 458 ALA ALA A . n 
A 1 15 VAL 15 459 459 VAL VAL A . n 
A 1 16 ARG 16 460 460 ARG ARG A . n 
A 1 17 ARG 17 461 461 ARG ARG A . n 
A 1 18 TYR 18 462 462 TYR TYR A . n 
A 1 19 LEU 19 463 463 LEU LEU A . n 
A 1 20 THR 20 464 464 THR THR A . n 
A 1 21 ARG 21 465 465 ARG ARG A . n 
A 1 22 LYS 22 466 466 LYS LYS A . n 
A 1 23 PRO 23 467 467 PRO PRO A . n 
A 1 24 MET 24 468 468 MET MET A . n 
A 1 25 THR 25 469 469 THR THR A . n 
A 1 26 THR 26 470 470 THR THR A . n 
A 1 27 LYS 27 471 471 LYS LYS A . n 
A 1 28 ASP 28 472 472 ASP ASP A . n 
A 1 29 LEU 29 473 473 LEU LEU A . n 
A 1 30 LEU 30 474 474 LEU LEU A . n 
A 1 31 LYS 31 475 475 LYS LYS A . n 
A 1 32 LYS 32 476 476 LYS LYS A . n 
A 1 33 PHE 33 477 477 PHE PHE A . n 
A 1 34 GLN 34 478 478 GLN GLN A . n 
A 1 35 THR 35 479 479 THR THR A . n 
A 1 36 LYS 36 480 480 LYS LYS A . n 
A 1 37 LYS 37 481 481 LYS LYS A . n 
A 1 38 THR 38 482 482 THR THR A . n 
A 1 39 GLY 39 483 483 GLY GLY A . n 
A 1 40 LEU 40 484 484 LEU LEU A . n 
A 1 41 SER 41 485 485 SER SER A . n 
A 1 42 SER 42 486 486 SER SER A . n 
A 1 43 GLU 43 487 487 GLU GLU A . n 
A 1 44 GLN 44 488 488 GLN GLN A . n 
A 1 45 THR 45 489 489 THR THR A . n 
A 1 46 VAL 46 490 490 VAL VAL A . n 
A 1 47 ASN 47 491 491 ASN ASN A . n 
A 1 48 VAL 48 492 492 VAL VAL A . n 
A 1 49 LEU 49 493 493 LEU LEU A . n 
A 1 50 ALA 50 494 494 ALA ALA A . n 
A 1 51 GLN 51 495 495 GLN GLN A . n 
A 1 52 ILE 52 496 496 ILE ILE A . n 
A 1 53 LEU 53 497 497 LEU LEU A . n 
A 1 54 LYS 54 498 498 LYS LYS A . n 
A 1 55 ARG 55 499 499 ARG ARG A . n 
A 1 56 LEU 56 500 500 LEU LEU A . n 
A 1 57 ASN 57 501 501 ASN ASN A . n 
A 1 58 PRO 58 502 502 PRO PRO A . n 
A 1 59 GLU 59 503 503 GLU GLU A . n 
A 1 60 ARG 60 504 504 ARG ARG A . n 
A 1 61 LYS 61 505 505 LYS LYS A . n 
A 1 62 MET 62 506 506 MET MET A . n 
A 1 63 ILE 63 507 507 ILE ILE A . n 
A 1 64 ASN 64 508 508 ASN ASN A . n 
A 1 65 ASP 65 509 509 ASP ASP A . n 
A 1 66 LYS 66 510 510 LYS LYS A . n 
A 1 67 MET 67 511 511 MET MET A . n 
A 1 68 HIS 68 512 512 HIS HIS A . n 
A 1 69 PHE 69 513 513 PHE PHE A . n 
A 1 70 SER 70 514 514 SER SER A . n 
A 1 71 LEU 71 515 515 LEU LEU A . n 
A 1 72 LYS 72 516 516 LYS LYS A . n 
A 1 73 GLU 73 517 517 GLU GLU A . n 
B 2 1  SER 1  944 944 SER SER B . n 
B 2 2  GLU 2  945 945 GLU GLU B . n 
B 2 3  ALA 3  946 946 ALA ALA B . n 
B 2 4  ASP 4  947 947 ASP ASP B . n 
B 2 5  GLU 5  948 948 GLU GLU B . n 
B 2 6  MET 6  949 949 MET MET B . n 
B 2 7  ALA 7  950 950 ALA ALA B . n 
B 2 8  LYS 8  951 951 LYS LYS B . n 
B 2 9  ALA 9  952 952 ALA ALA B . n 
B 2 10 LEU 10 953 953 LEU LEU B . n 
B 2 11 GLU 11 954 954 GLU GLU B . n 
B 2 12 ALA 12 955 955 ALA ALA B . n 
B 2 13 GLU 13 956 956 GLU GLU B . n 
B 2 14 LEU 14 957 957 LEU LEU B . n 
B 2 15 ASN 15 958 958 ASN ASN B . n 
B 2 16 ASP 16 959 959 ASP ASP B . n 
B 2 17 LEU 17 960 960 LEU LEU B . n 
B 2 18 MET 18 961 961 MET MET B . n 
# 
loop_
_pdbx_nonpoly_scheme.asym_id 
_pdbx_nonpoly_scheme.entity_id 
_pdbx_nonpoly_scheme.mon_id 
_pdbx_nonpoly_scheme.ndb_seq_num 
_pdbx_nonpoly_scheme.pdb_seq_num 
_pdbx_nonpoly_scheme.auth_seq_num 
_pdbx_nonpoly_scheme.pdb_mon_id 
_pdbx_nonpoly_scheme.auth_mon_id 
_pdbx_nonpoly_scheme.pdb_strand_id 
_pdbx_nonpoly_scheme.pdb_ins_code 
C 3 SO4 1  998  998  SO4 SO4 A . 
D 3 SO4 1  999  999  SO4 SO4 A . 
E 4 ZN  1  1000 1000 ZN  ZN  A . 
F 5 HOH 1  1001 1001 HOH HOH A . 
F 5 HOH 2  1002 1002 HOH HOH A . 
F 5 HOH 3  1003 1003 HOH HOH A . 
F 5 HOH 4  1004 1004 HOH HOH A . 
F 5 HOH 5  1005 1005 HOH HOH A . 
F 5 HOH 6  1006 1006 HOH HOH A . 
F 5 HOH 7  1007 1007 HOH HOH A . 
F 5 HOH 8  1008 1008 HOH HOH A . 
F 5 HOH 9  1009 1009 HOH HOH A . 
F 5 HOH 10 1010 1010 HOH HOH A . 
F 5 HOH 11 1011 1011 HOH HOH A . 
F 5 HOH 12 1012 1012 HOH HOH A . 
F 5 HOH 13 1013 1013 HOH HOH A . 
F 5 HOH 14 1014 1014 HOH HOH A . 
F 5 HOH 15 1015 1015 HOH HOH A . 
F 5 HOH 16 1016 1016 HOH HOH A . 
F 5 HOH 17 1017 1017 HOH HOH A . 
F 5 HOH 18 1018 1018 HOH HOH A . 
F 5 HOH 19 1019 1019 HOH HOH A . 
F 5 HOH 20 1020 1020 HOH HOH A . 
F 5 HOH 21 1021 1021 HOH HOH A . 
F 5 HOH 22 1022 1022 HOH HOH A . 
F 5 HOH 23 1023 1023 HOH HOH A . 
F 5 HOH 24 1024 1024 HOH HOH A . 
F 5 HOH 25 1025 1025 HOH HOH A . 
F 5 HOH 26 1026 1026 HOH HOH A . 
F 5 HOH 27 1027 1027 HOH HOH A . 
F 5 HOH 28 1028 1028 HOH HOH A . 
F 5 HOH 29 1029 1029 HOH HOH A . 
F 5 HOH 30 1030 1030 HOH HOH A . 
F 5 HOH 31 1031 1031 HOH HOH A . 
F 5 HOH 32 1032 1032 HOH HOH A . 
F 5 HOH 33 1033 1033 HOH HOH A . 
F 5 HOH 34 1035 1035 HOH HOH A . 
F 5 HOH 35 1036 1036 HOH HOH A . 
F 5 HOH 36 1037 1037 HOH HOH A . 
F 5 HOH 37 1039 1039 HOH HOH A . 
F 5 HOH 38 1040 1040 HOH HOH A . 
F 5 HOH 39 1041 1041 HOH HOH A . 
F 5 HOH 40 1043 1043 HOH HOH A . 
F 5 HOH 41 1044 1044 HOH HOH A . 
F 5 HOH 42 1045 1045 HOH HOH A . 
F 5 HOH 43 1046 1046 HOH HOH A . 
F 5 HOH 44 1047 1047 HOH HOH A . 
F 5 HOH 45 1048 1048 HOH HOH A . 
F 5 HOH 46 1049 1049 HOH HOH A . 
F 5 HOH 47 1050 1050 HOH HOH A . 
F 5 HOH 48 1051 1051 HOH HOH A . 
F 5 HOH 49 1052 1052 HOH HOH A . 
F 5 HOH 50 1053 1053 HOH HOH A . 
F 5 HOH 51 1054 1054 HOH HOH A . 
F 5 HOH 52 1055 1055 HOH HOH A . 
G 5 HOH 1  1034 1034 HOH HOH B . 
G 5 HOH 2  1038 1038 HOH HOH B . 
G 5 HOH 3  1042 1042 HOH HOH B . 
G 5 HOH 4  1056 1056 HOH HOH B . 
# 
_pdbx_struct_assembly.id                   1 
_pdbx_struct_assembly.details              author_and_software_defined_assembly 
_pdbx_struct_assembly.method_details       PISA 
_pdbx_struct_assembly.oligomeric_details   dimeric 
_pdbx_struct_assembly.oligomeric_count     2 
# 
_pdbx_struct_assembly_gen.assembly_id       1 
_pdbx_struct_assembly_gen.oper_expression   1 
_pdbx_struct_assembly_gen.asym_id_list      A,B,C,D,E,F,G 
# 
loop_
_pdbx_struct_assembly_prop.biol_id 
_pdbx_struct_assembly_prop.type 
_pdbx_struct_assembly_prop.value 
_pdbx_struct_assembly_prop.details 
1 'ABSA (A^2)' 1710 ? 
1 MORE         -54  ? 
1 'SSA (A^2)'  5950 ? 
# 
_pdbx_struct_oper_list.id                   1 
_pdbx_struct_oper_list.type                 'identity operation' 
_pdbx_struct_oper_list.name                 1_555 
_pdbx_struct_oper_list.symmetry_operation   x,y,z 
_pdbx_struct_oper_list.matrix[1][1]         1.0000000000 
_pdbx_struct_oper_list.matrix[1][2]         0.0000000000 
_pdbx_struct_oper_list.matrix[1][3]         0.0000000000 
_pdbx_struct_oper_list.vector[1]            0.0000000000 
_pdbx_struct_oper_list.matrix[2][1]         0.0000000000 
_pdbx_struct_oper_list.matrix[2][2]         1.0000000000 
_pdbx_struct_oper_list.matrix[2][3]         0.0000000000 
_pdbx_struct_oper_list.vector[2]            0.0000000000 
_pdbx_struct_oper_list.matrix[3][1]         0.0000000000 
_pdbx_struct_oper_list.matrix[3][2]         0.0000000000 
_pdbx_struct_oper_list.matrix[3][3]         1.0000000000 
_pdbx_struct_oper_list.vector[3]            0.0000000000 
# 
loop_
_pdbx_struct_conn_angle.id 
_pdbx_struct_conn_angle.ptnr1_label_atom_id 
_pdbx_struct_conn_angle.ptnr1_label_alt_id 
_pdbx_struct_conn_angle.ptnr1_label_asym_id 
_pdbx_struct_conn_angle.ptnr1_label_comp_id 
_pdbx_struct_conn_angle.ptnr1_label_seq_id 
_pdbx_struct_conn_angle.ptnr1_auth_atom_id 
_pdbx_struct_conn_angle.ptnr1_auth_asym_id 
_pdbx_struct_conn_angle.ptnr1_auth_comp_id 
_pdbx_struct_conn_angle.ptnr1_auth_seq_id 
_pdbx_struct_conn_angle.ptnr1_PDB_ins_code 
_pdbx_struct_conn_angle.ptnr1_symmetry 
_pdbx_struct_conn_angle.ptnr2_label_atom_id 
_pdbx_struct_conn_angle.ptnr2_label_alt_id 
_pdbx_struct_conn_angle.ptnr2_label_asym_id 
_pdbx_struct_conn_angle.ptnr2_label_comp_id 
_pdbx_struct_conn_angle.ptnr2_label_seq_id 
_pdbx_struct_conn_angle.ptnr2_auth_atom_id 
_pdbx_struct_conn_angle.ptnr2_auth_asym_id 
_pdbx_struct_conn_angle.ptnr2_auth_comp_id 
_pdbx_struct_conn_angle.ptnr2_auth_seq_id 
_pdbx_struct_conn_angle.ptnr2_PDB_ins_code 
_pdbx_struct_conn_angle.ptnr2_symmetry 
_pdbx_struct_conn_angle.ptnr3_label_atom_id 
_pdbx_struct_conn_angle.ptnr3_label_alt_id 
_pdbx_struct_conn_angle.ptnr3_label_asym_id 
_pdbx_struct_conn_angle.ptnr3_label_comp_id 
_pdbx_struct_conn_angle.ptnr3_label_seq_id 
_pdbx_struct_conn_angle.ptnr3_auth_atom_id 
_pdbx_struct_conn_angle.ptnr3_auth_asym_id 
_pdbx_struct_conn_angle.ptnr3_auth_comp_id 
_pdbx_struct_conn_angle.ptnr3_auth_seq_id 
_pdbx_struct_conn_angle.ptnr3_PDB_ins_code 
_pdbx_struct_conn_angle.ptnr3_symmetry 
_pdbx_struct_conn_angle.value 
_pdbx_struct_conn_angle.value_esd 
1  OE1 ? A GLU 59 ? A GLU 503 ? 1_555 ZN ? E ZN . ? A ZN 1000 ? 1_555 OE2 ? A GLU 59 ? A GLU 503  ? 1_555 61.8  ? 
2  OE1 ? A GLU 59 ? A GLU 503 ? 1_555 ZN ? E ZN . ? A ZN 1000 ? 1_555 NE2 ? A HIS 68 ? A HIS 512  ? 4_555 89.2  ? 
3  OE2 ? A GLU 59 ? A GLU 503 ? 1_555 ZN ? E ZN . ? A ZN 1000 ? 1_555 NE2 ? A HIS 68 ? A HIS 512  ? 4_555 146.7 ? 
4  OE1 ? A GLU 59 ? A GLU 503 ? 1_555 ZN ? E ZN . ? A ZN 1000 ? 1_555 O   ? A GLU 73 ? A GLU 517  ? 1_555 130.6 ? 
5  OE2 ? A GLU 59 ? A GLU 503 ? 1_555 ZN ? E ZN . ? A ZN 1000 ? 1_555 O   ? A GLU 73 ? A GLU 517  ? 1_555 88.0  ? 
6  NE2 ? A HIS 68 ? A HIS 512 ? 4_555 ZN ? E ZN . ? A ZN 1000 ? 1_555 O   ? A GLU 73 ? A GLU 517  ? 1_555 100.9 ? 
7  OE1 ? A GLU 59 ? A GLU 503 ? 1_555 ZN ? E ZN . ? A ZN 1000 ? 1_555 O   ? F HOH .  ? A HOH 1051 ? 4_555 91.7  ? 
8  OE2 ? A GLU 59 ? A GLU 503 ? 1_555 ZN ? E ZN . ? A ZN 1000 ? 1_555 O   ? F HOH .  ? A HOH 1051 ? 4_555 88.6  ? 
9  NE2 ? A HIS 68 ? A HIS 512 ? 4_555 ZN ? E ZN . ? A ZN 1000 ? 1_555 O   ? F HOH .  ? A HOH 1051 ? 4_555 109.6 ? 
10 O   ? A GLU 73 ? A GLU 517 ? 1_555 ZN ? E ZN . ? A ZN 1000 ? 1_555 O   ? F HOH .  ? A HOH 1051 ? 4_555 128.0 ? 
# 
loop_
_pdbx_audit_revision_history.ordinal 
_pdbx_audit_revision_history.data_content_type 
_pdbx_audit_revision_history.major_revision 
_pdbx_audit_revision_history.minor_revision 
_pdbx_audit_revision_history.revision_date 
1 'Structure model' 1 0 2003-01-30 
2 'Structure model' 1 1 2008-04-27 
3 'Structure model' 1 2 2011-07-13 
4 'Structure model' 1 3 2021-02-03 
5 'Structure model' 1 4 2023-10-25 
# 
_pdbx_audit_revision_details.ordinal             1 
_pdbx_audit_revision_details.revision_ordinal    1 
_pdbx_audit_revision_details.data_content_type   'Structure model' 
_pdbx_audit_revision_details.provider            repository 
_pdbx_audit_revision_details.type                'Initial release' 
_pdbx_audit_revision_details.description         ? 
_pdbx_audit_revision_details.details             ? 
# 
loop_
_pdbx_audit_revision_group.ordinal 
_pdbx_audit_revision_group.revision_ordinal 
_pdbx_audit_revision_group.data_content_type 
_pdbx_audit_revision_group.group 
1 2 'Structure model' 'Version format compliance' 
2 3 'Structure model' 'Version format compliance' 
3 4 'Structure model' 'Database references'       
4 4 'Structure model' 'Derived calculations'      
5 4 'Structure model' 'Structure summary'         
6 5 'Structure model' 'Data collection'           
7 5 'Structure model' 'Database references'       
8 5 'Structure model' 'Refinement description'    
# 
loop_
_pdbx_audit_revision_category.ordinal 
_pdbx_audit_revision_category.revision_ordinal 
_pdbx_audit_revision_category.data_content_type 
_pdbx_audit_revision_category.category 
1  4 'Structure model' audit_author                  
2  4 'Structure model' citation_author               
3  4 'Structure model' pdbx_struct_conn_angle        
4  4 'Structure model' struct_conn                   
5  4 'Structure model' struct_ref_seq_dif            
6  4 'Structure model' struct_site                   
7  5 'Structure model' chem_comp_atom                
8  5 'Structure model' chem_comp_bond                
9  5 'Structure model' database_2                    
10 5 'Structure model' pdbx_initial_refinement_model 
# 
loop_
_pdbx_audit_revision_item.ordinal 
_pdbx_audit_revision_item.revision_ordinal 
_pdbx_audit_revision_item.data_content_type 
_pdbx_audit_revision_item.item 
1  4 'Structure model' '_audit_author.identifier_ORCID'              
2  4 'Structure model' '_citation_author.identifier_ORCID'           
3  4 'Structure model' '_pdbx_struct_conn_angle.ptnr1_auth_comp_id'  
4  4 'Structure model' '_pdbx_struct_conn_angle.ptnr1_auth_seq_id'   
5  4 'Structure model' '_pdbx_struct_conn_angle.ptnr1_label_atom_id' 
6  4 'Structure model' '_pdbx_struct_conn_angle.ptnr1_label_comp_id' 
7  4 'Structure model' '_pdbx_struct_conn_angle.ptnr1_label_seq_id'  
8  4 'Structure model' '_pdbx_struct_conn_angle.ptnr1_symmetry'      
9  4 'Structure model' '_pdbx_struct_conn_angle.ptnr3_auth_comp_id'  
10 4 'Structure model' '_pdbx_struct_conn_angle.ptnr3_auth_seq_id'   
11 4 'Structure model' '_pdbx_struct_conn_angle.ptnr3_label_atom_id' 
12 4 'Structure model' '_pdbx_struct_conn_angle.ptnr3_label_comp_id' 
13 4 'Structure model' '_pdbx_struct_conn_angle.ptnr3_label_seq_id'  
14 4 'Structure model' '_pdbx_struct_conn_angle.ptnr3_symmetry'      
15 4 'Structure model' '_pdbx_struct_conn_angle.value'               
16 4 'Structure model' '_struct_conn.pdbx_dist_value'                
17 4 'Structure model' '_struct_conn.ptnr1_auth_comp_id'             
18 4 'Structure model' '_struct_conn.ptnr1_auth_seq_id'              
19 4 'Structure model' '_struct_conn.ptnr1_label_asym_id'            
20 4 'Structure model' '_struct_conn.ptnr1_label_atom_id'            
21 4 'Structure model' '_struct_conn.ptnr1_label_comp_id'            
22 4 'Structure model' '_struct_conn.ptnr1_label_seq_id'             
23 4 'Structure model' '_struct_conn.ptnr1_symmetry'                 
24 4 'Structure model' '_struct_conn.ptnr2_auth_comp_id'             
25 4 'Structure model' '_struct_conn.ptnr2_auth_seq_id'              
26 4 'Structure model' '_struct_conn.ptnr2_label_asym_id'            
27 4 'Structure model' '_struct_conn.ptnr2_label_atom_id'            
28 4 'Structure model' '_struct_conn.ptnr2_label_comp_id'            
29 4 'Structure model' '_struct_conn.ptnr2_label_seq_id'             
30 4 'Structure model' '_struct_conn.ptnr2_symmetry'                 
31 4 'Structure model' '_struct_ref_seq_dif.details'                 
32 4 'Structure model' '_struct_site.pdbx_auth_asym_id'              
33 4 'Structure model' '_struct_site.pdbx_auth_comp_id'              
34 4 'Structure model' '_struct_site.pdbx_auth_seq_id'               
35 5 'Structure model' '_database_2.pdbx_DOI'                        
36 5 'Structure model' '_database_2.pdbx_database_accession'         
# 
loop_
_software.name 
_software.version 
_software.date 
_software.type 
_software.contact_author 
_software.contact_author_email 
_software.location 
_software.classification 
_software.language 
_software.citation_id 
_software.pdbx_ordinal 
CNS       1.0 1998 package 'Axel T. Brunger' axel.brunger@@yale.edu . refinement       Fortran ? 1 
DENZO     .   ?    ?       ?                 ?                      ? 'data reduction' ?       ? 2 
SCALEPACK .   ?    ?       ?                 ?                      ? 'data scaling'   ?       ? 3 
AMoRE     .   ?    ?       ?                 ?                      ? phasing          ?       ? 4 
# 
loop_
_pdbx_validate_torsion.id 
_pdbx_validate_torsion.PDB_model_num 
_pdbx_validate_torsion.auth_comp_id 
_pdbx_validate_torsion.auth_asym_id 
_pdbx_validate_torsion.auth_seq_id 
_pdbx_validate_torsion.PDB_ins_code 
_pdbx_validate_torsion.label_alt_id 
_pdbx_validate_torsion.phi 
_pdbx_validate_torsion.psi 
1 1 PRO A 446 ? ? -50.69 178.87  
2 1 ASN A 501 ? ? 38.35  62.58   
3 1 ASP B 959 ? ? 71.28  59.09   
4 1 LEU B 960 ? ? -94.46 -118.60 
# 
loop_
_pdbx_unobs_or_zero_occ_residues.id 
_pdbx_unobs_or_zero_occ_residues.PDB_model_num 
_pdbx_unobs_or_zero_occ_residues.polymer_flag 
_pdbx_unobs_or_zero_occ_residues.occupancy_flag 
_pdbx_unobs_or_zero_occ_residues.auth_asym_id 
_pdbx_unobs_or_zero_occ_residues.auth_comp_id 
_pdbx_unobs_or_zero_occ_residues.auth_seq_id 
_pdbx_unobs_or_zero_occ_residues.PDB_ins_code 
_pdbx_unobs_or_zero_occ_residues.label_asym_id 
_pdbx_unobs_or_zero_occ_residues.label_comp_id 
_pdbx_unobs_or_zero_occ_residues.label_seq_id 
1 1 Y 1 A GLY 448 ? A GLY 4 
2 1 Y 1 A SER 449 ? A SER 5 
3 1 Y 1 A GLY 450 ? A GLY 6 
# 
loop_
_chem_comp_atom.comp_id 
_chem_comp_atom.atom_id 
_chem_comp_atom.type_symbol 
_chem_comp_atom.pdbx_aromatic_flag 
_chem_comp_atom.pdbx_stereo_config 
_chem_comp_atom.pdbx_ordinal 
ALA N    N  N N 1   
ALA CA   C  N S 2   
ALA C    C  N N 3   
ALA O    O  N N 4   
ALA CB   C  N N 5   
ALA OXT  O  N N 6   
ALA H    H  N N 7   
ALA H2   H  N N 8   
ALA HA   H  N N 9   
ALA HB1  H  N N 10  
ALA HB2  H  N N 11  
ALA HB3  H  N N 12  
ALA HXT  H  N N 13  
ARG N    N  N N 14  
ARG CA   C  N S 15  
ARG C    C  N N 16  
ARG O    O  N N 17  
ARG CB   C  N N 18  
ARG CG   C  N N 19  
ARG CD   C  N N 20  
ARG NE   N  N N 21  
ARG CZ   C  N N 22  
ARG NH1  N  N N 23  
ARG NH2  N  N N 24  
ARG OXT  O  N N 25  
ARG H    H  N N 26  
ARG H2   H  N N 27  
ARG HA   H  N N 28  
ARG HB2  H  N N 29  
ARG HB3  H  N N 30  
ARG HG2  H  N N 31  
ARG HG3  H  N N 32  
ARG HD2  H  N N 33  
ARG HD3  H  N N 34  
ARG HE   H  N N 35  
ARG HH11 H  N N 36  
ARG HH12 H  N N 37  
ARG HH21 H  N N 38  
ARG HH22 H  N N 39  
ARG HXT  H  N N 40  
ASN N    N  N N 41  
ASN CA   C  N S 42  
ASN C    C  N N 43  
ASN O    O  N N 44  
ASN CB   C  N N 45  
ASN CG   C  N N 46  
ASN OD1  O  N N 47  
ASN ND2  N  N N 48  
ASN OXT  O  N N 49  
ASN H    H  N N 50  
ASN H2   H  N N 51  
ASN HA   H  N N 52  
ASN HB2  H  N N 53  
ASN HB3  H  N N 54  
ASN HD21 H  N N 55  
ASN HD22 H  N N 56  
ASN HXT  H  N N 57  
ASP N    N  N N 58  
ASP CA   C  N S 59  
ASP C    C  N N 60  
ASP O    O  N N 61  
ASP CB   C  N N 62  
ASP CG   C  N N 63  
ASP OD1  O  N N 64  
ASP OD2  O  N N 65  
ASP OXT  O  N N 66  
ASP H    H  N N 67  
ASP H2   H  N N 68  
ASP HA   H  N N 69  
ASP HB2  H  N N 70  
ASP HB3  H  N N 71  
ASP HD2  H  N N 72  
ASP HXT  H  N N 73  
GLN N    N  N N 74  
GLN CA   C  N S 75  
GLN C    C  N N 76  
GLN O    O  N N 77  
GLN CB   C  N N 78  
GLN CG   C  N N 79  
GLN CD   C  N N 80  
GLN OE1  O  N N 81  
GLN NE2  N  N N 82  
GLN OXT  O  N N 83  
GLN H    H  N N 84  
GLN H2   H  N N 85  
GLN HA   H  N N 86  
GLN HB2  H  N N 87  
GLN HB3  H  N N 88  
GLN HG2  H  N N 89  
GLN HG3  H  N N 90  
GLN HE21 H  N N 91  
GLN HE22 H  N N 92  
GLN HXT  H  N N 93  
GLU N    N  N N 94  
GLU CA   C  N S 95  
GLU C    C  N N 96  
GLU O    O  N N 97  
GLU CB   C  N N 98  
GLU CG   C  N N 99  
GLU CD   C  N N 100 
GLU OE1  O  N N 101 
GLU OE2  O  N N 102 
GLU OXT  O  N N 103 
GLU H    H  N N 104 
GLU H2   H  N N 105 
GLU HA   H  N N 106 
GLU HB2  H  N N 107 
GLU HB3  H  N N 108 
GLU HG2  H  N N 109 
GLU HG3  H  N N 110 
GLU HE2  H  N N 111 
GLU HXT  H  N N 112 
GLY N    N  N N 113 
GLY CA   C  N N 114 
GLY C    C  N N 115 
GLY O    O  N N 116 
GLY OXT  O  N N 117 
GLY H    H  N N 118 
GLY H2   H  N N 119 
GLY HA2  H  N N 120 
GLY HA3  H  N N 121 
GLY HXT  H  N N 122 
HIS N    N  N N 123 
HIS CA   C  N S 124 
HIS C    C  N N 125 
HIS O    O  N N 126 
HIS CB   C  N N 127 
HIS CG   C  Y N 128 
HIS ND1  N  Y N 129 
HIS CD2  C  Y N 130 
HIS CE1  C  Y N 131 
HIS NE2  N  Y N 132 
HIS OXT  O  N N 133 
HIS H    H  N N 134 
HIS H2   H  N N 135 
HIS HA   H  N N 136 
HIS HB2  H  N N 137 
HIS HB3  H  N N 138 
HIS HD1  H  N N 139 
HIS HD2  H  N N 140 
HIS HE1  H  N N 141 
HIS HE2  H  N N 142 
HIS HXT  H  N N 143 
HOH O    O  N N 144 
HOH H1   H  N N 145 
HOH H2   H  N N 146 
ILE N    N  N N 147 
ILE CA   C  N S 148 
ILE C    C  N N 149 
ILE O    O  N N 150 
ILE CB   C  N S 151 
ILE CG1  C  N N 152 
ILE CG2  C  N N 153 
ILE CD1  C  N N 154 
ILE OXT  O  N N 155 
ILE H    H  N N 156 
ILE H2   H  N N 157 
ILE HA   H  N N 158 
ILE HB   H  N N 159 
ILE HG12 H  N N 160 
ILE HG13 H  N N 161 
ILE HG21 H  N N 162 
ILE HG22 H  N N 163 
ILE HG23 H  N N 164 
ILE HD11 H  N N 165 
ILE HD12 H  N N 166 
ILE HD13 H  N N 167 
ILE HXT  H  N N 168 
LEU N    N  N N 169 
LEU CA   C  N S 170 
LEU C    C  N N 171 
LEU O    O  N N 172 
LEU CB   C  N N 173 
LEU CG   C  N N 174 
LEU CD1  C  N N 175 
LEU CD2  C  N N 176 
LEU OXT  O  N N 177 
LEU H    H  N N 178 
LEU H2   H  N N 179 
LEU HA   H  N N 180 
LEU HB2  H  N N 181 
LEU HB3  H  N N 182 
LEU HG   H  N N 183 
LEU HD11 H  N N 184 
LEU HD12 H  N N 185 
LEU HD13 H  N N 186 
LEU HD21 H  N N 187 
LEU HD22 H  N N 188 
LEU HD23 H  N N 189 
LEU HXT  H  N N 190 
LYS N    N  N N 191 
LYS CA   C  N S 192 
LYS C    C  N N 193 
LYS O    O  N N 194 
LYS CB   C  N N 195 
LYS CG   C  N N 196 
LYS CD   C  N N 197 
LYS CE   C  N N 198 
LYS NZ   N  N N 199 
LYS OXT  O  N N 200 
LYS H    H  N N 201 
LYS H2   H  N N 202 
LYS HA   H  N N 203 
LYS HB2  H  N N 204 
LYS HB3  H  N N 205 
LYS HG2  H  N N 206 
LYS HG3  H  N N 207 
LYS HD2  H  N N 208 
LYS HD3  H  N N 209 
LYS HE2  H  N N 210 
LYS HE3  H  N N 211 
LYS HZ1  H  N N 212 
LYS HZ2  H  N N 213 
LYS HZ3  H  N N 214 
LYS HXT  H  N N 215 
MET N    N  N N 216 
MET CA   C  N S 217 
MET C    C  N N 218 
MET O    O  N N 219 
MET CB   C  N N 220 
MET CG   C  N N 221 
MET SD   S  N N 222 
MET CE   C  N N 223 
MET OXT  O  N N 224 
MET H    H  N N 225 
MET H2   H  N N 226 
MET HA   H  N N 227 
MET HB2  H  N N 228 
MET HB3  H  N N 229 
MET HG2  H  N N 230 
MET HG3  H  N N 231 
MET HE1  H  N N 232 
MET HE2  H  N N 233 
MET HE3  H  N N 234 
MET HXT  H  N N 235 
PHE N    N  N N 236 
PHE CA   C  N S 237 
PHE C    C  N N 238 
PHE O    O  N N 239 
PHE CB   C  N N 240 
PHE CG   C  Y N 241 
PHE CD1  C  Y N 242 
PHE CD2  C  Y N 243 
PHE CE1  C  Y N 244 
PHE CE2  C  Y N 245 
PHE CZ   C  Y N 246 
PHE OXT  O  N N 247 
PHE H    H  N N 248 
PHE H2   H  N N 249 
PHE HA   H  N N 250 
PHE HB2  H  N N 251 
PHE HB3  H  N N 252 
PHE HD1  H  N N 253 
PHE HD2  H  N N 254 
PHE HE1  H  N N 255 
PHE HE2  H  N N 256 
PHE HZ   H  N N 257 
PHE HXT  H  N N 258 
PRO N    N  N N 259 
PRO CA   C  N S 260 
PRO C    C  N N 261 
PRO O    O  N N 262 
PRO CB   C  N N 263 
PRO CG   C  N N 264 
PRO CD   C  N N 265 
PRO OXT  O  N N 266 
PRO H    H  N N 267 
PRO HA   H  N N 268 
PRO HB2  H  N N 269 
PRO HB3  H  N N 270 
PRO HG2  H  N N 271 
PRO HG3  H  N N 272 
PRO HD2  H  N N 273 
PRO HD3  H  N N 274 
PRO HXT  H  N N 275 
SER N    N  N N 276 
SER CA   C  N S 277 
SER C    C  N N 278 
SER O    O  N N 279 
SER CB   C  N N 280 
SER OG   O  N N 281 
SER OXT  O  N N 282 
SER H    H  N N 283 
SER H2   H  N N 284 
SER HA   H  N N 285 
SER HB2  H  N N 286 
SER HB3  H  N N 287 
SER HG   H  N N 288 
SER HXT  H  N N 289 
SO4 S    S  N N 290 
SO4 O1   O  N N 291 
SO4 O2   O  N N 292 
SO4 O3   O  N N 293 
SO4 O4   O  N N 294 
THR N    N  N N 295 
THR CA   C  N S 296 
THR C    C  N N 297 
THR O    O  N N 298 
THR CB   C  N R 299 
THR OG1  O  N N 300 
THR CG2  C  N N 301 
THR OXT  O  N N 302 
THR H    H  N N 303 
THR H2   H  N N 304 
THR HA   H  N N 305 
THR HB   H  N N 306 
THR HG1  H  N N 307 
THR HG21 H  N N 308 
THR HG22 H  N N 309 
THR HG23 H  N N 310 
THR HXT  H  N N 311 
TYR N    N  N N 312 
TYR CA   C  N S 313 
TYR C    C  N N 314 
TYR O    O  N N 315 
TYR CB   C  N N 316 
TYR CG   C  Y N 317 
TYR CD1  C  Y N 318 
TYR CD2  C  Y N 319 
TYR CE1  C  Y N 320 
TYR CE2  C  Y N 321 
TYR CZ   C  Y N 322 
TYR OH   O  N N 323 
TYR OXT  O  N N 324 
TYR H    H  N N 325 
TYR H2   H  N N 326 
TYR HA   H  N N 327 
TYR HB2  H  N N 328 
TYR HB3  H  N N 329 
TYR HD1  H  N N 330 
TYR HD2  H  N N 331 
TYR HE1  H  N N 332 
TYR HE2  H  N N 333 
TYR HH   H  N N 334 
TYR HXT  H  N N 335 
VAL N    N  N N 336 
VAL CA   C  N S 337 
VAL C    C  N N 338 
VAL O    O  N N 339 
VAL CB   C  N N 340 
VAL CG1  C  N N 341 
VAL CG2  C  N N 342 
VAL OXT  O  N N 343 
VAL H    H  N N 344 
VAL H2   H  N N 345 
VAL HA   H  N N 346 
VAL HB   H  N N 347 
VAL HG11 H  N N 348 
VAL HG12 H  N N 349 
VAL HG13 H  N N 350 
VAL HG21 H  N N 351 
VAL HG22 H  N N 352 
VAL HG23 H  N N 353 
VAL HXT  H  N N 354 
ZN  ZN   ZN N N 355 
# 
loop_
_chem_comp_bond.comp_id 
_chem_comp_bond.atom_id_1 
_chem_comp_bond.atom_id_2 
_chem_comp_bond.value_order 
_chem_comp_bond.pdbx_aromatic_flag 
_chem_comp_bond.pdbx_stereo_config 
_chem_comp_bond.pdbx_ordinal 
ALA N   CA   sing N N 1   
ALA N   H    sing N N 2   
ALA N   H2   sing N N 3   
ALA CA  C    sing N N 4   
ALA CA  CB   sing N N 5   
ALA CA  HA   sing N N 6   
ALA C   O    doub N N 7   
ALA C   OXT  sing N N 8   
ALA CB  HB1  sing N N 9   
ALA CB  HB2  sing N N 10  
ALA CB  HB3  sing N N 11  
ALA OXT HXT  sing N N 12  
ARG N   CA   sing N N 13  
ARG N   H    sing N N 14  
ARG N   H2   sing N N 15  
ARG CA  C    sing N N 16  
ARG CA  CB   sing N N 17  
ARG CA  HA   sing N N 18  
ARG C   O    doub N N 19  
ARG C   OXT  sing N N 20  
ARG CB  CG   sing N N 21  
ARG CB  HB2  sing N N 22  
ARG CB  HB3  sing N N 23  
ARG CG  CD   sing N N 24  
ARG CG  HG2  sing N N 25  
ARG CG  HG3  sing N N 26  
ARG CD  NE   sing N N 27  
ARG CD  HD2  sing N N 28  
ARG CD  HD3  sing N N 29  
ARG NE  CZ   sing N N 30  
ARG NE  HE   sing N N 31  
ARG CZ  NH1  sing N N 32  
ARG CZ  NH2  doub N N 33  
ARG NH1 HH11 sing N N 34  
ARG NH1 HH12 sing N N 35  
ARG NH2 HH21 sing N N 36  
ARG NH2 HH22 sing N N 37  
ARG OXT HXT  sing N N 38  
ASN N   CA   sing N N 39  
ASN N   H    sing N N 40  
ASN N   H2   sing N N 41  
ASN CA  C    sing N N 42  
ASN CA  CB   sing N N 43  
ASN CA  HA   sing N N 44  
ASN C   O    doub N N 45  
ASN C   OXT  sing N N 46  
ASN CB  CG   sing N N 47  
ASN CB  HB2  sing N N 48  
ASN CB  HB3  sing N N 49  
ASN CG  OD1  doub N N 50  
ASN CG  ND2  sing N N 51  
ASN ND2 HD21 sing N N 52  
ASN ND2 HD22 sing N N 53  
ASN OXT HXT  sing N N 54  
ASP N   CA   sing N N 55  
ASP N   H    sing N N 56  
ASP N   H2   sing N N 57  
ASP CA  C    sing N N 58  
ASP CA  CB   sing N N 59  
ASP CA  HA   sing N N 60  
ASP C   O    doub N N 61  
ASP C   OXT  sing N N 62  
ASP CB  CG   sing N N 63  
ASP CB  HB2  sing N N 64  
ASP CB  HB3  sing N N 65  
ASP CG  OD1  doub N N 66  
ASP CG  OD2  sing N N 67  
ASP OD2 HD2  sing N N 68  
ASP OXT HXT  sing N N 69  
GLN N   CA   sing N N 70  
GLN N   H    sing N N 71  
GLN N   H2   sing N N 72  
GLN CA  C    sing N N 73  
GLN CA  CB   sing N N 74  
GLN CA  HA   sing N N 75  
GLN C   O    doub N N 76  
GLN C   OXT  sing N N 77  
GLN CB  CG   sing N N 78  
GLN CB  HB2  sing N N 79  
GLN CB  HB3  sing N N 80  
GLN CG  CD   sing N N 81  
GLN CG  HG2  sing N N 82  
GLN CG  HG3  sing N N 83  
GLN CD  OE1  doub N N 84  
GLN CD  NE2  sing N N 85  
GLN NE2 HE21 sing N N 86  
GLN NE2 HE22 sing N N 87  
GLN OXT HXT  sing N N 88  
GLU N   CA   sing N N 89  
GLU N   H    sing N N 90  
GLU N   H2   sing N N 91  
GLU CA  C    sing N N 92  
GLU CA  CB   sing N N 93  
GLU CA  HA   sing N N 94  
GLU C   O    doub N N 95  
GLU C   OXT  sing N N 96  
GLU CB  CG   sing N N 97  
GLU CB  HB2  sing N N 98  
GLU CB  HB3  sing N N 99  
GLU CG  CD   sing N N 100 
GLU CG  HG2  sing N N 101 
GLU CG  HG3  sing N N 102 
GLU CD  OE1  doub N N 103 
GLU CD  OE2  sing N N 104 
GLU OE2 HE2  sing N N 105 
GLU OXT HXT  sing N N 106 
GLY N   CA   sing N N 107 
GLY N   H    sing N N 108 
GLY N   H2   sing N N 109 
GLY CA  C    sing N N 110 
GLY CA  HA2  sing N N 111 
GLY CA  HA3  sing N N 112 
GLY C   O    doub N N 113 
GLY C   OXT  sing N N 114 
GLY OXT HXT  sing N N 115 
HIS N   CA   sing N N 116 
HIS N   H    sing N N 117 
HIS N   H2   sing N N 118 
HIS CA  C    sing N N 119 
HIS CA  CB   sing N N 120 
HIS CA  HA   sing N N 121 
HIS C   O    doub N N 122 
HIS C   OXT  sing N N 123 
HIS CB  CG   sing N N 124 
HIS CB  HB2  sing N N 125 
HIS CB  HB3  sing N N 126 
HIS CG  ND1  sing Y N 127 
HIS CG  CD2  doub Y N 128 
HIS ND1 CE1  doub Y N 129 
HIS ND1 HD1  sing N N 130 
HIS CD2 NE2  sing Y N 131 
HIS CD2 HD2  sing N N 132 
HIS CE1 NE2  sing Y N 133 
HIS CE1 HE1  sing N N 134 
HIS NE2 HE2  sing N N 135 
HIS OXT HXT  sing N N 136 
HOH O   H1   sing N N 137 
HOH O   H2   sing N N 138 
ILE N   CA   sing N N 139 
ILE N   H    sing N N 140 
ILE N   H2   sing N N 141 
ILE CA  C    sing N N 142 
ILE CA  CB   sing N N 143 
ILE CA  HA   sing N N 144 
ILE C   O    doub N N 145 
ILE C   OXT  sing N N 146 
ILE CB  CG1  sing N N 147 
ILE CB  CG2  sing N N 148 
ILE CB  HB   sing N N 149 
ILE CG1 CD1  sing N N 150 
ILE CG1 HG12 sing N N 151 
ILE CG1 HG13 sing N N 152 
ILE CG2 HG21 sing N N 153 
ILE CG2 HG22 sing N N 154 
ILE CG2 HG23 sing N N 155 
ILE CD1 HD11 sing N N 156 
ILE CD1 HD12 sing N N 157 
ILE CD1 HD13 sing N N 158 
ILE OXT HXT  sing N N 159 
LEU N   CA   sing N N 160 
LEU N   H    sing N N 161 
LEU N   H2   sing N N 162 
LEU CA  C    sing N N 163 
LEU CA  CB   sing N N 164 
LEU CA  HA   sing N N 165 
LEU C   O    doub N N 166 
LEU C   OXT  sing N N 167 
LEU CB  CG   sing N N 168 
LEU CB  HB2  sing N N 169 
LEU CB  HB3  sing N N 170 
LEU CG  CD1  sing N N 171 
LEU CG  CD2  sing N N 172 
LEU CG  HG   sing N N 173 
LEU CD1 HD11 sing N N 174 
LEU CD1 HD12 sing N N 175 
LEU CD1 HD13 sing N N 176 
LEU CD2 HD21 sing N N 177 
LEU CD2 HD22 sing N N 178 
LEU CD2 HD23 sing N N 179 
LEU OXT HXT  sing N N 180 
LYS N   CA   sing N N 181 
LYS N   H    sing N N 182 
LYS N   H2   sing N N 183 
LYS CA  C    sing N N 184 
LYS CA  CB   sing N N 185 
LYS CA  HA   sing N N 186 
LYS C   O    doub N N 187 
LYS C   OXT  sing N N 188 
LYS CB  CG   sing N N 189 
LYS CB  HB2  sing N N 190 
LYS CB  HB3  sing N N 191 
LYS CG  CD   sing N N 192 
LYS CG  HG2  sing N N 193 
LYS CG  HG3  sing N N 194 
LYS CD  CE   sing N N 195 
LYS CD  HD2  sing N N 196 
LYS CD  HD3  sing N N 197 
LYS CE  NZ   sing N N 198 
LYS CE  HE2  sing N N 199 
LYS CE  HE3  sing N N 200 
LYS NZ  HZ1  sing N N 201 
LYS NZ  HZ2  sing N N 202 
LYS NZ  HZ3  sing N N 203 
LYS OXT HXT  sing N N 204 
MET N   CA   sing N N 205 
MET N   H    sing N N 206 
MET N   H2   sing N N 207 
MET CA  C    sing N N 208 
MET CA  CB   sing N N 209 
MET CA  HA   sing N N 210 
MET C   O    doub N N 211 
MET C   OXT  sing N N 212 
MET CB  CG   sing N N 213 
MET CB  HB2  sing N N 214 
MET CB  HB3  sing N N 215 
MET CG  SD   sing N N 216 
MET CG  HG2  sing N N 217 
MET CG  HG3  sing N N 218 
MET SD  CE   sing N N 219 
MET CE  HE1  sing N N 220 
MET CE  HE2  sing N N 221 
MET CE  HE3  sing N N 222 
MET OXT HXT  sing N N 223 
PHE N   CA   sing N N 224 
PHE N   H    sing N N 225 
PHE N   H2   sing N N 226 
PHE CA  C    sing N N 227 
PHE CA  CB   sing N N 228 
PHE CA  HA   sing N N 229 
PHE C   O    doub N N 230 
PHE C   OXT  sing N N 231 
PHE CB  CG   sing N N 232 
PHE CB  HB2  sing N N 233 
PHE CB  HB3  sing N N 234 
PHE CG  CD1  doub Y N 235 
PHE CG  CD2  sing Y N 236 
PHE CD1 CE1  sing Y N 237 
PHE CD1 HD1  sing N N 238 
PHE CD2 CE2  doub Y N 239 
PHE CD2 HD2  sing N N 240 
PHE CE1 CZ   doub Y N 241 
PHE CE1 HE1  sing N N 242 
PHE CE2 CZ   sing Y N 243 
PHE CE2 HE2  sing N N 244 
PHE CZ  HZ   sing N N 245 
PHE OXT HXT  sing N N 246 
PRO N   CA   sing N N 247 
PRO N   CD   sing N N 248 
PRO N   H    sing N N 249 
PRO CA  C    sing N N 250 
PRO CA  CB   sing N N 251 
PRO CA  HA   sing N N 252 
PRO C   O    doub N N 253 
PRO C   OXT  sing N N 254 
PRO CB  CG   sing N N 255 
PRO CB  HB2  sing N N 256 
PRO CB  HB3  sing N N 257 
PRO CG  CD   sing N N 258 
PRO CG  HG2  sing N N 259 
PRO CG  HG3  sing N N 260 
PRO CD  HD2  sing N N 261 
PRO CD  HD3  sing N N 262 
PRO OXT HXT  sing N N 263 
SER N   CA   sing N N 264 
SER N   H    sing N N 265 
SER N   H2   sing N N 266 
SER CA  C    sing N N 267 
SER CA  CB   sing N N 268 
SER CA  HA   sing N N 269 
SER C   O    doub N N 270 
SER C   OXT  sing N N 271 
SER CB  OG   sing N N 272 
SER CB  HB2  sing N N 273 
SER CB  HB3  sing N N 274 
SER OG  HG   sing N N 275 
SER OXT HXT  sing N N 276 
SO4 S   O1   doub N N 277 
SO4 S   O2   doub N N 278 
SO4 S   O3   sing N N 279 
SO4 S   O4   sing N N 280 
THR N   CA   sing N N 281 
THR N   H    sing N N 282 
THR N   H2   sing N N 283 
THR CA  C    sing N N 284 
THR CA  CB   sing N N 285 
THR CA  HA   sing N N 286 
THR C   O    doub N N 287 
THR C   OXT  sing N N 288 
THR CB  OG1  sing N N 289 
THR CB  CG2  sing N N 290 
THR CB  HB   sing N N 291 
THR OG1 HG1  sing N N 292 
THR CG2 HG21 sing N N 293 
THR CG2 HG22 sing N N 294 
THR CG2 HG23 sing N N 295 
THR OXT HXT  sing N N 296 
TYR N   CA   sing N N 297 
TYR N   H    sing N N 298 
TYR N   H2   sing N N 299 
TYR CA  C    sing N N 300 
TYR CA  CB   sing N N 301 
TYR CA  HA   sing N N 302 
TYR C   O    doub N N 303 
TYR C   OXT  sing N N 304 
TYR CB  CG   sing N N 305 
TYR CB  HB2  sing N N 306 
TYR CB  HB3  sing N N 307 
TYR CG  CD1  doub Y N 308 
TYR CG  CD2  sing Y N 309 
TYR CD1 CE1  sing Y N 310 
TYR CD1 HD1  sing N N 311 
TYR CD2 CE2  doub Y N 312 
TYR CD2 HD2  sing N N 313 
TYR CE1 CZ   doub Y N 314 
TYR CE1 HE1  sing N N 315 
TYR CE2 CZ   sing Y N 316 
TYR CE2 HE2  sing N N 317 
TYR CZ  OH   sing N N 318 
TYR OH  HH   sing N N 319 
TYR OXT HXT  sing N N 320 
VAL N   CA   sing N N 321 
VAL N   H    sing N N 322 
VAL N   H2   sing N N 323 
VAL CA  C    sing N N 324 
VAL CA  CB   sing N N 325 
VAL CA  HA   sing N N 326 
VAL C   O    doub N N 327 
VAL C   OXT  sing N N 328 
VAL CB  CG1  sing N N 329 
VAL CB  CG2  sing N N 330 
VAL CB  HB   sing N N 331 
VAL CG1 HG11 sing N N 332 
VAL CG1 HG12 sing N N 333 
VAL CG1 HG13 sing N N 334 
VAL CG2 HG21 sing N N 335 
VAL CG2 HG22 sing N N 336 
VAL CG2 HG23 sing N N 337 
VAL OXT HXT  sing N N 338 
# 
loop_
_pdbx_entity_nonpoly.entity_id 
_pdbx_entity_nonpoly.name 
_pdbx_entity_nonpoly.comp_id 
3 'SULFATE ION' SO4 
4 'ZINC ION'    ZN  
5 water         HOH 
# 
_pdbx_initial_refinement_model.id               1 
_pdbx_initial_refinement_model.entity_id_list   ? 
_pdbx_initial_refinement_model.type             'experimental model' 
_pdbx_initial_refinement_model.source_name      PDB 
_pdbx_initial_refinement_model.accession_code   1I27 
_pdbx_initial_refinement_model.details          'PDB ENTRY 1I27' 
# 
